data_2CWR
# 
_entry.id   2CWR 
# 
_audit_conform.dict_name       mmcif_pdbx.dic 
_audit_conform.dict_version    5.388 
_audit_conform.dict_location   http://mmcif.pdb.org/dictionaries/ascii/mmcif_pdbx.dic 
# 
loop_
_database_2.database_id 
_database_2.database_code 
_database_2.pdbx_database_accession 
_database_2.pdbx_DOI 
PDB   2CWR         pdb_00002cwr 10.2210/pdb2cwr/pdb 
RCSB  RCSB024712   ?            ?                   
WWPDB D_1000024712 ?            ?                   
# 
loop_
_pdbx_audit_revision_history.ordinal 
_pdbx_audit_revision_history.data_content_type 
_pdbx_audit_revision_history.major_revision 
_pdbx_audit_revision_history.minor_revision 
_pdbx_audit_revision_history.revision_date 
1 'Structure model' 1 0 2006-07-11 
2 'Structure model' 1 1 2008-04-30 
3 'Structure model' 1 2 2011-07-13 
4 'Structure model' 1 3 2024-03-13 
# 
_pdbx_audit_revision_details.ordinal             1 
_pdbx_audit_revision_details.revision_ordinal    1 
_pdbx_audit_revision_details.data_content_type   'Structure model' 
_pdbx_audit_revision_details.provider            repository 
_pdbx_audit_revision_details.type                'Initial release' 
_pdbx_audit_revision_details.description         ? 
_pdbx_audit_revision_details.details             ? 
# 
loop_
_pdbx_audit_revision_group.ordinal 
_pdbx_audit_revision_group.revision_ordinal 
_pdbx_audit_revision_group.data_content_type 
_pdbx_audit_revision_group.group 
1 2 'Structure model' 'Version format compliance' 
2 3 'Structure model' 'Version format compliance' 
3 4 'Structure model' 'Data collection'           
4 4 'Structure model' 'Database references'       
# 
loop_
_pdbx_audit_revision_category.ordinal 
_pdbx_audit_revision_category.revision_ordinal 
_pdbx_audit_revision_category.data_content_type 
_pdbx_audit_revision_category.category 
1 4 'Structure model' chem_comp_atom     
2 4 'Structure model' chem_comp_bond     
3 4 'Structure model' database_2         
4 4 'Structure model' struct_ref_seq_dif 
# 
loop_
_pdbx_audit_revision_item.ordinal 
_pdbx_audit_revision_item.revision_ordinal 
_pdbx_audit_revision_item.data_content_type 
_pdbx_audit_revision_item.item 
1 4 'Structure model' '_database_2.pdbx_DOI'                
2 4 'Structure model' '_database_2.pdbx_database_accession' 
3 4 'Structure model' '_struct_ref_seq_dif.details'         
# 
_pdbx_database_status.status_code                     REL 
_pdbx_database_status.entry_id                        2CWR 
_pdbx_database_status.recvd_initial_deposition_date   2005-06-24 
_pdbx_database_status.deposit_site                    PDBJ 
_pdbx_database_status.process_site                    PDBJ 
_pdbx_database_status.status_code_sf                  REL 
_pdbx_database_status.status_code_mr                  ? 
_pdbx_database_status.SG_entry                        ? 
_pdbx_database_status.pdb_format_compatible           Y 
_pdbx_database_status.status_code_cs                  ? 
_pdbx_database_status.status_code_nmr_data            ? 
_pdbx_database_status.methods_development_category    ? 
# 
loop_
_audit_author.name 
_audit_author.pdbx_ordinal 
'Uegaki, K.'    1 
'Nakamura, T.'  2 
'Ishikawa, K.'  3 
'Matsumura, H.' 4 
# 
_citation.id                        primary 
_citation.title                     
;Tertiary structure and carbohydrate recognition by the chitin-binding domain of a hyperthermophilic chitinase from Pyrococcus furiosus.
;
_citation.journal_abbrev            J.Mol.Biol. 
_citation.journal_volume            381 
_citation.page_first                670 
_citation.page_last                 680 
_citation.year                      2008 
_citation.journal_id_ASTM           JMOBAK 
_citation.country                   UK 
_citation.journal_id_ISSN           0022-2836 
_citation.journal_id_CSD            0070 
_citation.book_publisher            ? 
_citation.pdbx_database_id_PubMed   18582475 
_citation.pdbx_database_id_DOI      10.1016/j.jmb.2008.06.006 
# 
loop_
_citation_author.citation_id 
_citation_author.name 
_citation_author.ordinal 
_citation_author.identifier_ORCID 
primary 'Nakamura, T.' 1 ? 
primary 'Mine, S.'     2 ? 
primary 'Hagihara, Y.' 3 ? 
primary 'Ishikawa, K.' 4 ? 
primary 'Ikegami, T.'  5 ? 
primary 'Uegaki, K.'   6 ? 
# 
loop_
_entity.id 
_entity.type 
_entity.src_method 
_entity.pdbx_description 
_entity.formula_weight 
_entity.pdbx_number_of_molecules 
_entity.pdbx_ec 
_entity.pdbx_mutation 
_entity.pdbx_fragment 
_entity.details 
1 polymer man chitinase 10964.104 1   3.2.1.14 ? 'chitin-binding domain' ? 
2 water   nat water     18.015    141 ?        ? ?                       ? 
# 
_entity_poly.entity_id                      1 
_entity_poly.type                           'polypeptide(L)' 
_entity_poly.nstd_linkage                   no 
_entity_poly.nstd_monomer                   no 
_entity_poly.pdbx_seq_one_letter_code       
;GPTTPVPVSGSLEVKVNDWGSGAEYDVTLNLDGQYDWTVKVKLAPGATVGSFWSANKQEGNGYVIFTPVSWNKGPTATFG
FIVNGPQGDKVEEITLEINGQVI
;
_entity_poly.pdbx_seq_one_letter_code_can   
;GPTTPVPVSGSLEVKVNDWGSGAEYDVTLNLDGQYDWTVKVKLAPGATVGSFWSANKQEGNGYVIFTPVSWNKGPTATFG
FIVNGPQGDKVEEITLEINGQVI
;
_entity_poly.pdbx_strand_id                 A 
_entity_poly.pdbx_target_identifier         ? 
# 
_pdbx_entity_nonpoly.entity_id   2 
_pdbx_entity_nonpoly.name        water 
_pdbx_entity_nonpoly.comp_id     HOH 
# 
loop_
_entity_poly_seq.entity_id 
_entity_poly_seq.num 
_entity_poly_seq.mon_id 
_entity_poly_seq.hetero 
1 1   GLY n 
1 2   PRO n 
1 3   THR n 
1 4   THR n 
1 5   PRO n 
1 6   VAL n 
1 7   PRO n 
1 8   VAL n 
1 9   SER n 
1 10  GLY n 
1 11  SER n 
1 12  LEU n 
1 13  GLU n 
1 14  VAL n 
1 15  LYS n 
1 16  VAL n 
1 17  ASN n 
1 18  ASP n 
1 19  TRP n 
1 20  GLY n 
1 21  SER n 
1 22  GLY n 
1 23  ALA n 
1 24  GLU n 
1 25  TYR n 
1 26  ASP n 
1 27  VAL n 
1 28  THR n 
1 29  LEU n 
1 30  ASN n 
1 31  LEU n 
1 32  ASP n 
1 33  GLY n 
1 34  GLN n 
1 35  TYR n 
1 36  ASP n 
1 37  TRP n 
1 38  THR n 
1 39  VAL n 
1 40  LYS n 
1 41  VAL n 
1 42  LYS n 
1 43  LEU n 
1 44  ALA n 
1 45  PRO n 
1 46  GLY n 
1 47  ALA n 
1 48  THR n 
1 49  VAL n 
1 50  GLY n 
1 51  SER n 
1 52  PHE n 
1 53  TRP n 
1 54  SER n 
1 55  ALA n 
1 56  ASN n 
1 57  LYS n 
1 58  GLN n 
1 59  GLU n 
1 60  GLY n 
1 61  ASN n 
1 62  GLY n 
1 63  TYR n 
1 64  VAL n 
1 65  ILE n 
1 66  PHE n 
1 67  THR n 
1 68  PRO n 
1 69  VAL n 
1 70  SER n 
1 71  TRP n 
1 72  ASN n 
1 73  LYS n 
1 74  GLY n 
1 75  PRO n 
1 76  THR n 
1 77  ALA n 
1 78  THR n 
1 79  PHE n 
1 80  GLY n 
1 81  PHE n 
1 82  ILE n 
1 83  VAL n 
1 84  ASN n 
1 85  GLY n 
1 86  PRO n 
1 87  GLN n 
1 88  GLY n 
1 89  ASP n 
1 90  LYS n 
1 91  VAL n 
1 92  GLU n 
1 93  GLU n 
1 94  ILE n 
1 95  THR n 
1 96  LEU n 
1 97  GLU n 
1 98  ILE n 
1 99  ASN n 
1 100 GLY n 
1 101 GLN n 
1 102 VAL n 
1 103 ILE n 
# 
_entity_src_gen.entity_id                          1 
_entity_src_gen.pdbx_src_id                        1 
_entity_src_gen.pdbx_alt_source_flag               sample 
_entity_src_gen.pdbx_seq_type                      ? 
_entity_src_gen.pdbx_beg_seq_num                   ? 
_entity_src_gen.pdbx_end_seq_num                   ? 
_entity_src_gen.gene_src_common_name               ? 
_entity_src_gen.gene_src_genus                     Pyrococcus 
_entity_src_gen.pdbx_gene_src_gene                 PF1233 
_entity_src_gen.gene_src_species                   ? 
_entity_src_gen.gene_src_strain                    ? 
_entity_src_gen.gene_src_tissue                    ? 
_entity_src_gen.gene_src_tissue_fraction           ? 
_entity_src_gen.gene_src_details                   ? 
_entity_src_gen.pdbx_gene_src_fragment             ? 
_entity_src_gen.pdbx_gene_src_scientific_name      'Pyrococcus furiosus' 
_entity_src_gen.pdbx_gene_src_ncbi_taxonomy_id     2261 
_entity_src_gen.pdbx_gene_src_variant              ? 
_entity_src_gen.pdbx_gene_src_cell_line            ? 
_entity_src_gen.pdbx_gene_src_atcc                 ? 
_entity_src_gen.pdbx_gene_src_organ                ? 
_entity_src_gen.pdbx_gene_src_organelle            ? 
_entity_src_gen.pdbx_gene_src_cell                 ? 
_entity_src_gen.pdbx_gene_src_cellular_location    ? 
_entity_src_gen.host_org_common_name               ? 
_entity_src_gen.pdbx_host_org_scientific_name      'Escherichia coli' 
_entity_src_gen.pdbx_host_org_ncbi_taxonomy_id     562 
_entity_src_gen.host_org_genus                     Escherichia 
_entity_src_gen.pdbx_host_org_gene                 ? 
_entity_src_gen.pdbx_host_org_organ                ? 
_entity_src_gen.host_org_species                   ? 
_entity_src_gen.pdbx_host_org_tissue               ? 
_entity_src_gen.pdbx_host_org_tissue_fraction      ? 
_entity_src_gen.pdbx_host_org_strain               ? 
_entity_src_gen.pdbx_host_org_variant              ? 
_entity_src_gen.pdbx_host_org_cell_line            ? 
_entity_src_gen.pdbx_host_org_atcc                 ? 
_entity_src_gen.pdbx_host_org_culture_collection   ? 
_entity_src_gen.pdbx_host_org_cell                 ? 
_entity_src_gen.pdbx_host_org_organelle            ? 
_entity_src_gen.pdbx_host_org_cellular_location    ? 
_entity_src_gen.pdbx_host_org_vector_type          ? 
_entity_src_gen.pdbx_host_org_vector               ? 
_entity_src_gen.host_org_details                   ? 
_entity_src_gen.expression_system_id               ? 
_entity_src_gen.plasmid_name                       ? 
_entity_src_gen.plasmid_details                    ? 
_entity_src_gen.pdbx_description                   ? 
# 
loop_
_chem_comp.id 
_chem_comp.type 
_chem_comp.mon_nstd_flag 
_chem_comp.name 
_chem_comp.pdbx_synonyms 
_chem_comp.formula 
_chem_comp.formula_weight 
ALA 'L-peptide linking' y ALANINE         ? 'C3 H7 N O2'     89.093  
ASN 'L-peptide linking' y ASPARAGINE      ? 'C4 H8 N2 O3'    132.118 
ASP 'L-peptide linking' y 'ASPARTIC ACID' ? 'C4 H7 N O4'     133.103 
GLN 'L-peptide linking' y GLUTAMINE       ? 'C5 H10 N2 O3'   146.144 
GLU 'L-peptide linking' y 'GLUTAMIC ACID' ? 'C5 H9 N O4'     147.129 
GLY 'peptide linking'   y GLYCINE         ? 'C2 H5 N O2'     75.067  
HOH non-polymer         . WATER           ? 'H2 O'           18.015  
ILE 'L-peptide linking' y ISOLEUCINE      ? 'C6 H13 N O2'    131.173 
LEU 'L-peptide linking' y LEUCINE         ? 'C6 H13 N O2'    131.173 
LYS 'L-peptide linking' y LYSINE          ? 'C6 H15 N2 O2 1' 147.195 
PHE 'L-peptide linking' y PHENYLALANINE   ? 'C9 H11 N O2'    165.189 
PRO 'L-peptide linking' y PROLINE         ? 'C5 H9 N O2'     115.130 
SER 'L-peptide linking' y SERINE          ? 'C3 H7 N O3'     105.093 
THR 'L-peptide linking' y THREONINE       ? 'C4 H9 N O3'     119.119 
TRP 'L-peptide linking' y TRYPTOPHAN      ? 'C11 H12 N2 O2'  204.225 
TYR 'L-peptide linking' y TYROSINE        ? 'C9 H11 N O3'    181.189 
VAL 'L-peptide linking' y VALINE          ? 'C5 H11 N O2'    117.146 
# 
loop_
_pdbx_poly_seq_scheme.asym_id 
_pdbx_poly_seq_scheme.entity_id 
_pdbx_poly_seq_scheme.seq_id 
_pdbx_poly_seq_scheme.mon_id 
_pdbx_poly_seq_scheme.ndb_seq_num 
_pdbx_poly_seq_scheme.pdb_seq_num 
_pdbx_poly_seq_scheme.auth_seq_num 
_pdbx_poly_seq_scheme.pdb_mon_id 
_pdbx_poly_seq_scheme.auth_mon_id 
_pdbx_poly_seq_scheme.pdb_strand_id 
_pdbx_poly_seq_scheme.pdb_ins_code 
_pdbx_poly_seq_scheme.hetero 
A 1 1   GLY 1   256 ?   ?   ?   A . n 
A 1 2   PRO 2   257 ?   ?   ?   A . n 
A 1 3   THR 3   258 ?   ?   ?   A . n 
A 1 4   THR 4   259 ?   ?   ?   A . n 
A 1 5   PRO 5   260 ?   ?   ?   A . n 
A 1 6   VAL 6   261 ?   ?   ?   A . n 
A 1 7   PRO 7   262 262 PRO PRO A . n 
A 1 8   VAL 8   263 263 VAL VAL A . n 
A 1 9   SER 9   264 264 SER SER A . n 
A 1 10  GLY 10  265 265 GLY GLY A . n 
A 1 11  SER 11  266 266 SER SER A . n 
A 1 12  LEU 12  267 267 LEU LEU A . n 
A 1 13  GLU 13  268 268 GLU GLU A . n 
A 1 14  VAL 14  269 269 VAL VAL A . n 
A 1 15  LYS 15  270 270 LYS LYS A . n 
A 1 16  VAL 16  271 271 VAL VAL A . n 
A 1 17  ASN 17  272 272 ASN ASN A . n 
A 1 18  ASP 18  273 273 ASP ASP A . n 
A 1 19  TRP 19  274 274 TRP TRP A . n 
A 1 20  GLY 20  275 275 GLY GLY A . n 
A 1 21  SER 21  276 276 SER SER A . n 
A 1 22  GLY 22  277 277 GLY GLY A . n 
A 1 23  ALA 23  278 278 ALA ALA A . n 
A 1 24  GLU 24  279 279 GLU GLU A . n 
A 1 25  TYR 25  280 280 TYR TYR A . n 
A 1 26  ASP 26  281 281 ASP ASP A . n 
A 1 27  VAL 27  282 282 VAL VAL A . n 
A 1 28  THR 28  283 283 THR THR A . n 
A 1 29  LEU 29  284 284 LEU LEU A . n 
A 1 30  ASN 30  285 285 ASN ASN A . n 
A 1 31  LEU 31  286 286 LEU LEU A . n 
A 1 32  ASP 32  287 287 ASP ASP A . n 
A 1 33  GLY 33  288 288 GLY GLY A . n 
A 1 34  GLN 34  289 289 GLN GLN A . n 
A 1 35  TYR 35  290 290 TYR TYR A . n 
A 1 36  ASP 36  291 291 ASP ASP A . n 
A 1 37  TRP 37  292 292 TRP TRP A . n 
A 1 38  THR 38  293 293 THR THR A . n 
A 1 39  VAL 39  294 294 VAL VAL A . n 
A 1 40  LYS 40  295 295 LYS LYS A . n 
A 1 41  VAL 41  296 296 VAL VAL A . n 
A 1 42  LYS 42  297 297 LYS LYS A . n 
A 1 43  LEU 43  298 298 LEU LEU A . n 
A 1 44  ALA 44  299 299 ALA ALA A . n 
A 1 45  PRO 45  300 300 PRO PRO A . n 
A 1 46  GLY 46  301 301 GLY GLY A . n 
A 1 47  ALA 47  302 302 ALA ALA A . n 
A 1 48  THR 48  303 303 THR THR A . n 
A 1 49  VAL 49  304 304 VAL VAL A . n 
A 1 50  GLY 50  305 305 GLY GLY A . n 
A 1 51  SER 51  306 306 SER SER A . n 
A 1 52  PHE 52  307 307 PHE PHE A . n 
A 1 53  TRP 53  308 308 TRP TRP A . n 
A 1 54  SER 54  309 309 SER SER A . n 
A 1 55  ALA 55  310 310 ALA ALA A . n 
A 1 56  ASN 56  311 311 ASN ASN A . n 
A 1 57  LYS 57  312 312 LYS LYS A . n 
A 1 58  GLN 58  313 313 GLN GLN A . n 
A 1 59  GLU 59  314 314 GLU GLU A . n 
A 1 60  GLY 60  315 315 GLY GLY A . n 
A 1 61  ASN 61  316 316 ASN ASN A . n 
A 1 62  GLY 62  317 317 GLY GLY A . n 
A 1 63  TYR 63  318 318 TYR TYR A . n 
A 1 64  VAL 64  319 319 VAL VAL A . n 
A 1 65  ILE 65  320 320 ILE ILE A . n 
A 1 66  PHE 66  321 321 PHE PHE A . n 
A 1 67  THR 67  322 322 THR THR A . n 
A 1 68  PRO 68  323 323 PRO PRO A . n 
A 1 69  VAL 69  324 324 VAL VAL A . n 
A 1 70  SER 70  325 325 SER SER A . n 
A 1 71  TRP 71  326 326 TRP TRP A . n 
A 1 72  ASN 72  327 327 ASN ASN A . n 
A 1 73  LYS 73  328 328 LYS LYS A . n 
A 1 74  GLY 74  329 329 GLY GLY A . n 
A 1 75  PRO 75  330 330 PRO PRO A . n 
A 1 76  THR 76  331 331 THR THR A . n 
A 1 77  ALA 77  332 332 ALA ALA A . n 
A 1 78  THR 78  333 333 THR THR A . n 
A 1 79  PHE 79  334 334 PHE PHE A . n 
A 1 80  GLY 80  335 335 GLY GLY A . n 
A 1 81  PHE 81  336 336 PHE PHE A . n 
A 1 82  ILE 82  337 337 ILE ILE A . n 
A 1 83  VAL 83  338 338 VAL VAL A . n 
A 1 84  ASN 84  339 339 ASN ASN A . n 
A 1 85  GLY 85  340 340 GLY GLY A . n 
A 1 86  PRO 86  341 341 PRO PRO A . n 
A 1 87  GLN 87  342 342 GLN GLN A . n 
A 1 88  GLY 88  343 343 GLY GLY A . n 
A 1 89  ASP 89  344 344 ASP ASP A . n 
A 1 90  LYS 90  345 345 LYS LYS A . n 
A 1 91  VAL 91  346 346 VAL VAL A . n 
A 1 92  GLU 92  347 347 GLU GLU A . n 
A 1 93  GLU 93  348 348 GLU GLU A . n 
A 1 94  ILE 94  349 349 ILE ILE A . n 
A 1 95  THR 95  350 350 THR THR A . n 
A 1 96  LEU 96  351 351 LEU LEU A . n 
A 1 97  GLU 97  352 352 GLU GLU A . n 
A 1 98  ILE 98  353 353 ILE ILE A . n 
A 1 99  ASN 99  354 354 ASN ASN A . n 
A 1 100 GLY 100 355 355 GLY GLY A . n 
A 1 101 GLN 101 356 356 GLN GLN A . n 
A 1 102 VAL 102 357 357 VAL VAL A . n 
A 1 103 ILE 103 358 358 ILE ILE A . n 
# 
loop_
_pdbx_nonpoly_scheme.asym_id 
_pdbx_nonpoly_scheme.entity_id 
_pdbx_nonpoly_scheme.mon_id 
_pdbx_nonpoly_scheme.ndb_seq_num 
_pdbx_nonpoly_scheme.pdb_seq_num 
_pdbx_nonpoly_scheme.auth_seq_num 
_pdbx_nonpoly_scheme.pdb_mon_id 
_pdbx_nonpoly_scheme.auth_mon_id 
_pdbx_nonpoly_scheme.pdb_strand_id 
_pdbx_nonpoly_scheme.pdb_ins_code 
B 2 HOH 1   1   1   HOH WAT A . 
B 2 HOH 2   2   2   HOH WAT A . 
B 2 HOH 3   3   3   HOH WAT A . 
B 2 HOH 4   4   4   HOH WAT A . 
B 2 HOH 5   5   5   HOH WAT A . 
B 2 HOH 6   6   6   HOH WAT A . 
B 2 HOH 7   7   7   HOH WAT A . 
B 2 HOH 8   8   8   HOH WAT A . 
B 2 HOH 9   9   9   HOH WAT A . 
B 2 HOH 10  10  10  HOH WAT A . 
B 2 HOH 11  11  11  HOH WAT A . 
B 2 HOH 12  12  12  HOH WAT A . 
B 2 HOH 13  13  13  HOH WAT A . 
B 2 HOH 14  14  14  HOH WAT A . 
B 2 HOH 15  15  15  HOH WAT A . 
B 2 HOH 16  16  16  HOH WAT A . 
B 2 HOH 17  17  17  HOH WAT A . 
B 2 HOH 18  18  18  HOH WAT A . 
B 2 HOH 19  19  19  HOH WAT A . 
B 2 HOH 20  20  20  HOH WAT A . 
B 2 HOH 21  21  21  HOH WAT A . 
B 2 HOH 22  22  22  HOH WAT A . 
B 2 HOH 23  23  23  HOH WAT A . 
B 2 HOH 24  24  24  HOH WAT A . 
B 2 HOH 25  25  25  HOH WAT A . 
B 2 HOH 26  26  26  HOH WAT A . 
B 2 HOH 27  27  27  HOH WAT A . 
B 2 HOH 28  28  28  HOH WAT A . 
B 2 HOH 29  29  29  HOH WAT A . 
B 2 HOH 30  30  30  HOH WAT A . 
B 2 HOH 31  31  31  HOH WAT A . 
B 2 HOH 32  32  32  HOH WAT A . 
B 2 HOH 33  33  33  HOH WAT A . 
B 2 HOH 34  34  34  HOH WAT A . 
B 2 HOH 35  35  35  HOH WAT A . 
B 2 HOH 36  36  36  HOH WAT A . 
B 2 HOH 37  37  37  HOH WAT A . 
B 2 HOH 38  38  38  HOH WAT A . 
B 2 HOH 39  39  39  HOH WAT A . 
B 2 HOH 40  40  40  HOH WAT A . 
B 2 HOH 41  41  41  HOH WAT A . 
B 2 HOH 42  42  42  HOH WAT A . 
B 2 HOH 43  43  43  HOH WAT A . 
B 2 HOH 44  44  44  HOH WAT A . 
B 2 HOH 45  45  45  HOH WAT A . 
B 2 HOH 46  46  46  HOH WAT A . 
B 2 HOH 47  47  47  HOH WAT A . 
B 2 HOH 48  48  48  HOH WAT A . 
B 2 HOH 49  49  49  HOH WAT A . 
B 2 HOH 50  50  50  HOH WAT A . 
B 2 HOH 51  51  51  HOH WAT A . 
B 2 HOH 52  52  52  HOH WAT A . 
B 2 HOH 53  53  53  HOH WAT A . 
B 2 HOH 54  54  54  HOH WAT A . 
B 2 HOH 55  55  55  HOH WAT A . 
B 2 HOH 56  56  56  HOH WAT A . 
B 2 HOH 57  57  57  HOH WAT A . 
B 2 HOH 58  58  58  HOH WAT A . 
B 2 HOH 59  59  59  HOH WAT A . 
B 2 HOH 60  60  60  HOH WAT A . 
B 2 HOH 61  61  61  HOH WAT A . 
B 2 HOH 62  62  62  HOH WAT A . 
B 2 HOH 63  63  63  HOH WAT A . 
B 2 HOH 64  64  64  HOH WAT A . 
B 2 HOH 65  65  65  HOH WAT A . 
B 2 HOH 66  66  66  HOH WAT A . 
B 2 HOH 67  67  67  HOH WAT A . 
B 2 HOH 68  68  68  HOH WAT A . 
B 2 HOH 69  69  69  HOH WAT A . 
B 2 HOH 70  70  70  HOH WAT A . 
B 2 HOH 71  71  71  HOH WAT A . 
B 2 HOH 72  72  72  HOH WAT A . 
B 2 HOH 73  73  73  HOH WAT A . 
B 2 HOH 74  74  74  HOH WAT A . 
B 2 HOH 75  75  75  HOH WAT A . 
B 2 HOH 76  76  76  HOH WAT A . 
B 2 HOH 77  77  77  HOH WAT A . 
B 2 HOH 78  78  78  HOH WAT A . 
B 2 HOH 79  79  79  HOH WAT A . 
B 2 HOH 80  80  80  HOH WAT A . 
B 2 HOH 81  81  81  HOH WAT A . 
B 2 HOH 82  82  82  HOH WAT A . 
B 2 HOH 83  83  83  HOH WAT A . 
B 2 HOH 84  84  84  HOH WAT A . 
B 2 HOH 85  85  85  HOH WAT A . 
B 2 HOH 86  86  86  HOH WAT A . 
B 2 HOH 87  87  87  HOH WAT A . 
B 2 HOH 88  88  88  HOH WAT A . 
B 2 HOH 89  89  89  HOH WAT A . 
B 2 HOH 90  90  90  HOH WAT A . 
B 2 HOH 91  91  91  HOH WAT A . 
B 2 HOH 92  92  92  HOH WAT A . 
B 2 HOH 93  93  93  HOH WAT A . 
B 2 HOH 94  94  94  HOH WAT A . 
B 2 HOH 95  95  95  HOH WAT A . 
B 2 HOH 96  96  96  HOH WAT A . 
B 2 HOH 97  97  97  HOH WAT A . 
B 2 HOH 98  98  98  HOH WAT A . 
B 2 HOH 99  99  99  HOH WAT A . 
B 2 HOH 100 100 100 HOH WAT A . 
B 2 HOH 101 101 101 HOH WAT A . 
B 2 HOH 102 102 102 HOH WAT A . 
B 2 HOH 103 103 103 HOH WAT A . 
B 2 HOH 104 104 104 HOH WAT A . 
B 2 HOH 105 105 105 HOH WAT A . 
B 2 HOH 106 106 106 HOH WAT A . 
B 2 HOH 107 107 107 HOH WAT A . 
B 2 HOH 108 108 108 HOH WAT A . 
B 2 HOH 109 109 109 HOH WAT A . 
B 2 HOH 110 110 110 HOH WAT A . 
B 2 HOH 111 111 111 HOH WAT A . 
B 2 HOH 112 112 112 HOH WAT A . 
B 2 HOH 113 113 113 HOH WAT A . 
B 2 HOH 114 114 114 HOH WAT A . 
B 2 HOH 115 115 115 HOH WAT A . 
B 2 HOH 116 116 116 HOH WAT A . 
B 2 HOH 117 117 117 HOH WAT A . 
B 2 HOH 118 118 118 HOH WAT A . 
B 2 HOH 119 119 119 HOH WAT A . 
B 2 HOH 120 120 120 HOH WAT A . 
B 2 HOH 121 121 121 HOH WAT A . 
B 2 HOH 122 122 122 HOH WAT A . 
B 2 HOH 123 123 123 HOH WAT A . 
B 2 HOH 124 124 124 HOH WAT A . 
B 2 HOH 125 125 125 HOH WAT A . 
B 2 HOH 126 126 126 HOH WAT A . 
B 2 HOH 127 127 127 HOH WAT A . 
B 2 HOH 128 128 128 HOH WAT A . 
B 2 HOH 129 129 129 HOH WAT A . 
B 2 HOH 130 130 130 HOH WAT A . 
B 2 HOH 131 131 131 HOH WAT A . 
B 2 HOH 132 132 132 HOH WAT A . 
B 2 HOH 133 133 133 HOH WAT A . 
B 2 HOH 134 134 134 HOH WAT A . 
B 2 HOH 135 135 135 HOH WAT A . 
B 2 HOH 136 136 136 HOH WAT A . 
B 2 HOH 137 137 137 HOH WAT A . 
B 2 HOH 138 138 138 HOH WAT A . 
B 2 HOH 139 139 139 HOH WAT A . 
B 2 HOH 140 140 140 HOH WAT A . 
B 2 HOH 141 141 141 HOH WAT A . 
# 
loop_
_software.name 
_software.classification 
_software.version 
_software.citation_id 
_software.pdbx_ordinal 
CNS      refinement       1.0 ? 1 
BBS      'data reduction' .   ? 2 
HKL-2000 'data scaling'   .   ? 3 
MOLREP   phasing          .   ? 4 
# 
_cell.entry_id           2CWR 
_cell.length_a           48.827 
_cell.length_b           48.827 
_cell.length_c           84.993 
_cell.angle_alpha        90.00 
_cell.angle_beta         90.00 
_cell.angle_gamma        90.00 
_cell.Z_PDB              8 
_cell.pdbx_unique_axis   ? 
_cell.length_a_esd       ? 
_cell.length_b_esd       ? 
_cell.length_c_esd       ? 
_cell.angle_alpha_esd    ? 
_cell.angle_beta_esd     ? 
_cell.angle_gamma_esd    ? 
# 
_symmetry.entry_id                         2CWR 
_symmetry.space_group_name_H-M             'P 43 21 2' 
_symmetry.pdbx_full_space_group_name_H-M   ? 
_symmetry.cell_setting                     ? 
_symmetry.Int_Tables_number                96 
_symmetry.space_group_name_Hall            ? 
# 
_exptl.entry_id          2CWR 
_exptl.method            'X-RAY DIFFRACTION' 
_exptl.crystals_number   1 
# 
_exptl_crystal.id                    1 
_exptl_crystal.density_meas          ? 
_exptl_crystal.density_Matthews      2.3 
_exptl_crystal.density_percent_sol   47 
_exptl_crystal.description           ? 
_exptl_crystal.F_000                 ? 
_exptl_crystal.preparation           ? 
# 
_exptl_crystal_grow.crystal_id      1 
_exptl_crystal_grow.method          'VAPOR DIFFUSION, HANGING DROP' 
_exptl_crystal_grow.temp            298 
_exptl_crystal_grow.temp_details    ? 
_exptl_crystal_grow.pH              6.5 
_exptl_crystal_grow.pdbx_details    
'PEG 8000, magnesium acetate, sodium cacodylate, pH 6.5, VAPOR DIFFUSION, HANGING DROP, temperature 298K' 
_exptl_crystal_grow.pdbx_pH_range   . 
# 
_diffrn.id                     1 
_diffrn.ambient_temp           100 
_diffrn.ambient_temp_details   ? 
_diffrn.crystal_id             1 
# 
_diffrn_detector.diffrn_id              1 
_diffrn_detector.detector               CCD 
_diffrn_detector.type                   'RIGAKU JUPITER' 
_diffrn_detector.pdbx_collection_date   2004-10-14 
_diffrn_detector.details                ? 
# 
_diffrn_radiation.diffrn_id                        1 
_diffrn_radiation.wavelength_id                    1 
_diffrn_radiation.pdbx_monochromatic_or_laue_m_l   M 
_diffrn_radiation.monochromator                    ? 
_diffrn_radiation.pdbx_diffrn_protocol             'SINGLE WAVELENGTH' 
_diffrn_radiation.pdbx_scattering_type             x-ray 
# 
_diffrn_radiation_wavelength.id           1 
_diffrn_radiation_wavelength.wavelength   1.0 
_diffrn_radiation_wavelength.wt           1.0 
# 
_diffrn_source.diffrn_id                   1 
_diffrn_source.source                      SYNCHROTRON 
_diffrn_source.type                        'SPRING-8 BEAMLINE BL38B1' 
_diffrn_source.pdbx_synchrotron_site       SPring-8 
_diffrn_source.pdbx_synchrotron_beamline   BL38B1 
_diffrn_source.pdbx_wavelength             ? 
_diffrn_source.pdbx_wavelength_list        1.0 
# 
_reflns.entry_id                     2CWR 
_reflns.observed_criterion_sigma_I   14.2 
_reflns.observed_criterion_sigma_F   ? 
_reflns.d_resolution_low             50 
_reflns.d_resolution_high            1.7 
_reflns.number_obs                   11986 
_reflns.number_all                   ? 
_reflns.percent_possible_obs         96.8 
_reflns.pdbx_Rmerge_I_obs            0.076 
_reflns.pdbx_Rsym_value              ? 
_reflns.pdbx_netI_over_sigmaI        ? 
_reflns.B_iso_Wilson_estimate        14.3 
_reflns.pdbx_redundancy              12.7 
_reflns.R_free_details               ? 
_reflns.limit_h_max                  ? 
_reflns.limit_h_min                  ? 
_reflns.limit_k_max                  ? 
_reflns.limit_k_min                  ? 
_reflns.limit_l_max                  ? 
_reflns.limit_l_min                  ? 
_reflns.observed_criterion_F_max     ? 
_reflns.observed_criterion_F_min     ? 
_reflns.pdbx_chi_squared             ? 
_reflns.pdbx_scaling_rejects         ? 
_reflns.pdbx_diffrn_id               1 
_reflns.pdbx_ordinal                 1 
# 
_reflns_shell.d_res_high             1.7 
_reflns_shell.d_res_low              1.76 
_reflns_shell.percent_possible_all   80.5 
_reflns_shell.Rmerge_I_obs           0.233 
_reflns_shell.pdbx_Rsym_value        ? 
_reflns_shell.meanI_over_sigI_obs    3.0 
_reflns_shell.pdbx_redundancy        ? 
_reflns_shell.percent_possible_obs   ? 
_reflns_shell.number_unique_all      ? 
_reflns_shell.number_measured_all    ? 
_reflns_shell.number_measured_obs    ? 
_reflns_shell.number_unique_obs      ? 
_reflns_shell.pdbx_chi_squared       ? 
_reflns_shell.pdbx_diffrn_id         ? 
_reflns_shell.pdbx_ordinal           1 
# 
_refine.entry_id                                 2CWR 
_refine.ls_number_reflns_obs                     11545 
_refine.ls_number_reflns_all                     ? 
_refine.pdbx_ls_sigma_I                          ? 
_refine.pdbx_ls_sigma_F                          0.0 
_refine.pdbx_data_cutoff_high_absF               1258850.71 
_refine.pdbx_data_cutoff_low_absF                0.000000 
_refine.pdbx_data_cutoff_high_rms_absF           ? 
_refine.ls_d_res_low                             32.06 
_refine.ls_d_res_high                            1.70 
_refine.ls_percent_reflns_obs                    97.0 
_refine.ls_R_factor_obs                          0.194 
_refine.ls_R_factor_all                          ? 
_refine.ls_R_factor_R_work                       0.194 
_refine.ls_R_factor_R_free                       0.226 
_refine.ls_R_factor_R_free_error                 0.007 
_refine.ls_R_factor_R_free_error_details         ? 
_refine.ls_percent_reflns_R_free                 10.3 
_refine.ls_number_reflns_R_free                  1186 
_refine.ls_number_parameters                     ? 
_refine.ls_number_restraints                     ? 
_refine.occupancy_min                            ? 
_refine.occupancy_max                            ? 
_refine.correlation_coeff_Fo_to_Fc               ? 
_refine.correlation_coeff_Fo_to_Fc_free          ? 
_refine.B_iso_mean                               21.5 
_refine.aniso_B[1][1]                            3.57 
_refine.aniso_B[2][2]                            3.57 
_refine.aniso_B[3][3]                            -7.13 
_refine.aniso_B[1][2]                            0.00 
_refine.aniso_B[1][3]                            0.00 
_refine.aniso_B[2][3]                            0.00 
_refine.solvent_model_details                    'FLAT MODEL' 
_refine.solvent_model_param_ksol                 0.400825 
_refine.solvent_model_param_bsol                 39.9514 
_refine.pdbx_solvent_vdw_probe_radii             ? 
_refine.pdbx_solvent_ion_probe_radii             ? 
_refine.pdbx_solvent_shrinkage_radii             ? 
_refine.pdbx_ls_cross_valid_method               THROUGHOUT 
_refine.details                                  ? 
_refine.pdbx_starting_model                      ? 
_refine.pdbx_method_to_determine_struct          'MOLECULAR REPLACEMENT' 
_refine.pdbx_isotropic_thermal_model             RESTRAINED 
_refine.pdbx_stereochemistry_target_values       'Engh & Huber' 
_refine.pdbx_stereochem_target_val_spec_case     ? 
_refine.pdbx_R_Free_selection_details            RANDOM 
_refine.pdbx_overall_ESU_R                       ? 
_refine.pdbx_overall_ESU_R_Free                  ? 
_refine.overall_SU_ML                            ? 
_refine.overall_SU_B                             ? 
_refine.ls_redundancy_reflns_obs                 ? 
_refine.B_iso_min                                ? 
_refine.B_iso_max                                ? 
_refine.overall_SU_R_Cruickshank_DPI             ? 
_refine.overall_SU_R_free                        ? 
_refine.ls_wR_factor_R_free                      ? 
_refine.ls_wR_factor_R_work                      ? 
_refine.overall_FOM_free_R_set                   ? 
_refine.overall_FOM_work_R_set                   ? 
_refine.pdbx_refine_id                           'X-RAY DIFFRACTION' 
_refine.pdbx_overall_phase_error                 ? 
_refine.pdbx_diffrn_id                           1 
_refine.pdbx_TLS_residual_ADP_flag               ? 
_refine.pdbx_overall_SU_R_free_Cruickshank_DPI   ? 
_refine.pdbx_overall_SU_R_Blow_DPI               ? 
_refine.pdbx_overall_SU_R_free_Blow_DPI          ? 
# 
_refine_analyze.entry_id                        2CWR 
_refine_analyze.Luzzati_coordinate_error_obs    0.18 
_refine_analyze.Luzzati_sigma_a_obs             0.11 
_refine_analyze.Luzzati_d_res_low_obs           5.00 
_refine_analyze.Luzzati_coordinate_error_free   0.23 
_refine_analyze.Luzzati_sigma_a_free            0.15 
_refine_analyze.Luzzati_d_res_low_free          ? 
_refine_analyze.number_disordered_residues      ? 
_refine_analyze.occupancy_sum_hydrogen          ? 
_refine_analyze.occupancy_sum_non_hydrogen      ? 
_refine_analyze.pdbx_Luzzati_d_res_high_obs     ? 
_refine_analyze.pdbx_refine_id                  'X-RAY DIFFRACTION' 
# 
_refine_hist.pdbx_refine_id                   'X-RAY DIFFRACTION' 
_refine_hist.cycle_id                         LAST 
_refine_hist.pdbx_number_atoms_protein        738 
_refine_hist.pdbx_number_atoms_nucleic_acid   0 
_refine_hist.pdbx_number_atoms_ligand         0 
_refine_hist.number_atoms_solvent             141 
_refine_hist.number_atoms_total               879 
_refine_hist.d_res_high                       1.70 
_refine_hist.d_res_low                        32.06 
# 
loop_
_refine_ls_restr.type 
_refine_ls_restr.dev_ideal 
_refine_ls_restr.dev_ideal_target 
_refine_ls_restr.weight 
_refine_ls_restr.number 
_refine_ls_restr.pdbx_refine_id 
_refine_ls_restr.pdbx_restraint_function 
c_bond_d           0.005 ?    ? ? 'X-RAY DIFFRACTION' ? 
c_angle_deg        1.3   ?    ? ? 'X-RAY DIFFRACTION' ? 
c_dihedral_angle_d 26.5  ?    ? ? 'X-RAY DIFFRACTION' ? 
c_improper_angle_d 0.56  ?    ? ? 'X-RAY DIFFRACTION' ? 
c_mcbond_it        2.59  1.50 ? ? 'X-RAY DIFFRACTION' ? 
c_mcangle_it       3.68  2.00 ? ? 'X-RAY DIFFRACTION' ? 
c_scbond_it        3.93  2.00 ? ? 'X-RAY DIFFRACTION' ? 
c_scangle_it       5.70  2.50 ? ? 'X-RAY DIFFRACTION' ? 
# 
_refine_ls_shell.pdbx_total_number_of_bins_used   6 
_refine_ls_shell.d_res_high                       1.70 
_refine_ls_shell.d_res_low                        1.81 
_refine_ls_shell.number_reflns_R_work             1483 
_refine_ls_shell.R_factor_R_work                  0.227 
_refine_ls_shell.percent_reflns_obs               85.6 
_refine_ls_shell.R_factor_R_free                  0.267 
_refine_ls_shell.R_factor_R_free_error            0.021 
_refine_ls_shell.percent_reflns_R_free            10.0 
_refine_ls_shell.number_reflns_R_free             165 
_refine_ls_shell.number_reflns_obs                ? 
_refine_ls_shell.redundancy_reflns_obs            ? 
_refine_ls_shell.number_reflns_all                ? 
_refine_ls_shell.R_factor_all                     ? 
_refine_ls_shell.pdbx_refine_id                   'X-RAY DIFFRACTION' 
# 
loop_
_pdbx_xplor_file.serial_no 
_pdbx_xplor_file.param_file 
_pdbx_xplor_file.topol_file 
_pdbx_xplor_file.pdbx_refine_id 
1 protein.param   protein.top 'X-RAY DIFFRACTION' 
2 ion.param       ion.top     'X-RAY DIFFRACTION' 
3 water_rep.param water.top   'X-RAY DIFFRACTION' 
# 
_struct.entry_id                  2CWR 
_struct.title                     'Crystal structure of chitin biding domain of chitinase from Pyrococcus furiosus' 
_struct.pdbx_model_details        ? 
_struct.pdbx_CASP_flag            ? 
_struct.pdbx_model_type_details   ? 
# 
_struct_keywords.entry_id        2CWR 
_struct_keywords.pdbx_keywords   HYDROLASE 
_struct_keywords.text            
'chitinase, chitin-binding domain, Pyrococcus furiosus, endoglucanase, chitin, hyperthermophilic, HYDROLASE' 
# 
loop_
_struct_asym.id 
_struct_asym.pdbx_blank_PDB_chainid_flag 
_struct_asym.pdbx_modified 
_struct_asym.entity_id 
_struct_asym.details 
A N N 1 ? 
B N N 2 ? 
# 
_struct_ref.id                         1 
_struct_ref.db_name                    UNP 
_struct_ref.db_code                    Q8U1H5_PYRFU 
_struct_ref.pdbx_db_accession          Q8U1H5 
_struct_ref.entity_id                  1 
_struct_ref.pdbx_align_begin           258 
_struct_ref.pdbx_seq_one_letter_code   ? 
_struct_ref.pdbx_db_isoform            ? 
# 
_struct_ref_seq.align_id                      1 
_struct_ref_seq.ref_id                        1 
_struct_ref_seq.pdbx_PDB_id_code              2CWR 
_struct_ref_seq.pdbx_strand_id                A 
_struct_ref_seq.seq_align_beg                 3 
_struct_ref_seq.pdbx_seq_align_beg_ins_code   ? 
_struct_ref_seq.seq_align_end                 103 
_struct_ref_seq.pdbx_seq_align_end_ins_code   ? 
_struct_ref_seq.pdbx_db_accession             Q8U1H5 
_struct_ref_seq.db_align_beg                  258 
_struct_ref_seq.pdbx_db_align_beg_ins_code    ? 
_struct_ref_seq.db_align_end                  358 
_struct_ref_seq.pdbx_db_align_end_ins_code    ? 
_struct_ref_seq.pdbx_auth_seq_align_beg       258 
_struct_ref_seq.pdbx_auth_seq_align_end       358 
# 
loop_
_struct_ref_seq_dif.align_id 
_struct_ref_seq_dif.pdbx_pdb_id_code 
_struct_ref_seq_dif.mon_id 
_struct_ref_seq_dif.pdbx_pdb_strand_id 
_struct_ref_seq_dif.seq_num 
_struct_ref_seq_dif.pdbx_pdb_ins_code 
_struct_ref_seq_dif.pdbx_seq_db_name 
_struct_ref_seq_dif.pdbx_seq_db_accession_code 
_struct_ref_seq_dif.db_mon_id 
_struct_ref_seq_dif.pdbx_seq_db_seq_num 
_struct_ref_seq_dif.details 
_struct_ref_seq_dif.pdbx_auth_seq_num 
_struct_ref_seq_dif.pdbx_ordinal 
1 2CWR GLY A 1 ? UNP Q8U1H5 ? ? 'expression tag' 256 1 
1 2CWR PRO A 2 ? UNP Q8U1H5 ? ? 'expression tag' 257 2 
# 
_pdbx_struct_assembly.id                   1 
_pdbx_struct_assembly.details              author_defined_assembly 
_pdbx_struct_assembly.method_details       ? 
_pdbx_struct_assembly.oligomeric_details   monomeric 
_pdbx_struct_assembly.oligomeric_count     1 
# 
_pdbx_struct_assembly_gen.assembly_id       1 
_pdbx_struct_assembly_gen.oper_expression   1 
_pdbx_struct_assembly_gen.asym_id_list      A,B 
# 
_pdbx_struct_oper_list.id                   1 
_pdbx_struct_oper_list.type                 'identity operation' 
_pdbx_struct_oper_list.name                 1_555 
_pdbx_struct_oper_list.symmetry_operation   x,y,z 
_pdbx_struct_oper_list.matrix[1][1]         1.0000000000 
_pdbx_struct_oper_list.matrix[1][2]         0.0000000000 
_pdbx_struct_oper_list.matrix[1][3]         0.0000000000 
_pdbx_struct_oper_list.vector[1]            0.0000000000 
_pdbx_struct_oper_list.matrix[2][1]         0.0000000000 
_pdbx_struct_oper_list.matrix[2][2]         1.0000000000 
_pdbx_struct_oper_list.matrix[2][3]         0.0000000000 
_pdbx_struct_oper_list.vector[2]            0.0000000000 
_pdbx_struct_oper_list.matrix[3][1]         0.0000000000 
_pdbx_struct_oper_list.matrix[3][2]         0.0000000000 
_pdbx_struct_oper_list.matrix[3][3]         1.0000000000 
_pdbx_struct_oper_list.vector[3]            0.0000000000 
# 
_struct_biol.id                    1 
_struct_biol.pdbx_parent_biol_id   ? 
_struct_biol.details               ? 
# 
_struct_mon_prot_cis.pdbx_id                1 
_struct_mon_prot_cis.label_comp_id          GLY 
_struct_mon_prot_cis.label_seq_id           74 
_struct_mon_prot_cis.label_asym_id          A 
_struct_mon_prot_cis.label_alt_id           . 
_struct_mon_prot_cis.pdbx_PDB_ins_code      ? 
_struct_mon_prot_cis.auth_comp_id           GLY 
_struct_mon_prot_cis.auth_seq_id            329 
_struct_mon_prot_cis.auth_asym_id           A 
_struct_mon_prot_cis.pdbx_label_comp_id_2   PRO 
_struct_mon_prot_cis.pdbx_label_seq_id_2    75 
_struct_mon_prot_cis.pdbx_label_asym_id_2   A 
_struct_mon_prot_cis.pdbx_PDB_ins_code_2    ? 
_struct_mon_prot_cis.pdbx_auth_comp_id_2    PRO 
_struct_mon_prot_cis.pdbx_auth_seq_id_2     330 
_struct_mon_prot_cis.pdbx_auth_asym_id_2    A 
_struct_mon_prot_cis.pdbx_PDB_model_num     1 
_struct_mon_prot_cis.pdbx_omega_angle       0.01 
# 
loop_
_struct_sheet.id 
_struct_sheet.type 
_struct_sheet.number_strands 
_struct_sheet.details 
A ? 4 ? 
B ? 5 ? 
# 
loop_
_struct_sheet_order.sheet_id 
_struct_sheet_order.range_id_1 
_struct_sheet_order.range_id_2 
_struct_sheet_order.offset 
_struct_sheet_order.sense 
A 1 2 ? anti-parallel 
A 2 3 ? anti-parallel 
A 3 4 ? anti-parallel 
B 1 2 ? anti-parallel 
B 2 3 ? anti-parallel 
B 3 4 ? anti-parallel 
B 4 5 ? anti-parallel 
# 
loop_
_struct_sheet_range.sheet_id 
_struct_sheet_range.id 
_struct_sheet_range.beg_label_comp_id 
_struct_sheet_range.beg_label_asym_id 
_struct_sheet_range.beg_label_seq_id 
_struct_sheet_range.pdbx_beg_PDB_ins_code 
_struct_sheet_range.end_label_comp_id 
_struct_sheet_range.end_label_asym_id 
_struct_sheet_range.end_label_seq_id 
_struct_sheet_range.pdbx_end_PDB_ins_code 
_struct_sheet_range.beg_auth_comp_id 
_struct_sheet_range.beg_auth_asym_id 
_struct_sheet_range.beg_auth_seq_id 
_struct_sheet_range.end_auth_comp_id 
_struct_sheet_range.end_auth_asym_id 
_struct_sheet_range.end_auth_seq_id 
A 1 GLY A 10  ? ASP A 18  ? GLY A 265 ASP A 273 
A 2 GLY A 22  ? LEU A 31  ? GLY A 277 LEU A 286 
A 3 THR A 76  ? ASN A 84  ? THR A 331 ASN A 339 
A 4 THR A 48  ? TRP A 53  ? THR A 303 TRP A 308 
B 1 ALA A 55  ? GLY A 60  ? ALA A 310 GLY A 315 
B 2 TYR A 63  ? PRO A 68  ? TYR A 318 PRO A 323 
B 3 THR A 38  ? LEU A 43  ? THR A 293 LEU A 298 
B 4 VAL A 91  ? ILE A 98  ? VAL A 346 ILE A 353 
B 5 GLN A 101 ? VAL A 102 ? GLN A 356 VAL A 357 
# 
loop_
_pdbx_struct_sheet_hbond.sheet_id 
_pdbx_struct_sheet_hbond.range_id_1 
_pdbx_struct_sheet_hbond.range_id_2 
_pdbx_struct_sheet_hbond.range_1_label_atom_id 
_pdbx_struct_sheet_hbond.range_1_label_comp_id 
_pdbx_struct_sheet_hbond.range_1_label_asym_id 
_pdbx_struct_sheet_hbond.range_1_label_seq_id 
_pdbx_struct_sheet_hbond.range_1_PDB_ins_code 
_pdbx_struct_sheet_hbond.range_1_auth_atom_id 
_pdbx_struct_sheet_hbond.range_1_auth_comp_id 
_pdbx_struct_sheet_hbond.range_1_auth_asym_id 
_pdbx_struct_sheet_hbond.range_1_auth_seq_id 
_pdbx_struct_sheet_hbond.range_2_label_atom_id 
_pdbx_struct_sheet_hbond.range_2_label_comp_id 
_pdbx_struct_sheet_hbond.range_2_label_asym_id 
_pdbx_struct_sheet_hbond.range_2_label_seq_id 
_pdbx_struct_sheet_hbond.range_2_PDB_ins_code 
_pdbx_struct_sheet_hbond.range_2_auth_atom_id 
_pdbx_struct_sheet_hbond.range_2_auth_comp_id 
_pdbx_struct_sheet_hbond.range_2_auth_asym_id 
_pdbx_struct_sheet_hbond.range_2_auth_seq_id 
A 1 2 N GLU A 13 ? N GLU A 268 O THR A 28  ? O THR A 283 
A 2 3 N LEU A 29 ? N LEU A 284 O ALA A 77  ? O ALA A 332 
A 3 4 O ASN A 84 ? O ASN A 339 N THR A 48  ? N THR A 303 
B 1 2 N GLN A 58 ? N GLN A 313 O ILE A 65  ? O ILE A 320 
B 2 3 O VAL A 64 ? O VAL A 319 N VAL A 41  ? N VAL A 296 
B 3 4 N THR A 38 ? N THR A 293 O GLU A 97  ? O GLU A 352 
B 4 5 N ILE A 98 ? N ILE A 353 O GLN A 101 ? O GLN A 356 
# 
loop_
_pdbx_validate_close_contact.id 
_pdbx_validate_close_contact.PDB_model_num 
_pdbx_validate_close_contact.auth_atom_id_1 
_pdbx_validate_close_contact.auth_asym_id_1 
_pdbx_validate_close_contact.auth_comp_id_1 
_pdbx_validate_close_contact.auth_seq_id_1 
_pdbx_validate_close_contact.PDB_ins_code_1 
_pdbx_validate_close_contact.label_alt_id_1 
_pdbx_validate_close_contact.auth_atom_id_2 
_pdbx_validate_close_contact.auth_asym_id_2 
_pdbx_validate_close_contact.auth_comp_id_2 
_pdbx_validate_close_contact.auth_seq_id_2 
_pdbx_validate_close_contact.PDB_ins_code_2 
_pdbx_validate_close_contact.label_alt_id_2 
_pdbx_validate_close_contact.dist 
1 1 O A HOH 5 ? ? O A HOH 118 ? ? 2.18 
2 1 O A HOH 8 ? ? O A HOH 118 ? ? 2.19 
# 
loop_
_pdbx_validate_torsion.id 
_pdbx_validate_torsion.PDB_model_num 
_pdbx_validate_torsion.auth_comp_id 
_pdbx_validate_torsion.auth_asym_id 
_pdbx_validate_torsion.auth_seq_id 
_pdbx_validate_torsion.PDB_ins_code 
_pdbx_validate_torsion.label_alt_id 
_pdbx_validate_torsion.phi 
_pdbx_validate_torsion.psi 
1 1 ASN A 316 ? ? -60.97  98.87 
2 1 ASN A 327 ? ? -107.86 47.29 
# 
loop_
_pdbx_unobs_or_zero_occ_residues.id 
_pdbx_unobs_or_zero_occ_residues.PDB_model_num 
_pdbx_unobs_or_zero_occ_residues.polymer_flag 
_pdbx_unobs_or_zero_occ_residues.occupancy_flag 
_pdbx_unobs_or_zero_occ_residues.auth_asym_id 
_pdbx_unobs_or_zero_occ_residues.auth_comp_id 
_pdbx_unobs_or_zero_occ_residues.auth_seq_id 
_pdbx_unobs_or_zero_occ_residues.PDB_ins_code 
_pdbx_unobs_or_zero_occ_residues.label_asym_id 
_pdbx_unobs_or_zero_occ_residues.label_comp_id 
_pdbx_unobs_or_zero_occ_residues.label_seq_id 
1 1 Y 1 A GLY 256 ? A GLY 1 
2 1 Y 1 A PRO 257 ? A PRO 2 
3 1 Y 1 A THR 258 ? A THR 3 
4 1 Y 1 A THR 259 ? A THR 4 
5 1 Y 1 A PRO 260 ? A PRO 5 
6 1 Y 1 A VAL 261 ? A VAL 6 
# 
loop_
_chem_comp_atom.comp_id 
_chem_comp_atom.atom_id 
_chem_comp_atom.type_symbol 
_chem_comp_atom.pdbx_aromatic_flag 
_chem_comp_atom.pdbx_stereo_config 
_chem_comp_atom.pdbx_ordinal 
ALA N    N N N 1   
ALA CA   C N S 2   
ALA C    C N N 3   
ALA O    O N N 4   
ALA CB   C N N 5   
ALA OXT  O N N 6   
ALA H    H N N 7   
ALA H2   H N N 8   
ALA HA   H N N 9   
ALA HB1  H N N 10  
ALA HB2  H N N 11  
ALA HB3  H N N 12  
ALA HXT  H N N 13  
ASN N    N N N 14  
ASN CA   C N S 15  
ASN C    C N N 16  
ASN O    O N N 17  
ASN CB   C N N 18  
ASN CG   C N N 19  
ASN OD1  O N N 20  
ASN ND2  N N N 21  
ASN OXT  O N N 22  
ASN H    H N N 23  
ASN H2   H N N 24  
ASN HA   H N N 25  
ASN HB2  H N N 26  
ASN HB3  H N N 27  
ASN HD21 H N N 28  
ASN HD22 H N N 29  
ASN HXT  H N N 30  
ASP N    N N N 31  
ASP CA   C N S 32  
ASP C    C N N 33  
ASP O    O N N 34  
ASP CB   C N N 35  
ASP CG   C N N 36  
ASP OD1  O N N 37  
ASP OD2  O N N 38  
ASP OXT  O N N 39  
ASP H    H N N 40  
ASP H2   H N N 41  
ASP HA   H N N 42  
ASP HB2  H N N 43  
ASP HB3  H N N 44  
ASP HD2  H N N 45  
ASP HXT  H N N 46  
GLN N    N N N 47  
GLN CA   C N S 48  
GLN C    C N N 49  
GLN O    O N N 50  
GLN CB   C N N 51  
GLN CG   C N N 52  
GLN CD   C N N 53  
GLN OE1  O N N 54  
GLN NE2  N N N 55  
GLN OXT  O N N 56  
GLN H    H N N 57  
GLN H2   H N N 58  
GLN HA   H N N 59  
GLN HB2  H N N 60  
GLN HB3  H N N 61  
GLN HG2  H N N 62  
GLN HG3  H N N 63  
GLN HE21 H N N 64  
GLN HE22 H N N 65  
GLN HXT  H N N 66  
GLU N    N N N 67  
GLU CA   C N S 68  
GLU C    C N N 69  
GLU O    O N N 70  
GLU CB   C N N 71  
GLU CG   C N N 72  
GLU CD   C N N 73  
GLU OE1  O N N 74  
GLU OE2  O N N 75  
GLU OXT  O N N 76  
GLU H    H N N 77  
GLU H2   H N N 78  
GLU HA   H N N 79  
GLU HB2  H N N 80  
GLU HB3  H N N 81  
GLU HG2  H N N 82  
GLU HG3  H N N 83  
GLU HE2  H N N 84  
GLU HXT  H N N 85  
GLY N    N N N 86  
GLY CA   C N N 87  
GLY C    C N N 88  
GLY O    O N N 89  
GLY OXT  O N N 90  
GLY H    H N N 91  
GLY H2   H N N 92  
GLY HA2  H N N 93  
GLY HA3  H N N 94  
GLY HXT  H N N 95  
HOH O    O N N 96  
HOH H1   H N N 97  
HOH H2   H N N 98  
ILE N    N N N 99  
ILE CA   C N S 100 
ILE C    C N N 101 
ILE O    O N N 102 
ILE CB   C N S 103 
ILE CG1  C N N 104 
ILE CG2  C N N 105 
ILE CD1  C N N 106 
ILE OXT  O N N 107 
ILE H    H N N 108 
ILE H2   H N N 109 
ILE HA   H N N 110 
ILE HB   H N N 111 
ILE HG12 H N N 112 
ILE HG13 H N N 113 
ILE HG21 H N N 114 
ILE HG22 H N N 115 
ILE HG23 H N N 116 
ILE HD11 H N N 117 
ILE HD12 H N N 118 
ILE HD13 H N N 119 
ILE HXT  H N N 120 
LEU N    N N N 121 
LEU CA   C N S 122 
LEU C    C N N 123 
LEU O    O N N 124 
LEU CB   C N N 125 
LEU CG   C N N 126 
LEU CD1  C N N 127 
LEU CD2  C N N 128 
LEU OXT  O N N 129 
LEU H    H N N 130 
LEU H2   H N N 131 
LEU HA   H N N 132 
LEU HB2  H N N 133 
LEU HB3  H N N 134 
LEU HG   H N N 135 
LEU HD11 H N N 136 
LEU HD12 H N N 137 
LEU HD13 H N N 138 
LEU HD21 H N N 139 
LEU HD22 H N N 140 
LEU HD23 H N N 141 
LEU HXT  H N N 142 
LYS N    N N N 143 
LYS CA   C N S 144 
LYS C    C N N 145 
LYS O    O N N 146 
LYS CB   C N N 147 
LYS CG   C N N 148 
LYS CD   C N N 149 
LYS CE   C N N 150 
LYS NZ   N N N 151 
LYS OXT  O N N 152 
LYS H    H N N 153 
LYS H2   H N N 154 
LYS HA   H N N 155 
LYS HB2  H N N 156 
LYS HB3  H N N 157 
LYS HG2  H N N 158 
LYS HG3  H N N 159 
LYS HD2  H N N 160 
LYS HD3  H N N 161 
LYS HE2  H N N 162 
LYS HE3  H N N 163 
LYS HZ1  H N N 164 
LYS HZ2  H N N 165 
LYS HZ3  H N N 166 
LYS HXT  H N N 167 
PHE N    N N N 168 
PHE CA   C N S 169 
PHE C    C N N 170 
PHE O    O N N 171 
PHE CB   C N N 172 
PHE CG   C Y N 173 
PHE CD1  C Y N 174 
PHE CD2  C Y N 175 
PHE CE1  C Y N 176 
PHE CE2  C Y N 177 
PHE CZ   C Y N 178 
PHE OXT  O N N 179 
PHE H    H N N 180 
PHE H2   H N N 181 
PHE HA   H N N 182 
PHE HB2  H N N 183 
PHE HB3  H N N 184 
PHE HD1  H N N 185 
PHE HD2  H N N 186 
PHE HE1  H N N 187 
PHE HE2  H N N 188 
PHE HZ   H N N 189 
PHE HXT  H N N 190 
PRO N    N N N 191 
PRO CA   C N S 192 
PRO C    C N N 193 
PRO O    O N N 194 
PRO CB   C N N 195 
PRO CG   C N N 196 
PRO CD   C N N 197 
PRO OXT  O N N 198 
PRO H    H N N 199 
PRO HA   H N N 200 
PRO HB2  H N N 201 
PRO HB3  H N N 202 
PRO HG2  H N N 203 
PRO HG3  H N N 204 
PRO HD2  H N N 205 
PRO HD3  H N N 206 
PRO HXT  H N N 207 
SER N    N N N 208 
SER CA   C N S 209 
SER C    C N N 210 
SER O    O N N 211 
SER CB   C N N 212 
SER OG   O N N 213 
SER OXT  O N N 214 
SER H    H N N 215 
SER H2   H N N 216 
SER HA   H N N 217 
SER HB2  H N N 218 
SER HB3  H N N 219 
SER HG   H N N 220 
SER HXT  H N N 221 
THR N    N N N 222 
THR CA   C N S 223 
THR C    C N N 224 
THR O    O N N 225 
THR CB   C N R 226 
THR OG1  O N N 227 
THR CG2  C N N 228 
THR OXT  O N N 229 
THR H    H N N 230 
THR H2   H N N 231 
THR HA   H N N 232 
THR HB   H N N 233 
THR HG1  H N N 234 
THR HG21 H N N 235 
THR HG22 H N N 236 
THR HG23 H N N 237 
THR HXT  H N N 238 
TRP N    N N N 239 
TRP CA   C N S 240 
TRP C    C N N 241 
TRP O    O N N 242 
TRP CB   C N N 243 
TRP CG   C Y N 244 
TRP CD1  C Y N 245 
TRP CD2  C Y N 246 
TRP NE1  N Y N 247 
TRP CE2  C Y N 248 
TRP CE3  C Y N 249 
TRP CZ2  C Y N 250 
TRP CZ3  C Y N 251 
TRP CH2  C Y N 252 
TRP OXT  O N N 253 
TRP H    H N N 254 
TRP H2   H N N 255 
TRP HA   H N N 256 
TRP HB2  H N N 257 
TRP HB3  H N N 258 
TRP HD1  H N N 259 
TRP HE1  H N N 260 
TRP HE3  H N N 261 
TRP HZ2  H N N 262 
TRP HZ3  H N N 263 
TRP HH2  H N N 264 
TRP HXT  H N N 265 
TYR N    N N N 266 
TYR CA   C N S 267 
TYR C    C N N 268 
TYR O    O N N 269 
TYR CB   C N N 270 
TYR CG   C Y N 271 
TYR CD1  C Y N 272 
TYR CD2  C Y N 273 
TYR CE1  C Y N 274 
TYR CE2  C Y N 275 
TYR CZ   C Y N 276 
TYR OH   O N N 277 
TYR OXT  O N N 278 
TYR H    H N N 279 
TYR H2   H N N 280 
TYR HA   H N N 281 
TYR HB2  H N N 282 
TYR HB3  H N N 283 
TYR HD1  H N N 284 
TYR HD2  H N N 285 
TYR HE1  H N N 286 
TYR HE2  H N N 287 
TYR HH   H N N 288 
TYR HXT  H N N 289 
VAL N    N N N 290 
VAL CA   C N S 291 
VAL C    C N N 292 
VAL O    O N N 293 
VAL CB   C N N 294 
VAL CG1  C N N 295 
VAL CG2  C N N 296 
VAL OXT  O N N 297 
VAL H    H N N 298 
VAL H2   H N N 299 
VAL HA   H N N 300 
VAL HB   H N N 301 
VAL HG11 H N N 302 
VAL HG12 H N N 303 
VAL HG13 H N N 304 
VAL HG21 H N N 305 
VAL HG22 H N N 306 
VAL HG23 H N N 307 
VAL HXT  H N N 308 
# 
loop_
_chem_comp_bond.comp_id 
_chem_comp_bond.atom_id_1 
_chem_comp_bond.atom_id_2 
_chem_comp_bond.value_order 
_chem_comp_bond.pdbx_aromatic_flag 
_chem_comp_bond.pdbx_stereo_config 
_chem_comp_bond.pdbx_ordinal 
ALA N   CA   sing N N 1   
ALA N   H    sing N N 2   
ALA N   H2   sing N N 3   
ALA CA  C    sing N N 4   
ALA CA  CB   sing N N 5   
ALA CA  HA   sing N N 6   
ALA C   O    doub N N 7   
ALA C   OXT  sing N N 8   
ALA CB  HB1  sing N N 9   
ALA CB  HB2  sing N N 10  
ALA CB  HB3  sing N N 11  
ALA OXT HXT  sing N N 12  
ASN N   CA   sing N N 13  
ASN N   H    sing N N 14  
ASN N   H2   sing N N 15  
ASN CA  C    sing N N 16  
ASN CA  CB   sing N N 17  
ASN CA  HA   sing N N 18  
ASN C   O    doub N N 19  
ASN C   OXT  sing N N 20  
ASN CB  CG   sing N N 21  
ASN CB  HB2  sing N N 22  
ASN CB  HB3  sing N N 23  
ASN CG  OD1  doub N N 24  
ASN CG  ND2  sing N N 25  
ASN ND2 HD21 sing N N 26  
ASN ND2 HD22 sing N N 27  
ASN OXT HXT  sing N N 28  
ASP N   CA   sing N N 29  
ASP N   H    sing N N 30  
ASP N   H2   sing N N 31  
ASP CA  C    sing N N 32  
ASP CA  CB   sing N N 33  
ASP CA  HA   sing N N 34  
ASP C   O    doub N N 35  
ASP C   OXT  sing N N 36  
ASP CB  CG   sing N N 37  
ASP CB  HB2  sing N N 38  
ASP CB  HB3  sing N N 39  
ASP CG  OD1  doub N N 40  
ASP CG  OD2  sing N N 41  
ASP OD2 HD2  sing N N 42  
ASP OXT HXT  sing N N 43  
GLN N   CA   sing N N 44  
GLN N   H    sing N N 45  
GLN N   H2   sing N N 46  
GLN CA  C    sing N N 47  
GLN CA  CB   sing N N 48  
GLN CA  HA   sing N N 49  
GLN C   O    doub N N 50  
GLN C   OXT  sing N N 51  
GLN CB  CG   sing N N 52  
GLN CB  HB2  sing N N 53  
GLN CB  HB3  sing N N 54  
GLN CG  CD   sing N N 55  
GLN CG  HG2  sing N N 56  
GLN CG  HG3  sing N N 57  
GLN CD  OE1  doub N N 58  
GLN CD  NE2  sing N N 59  
GLN NE2 HE21 sing N N 60  
GLN NE2 HE22 sing N N 61  
GLN OXT HXT  sing N N 62  
GLU N   CA   sing N N 63  
GLU N   H    sing N N 64  
GLU N   H2   sing N N 65  
GLU CA  C    sing N N 66  
GLU CA  CB   sing N N 67  
GLU CA  HA   sing N N 68  
GLU C   O    doub N N 69  
GLU C   OXT  sing N N 70  
GLU CB  CG   sing N N 71  
GLU CB  HB2  sing N N 72  
GLU CB  HB3  sing N N 73  
GLU CG  CD   sing N N 74  
GLU CG  HG2  sing N N 75  
GLU CG  HG3  sing N N 76  
GLU CD  OE1  doub N N 77  
GLU CD  OE2  sing N N 78  
GLU OE2 HE2  sing N N 79  
GLU OXT HXT  sing N N 80  
GLY N   CA   sing N N 81  
GLY N   H    sing N N 82  
GLY N   H2   sing N N 83  
GLY CA  C    sing N N 84  
GLY CA  HA2  sing N N 85  
GLY CA  HA3  sing N N 86  
GLY C   O    doub N N 87  
GLY C   OXT  sing N N 88  
GLY OXT HXT  sing N N 89  
HOH O   H1   sing N N 90  
HOH O   H2   sing N N 91  
ILE N   CA   sing N N 92  
ILE N   H    sing N N 93  
ILE N   H2   sing N N 94  
ILE CA  C    sing N N 95  
ILE CA  CB   sing N N 96  
ILE CA  HA   sing N N 97  
ILE C   O    doub N N 98  
ILE C   OXT  sing N N 99  
ILE CB  CG1  sing N N 100 
ILE CB  CG2  sing N N 101 
ILE CB  HB   sing N N 102 
ILE CG1 CD1  sing N N 103 
ILE CG1 HG12 sing N N 104 
ILE CG1 HG13 sing N N 105 
ILE CG2 HG21 sing N N 106 
ILE CG2 HG22 sing N N 107 
ILE CG2 HG23 sing N N 108 
ILE CD1 HD11 sing N N 109 
ILE CD1 HD12 sing N N 110 
ILE CD1 HD13 sing N N 111 
ILE OXT HXT  sing N N 112 
LEU N   CA   sing N N 113 
LEU N   H    sing N N 114 
LEU N   H2   sing N N 115 
LEU CA  C    sing N N 116 
LEU CA  CB   sing N N 117 
LEU CA  HA   sing N N 118 
LEU C   O    doub N N 119 
LEU C   OXT  sing N N 120 
LEU CB  CG   sing N N 121 
LEU CB  HB2  sing N N 122 
LEU CB  HB3  sing N N 123 
LEU CG  CD1  sing N N 124 
LEU CG  CD2  sing N N 125 
LEU CG  HG   sing N N 126 
LEU CD1 HD11 sing N N 127 
LEU CD1 HD12 sing N N 128 
LEU CD1 HD13 sing N N 129 
LEU CD2 HD21 sing N N 130 
LEU CD2 HD22 sing N N 131 
LEU CD2 HD23 sing N N 132 
LEU OXT HXT  sing N N 133 
LYS N   CA   sing N N 134 
LYS N   H    sing N N 135 
LYS N   H2   sing N N 136 
LYS CA  C    sing N N 137 
LYS CA  CB   sing N N 138 
LYS CA  HA   sing N N 139 
LYS C   O    doub N N 140 
LYS C   OXT  sing N N 141 
LYS CB  CG   sing N N 142 
LYS CB  HB2  sing N N 143 
LYS CB  HB3  sing N N 144 
LYS CG  CD   sing N N 145 
LYS CG  HG2  sing N N 146 
LYS CG  HG3  sing N N 147 
LYS CD  CE   sing N N 148 
LYS CD  HD2  sing N N 149 
LYS CD  HD3  sing N N 150 
LYS CE  NZ   sing N N 151 
LYS CE  HE2  sing N N 152 
LYS CE  HE3  sing N N 153 
LYS NZ  HZ1  sing N N 154 
LYS NZ  HZ2  sing N N 155 
LYS NZ  HZ3  sing N N 156 
LYS OXT HXT  sing N N 157 
PHE N   CA   sing N N 158 
PHE N   H    sing N N 159 
PHE N   H2   sing N N 160 
PHE CA  C    sing N N 161 
PHE CA  CB   sing N N 162 
PHE CA  HA   sing N N 163 
PHE C   O    doub N N 164 
PHE C   OXT  sing N N 165 
PHE CB  CG   sing N N 166 
PHE CB  HB2  sing N N 167 
PHE CB  HB3  sing N N 168 
PHE CG  CD1  doub Y N 169 
PHE CG  CD2  sing Y N 170 
PHE CD1 CE1  sing Y N 171 
PHE CD1 HD1  sing N N 172 
PHE CD2 CE2  doub Y N 173 
PHE CD2 HD2  sing N N 174 
PHE CE1 CZ   doub Y N 175 
PHE CE1 HE1  sing N N 176 
PHE CE2 CZ   sing Y N 177 
PHE CE2 HE2  sing N N 178 
PHE CZ  HZ   sing N N 179 
PHE OXT HXT  sing N N 180 
PRO N   CA   sing N N 181 
PRO N   CD   sing N N 182 
PRO N   H    sing N N 183 
PRO CA  C    sing N N 184 
PRO CA  CB   sing N N 185 
PRO CA  HA   sing N N 186 
PRO C   O    doub N N 187 
PRO C   OXT  sing N N 188 
PRO CB  CG   sing N N 189 
PRO CB  HB2  sing N N 190 
PRO CB  HB3  sing N N 191 
PRO CG  CD   sing N N 192 
PRO CG  HG2  sing N N 193 
PRO CG  HG3  sing N N 194 
PRO CD  HD2  sing N N 195 
PRO CD  HD3  sing N N 196 
PRO OXT HXT  sing N N 197 
SER N   CA   sing N N 198 
SER N   H    sing N N 199 
SER N   H2   sing N N 200 
SER CA  C    sing N N 201 
SER CA  CB   sing N N 202 
SER CA  HA   sing N N 203 
SER C   O    doub N N 204 
SER C   OXT  sing N N 205 
SER CB  OG   sing N N 206 
SER CB  HB2  sing N N 207 
SER CB  HB3  sing N N 208 
SER OG  HG   sing N N 209 
SER OXT HXT  sing N N 210 
THR N   CA   sing N N 211 
THR N   H    sing N N 212 
THR N   H2   sing N N 213 
THR CA  C    sing N N 214 
THR CA  CB   sing N N 215 
THR CA  HA   sing N N 216 
THR C   O    doub N N 217 
THR C   OXT  sing N N 218 
THR CB  OG1  sing N N 219 
THR CB  CG2  sing N N 220 
THR CB  HB   sing N N 221 
THR OG1 HG1  sing N N 222 
THR CG2 HG21 sing N N 223 
THR CG2 HG22 sing N N 224 
THR CG2 HG23 sing N N 225 
THR OXT HXT  sing N N 226 
TRP N   CA   sing N N 227 
TRP N   H    sing N N 228 
TRP N   H2   sing N N 229 
TRP CA  C    sing N N 230 
TRP CA  CB   sing N N 231 
TRP CA  HA   sing N N 232 
TRP C   O    doub N N 233 
TRP C   OXT  sing N N 234 
TRP CB  CG   sing N N 235 
TRP CB  HB2  sing N N 236 
TRP CB  HB3  sing N N 237 
TRP CG  CD1  doub Y N 238 
TRP CG  CD2  sing Y N 239 
TRP CD1 NE1  sing Y N 240 
TRP CD1 HD1  sing N N 241 
TRP CD2 CE2  doub Y N 242 
TRP CD2 CE3  sing Y N 243 
TRP NE1 CE2  sing Y N 244 
TRP NE1 HE1  sing N N 245 
TRP CE2 CZ2  sing Y N 246 
TRP CE3 CZ3  doub Y N 247 
TRP CE3 HE3  sing N N 248 
TRP CZ2 CH2  doub Y N 249 
TRP CZ2 HZ2  sing N N 250 
TRP CZ3 CH2  sing Y N 251 
TRP CZ3 HZ3  sing N N 252 
TRP CH2 HH2  sing N N 253 
TRP OXT HXT  sing N N 254 
TYR N   CA   sing N N 255 
TYR N   H    sing N N 256 
TYR N   H2   sing N N 257 
TYR CA  C    sing N N 258 
TYR CA  CB   sing N N 259 
TYR CA  HA   sing N N 260 
TYR C   O    doub N N 261 
TYR C   OXT  sing N N 262 
TYR CB  CG   sing N N 263 
TYR CB  HB2  sing N N 264 
TYR CB  HB3  sing N N 265 
TYR CG  CD1  doub Y N 266 
TYR CG  CD2  sing Y N 267 
TYR CD1 CE1  sing Y N 268 
TYR CD1 HD1  sing N N 269 
TYR CD2 CE2  doub Y N 270 
TYR CD2 HD2  sing N N 271 
TYR CE1 CZ   doub Y N 272 
TYR CE1 HE1  sing N N 273 
TYR CE2 CZ   sing Y N 274 
TYR CE2 HE2  sing N N 275 
TYR CZ  OH   sing N N 276 
TYR OH  HH   sing N N 277 
TYR OXT HXT  sing N N 278 
VAL N   CA   sing N N 279 
VAL N   H    sing N N 280 
VAL N   H2   sing N N 281 
VAL CA  C    sing N N 282 
VAL CA  CB   sing N N 283 
VAL CA  HA   sing N N 284 
VAL C   O    doub N N 285 
VAL C   OXT  sing N N 286 
VAL CB  CG1  sing N N 287 
VAL CB  CG2  sing N N 288 
VAL CB  HB   sing N N 289 
VAL CG1 HG11 sing N N 290 
VAL CG1 HG12 sing N N 291 
VAL CG1 HG13 sing N N 292 
VAL CG2 HG21 sing N N 293 
VAL CG2 HG22 sing N N 294 
VAL CG2 HG23 sing N N 295 
VAL OXT HXT  sing N N 296 
# 
_atom_sites.entry_id                    2CWR 
_atom_sites.fract_transf_matrix[1][1]   0.00944510 
_atom_sites.fract_transf_matrix[1][2]   0.00850580 
_atom_sites.fract_transf_matrix[1][3]   0.01605967 
_atom_sites.fract_transf_matrix[2][1]   0.01756440 
_atom_sites.fract_transf_matrix[2][2]   0.00037242 
_atom_sites.fract_transf_matrix[2][3]   -0.01052732 
_atom_sites.fract_transf_matrix[3][1]   -0.00267942 
_atom_sites.fract_transf_matrix[3][2]   0.01070120 
_atom_sites.fract_transf_matrix[3][3]   -0.00409192 
_atom_sites.fract_transf_vector[1]      0.021143 
_atom_sites.fract_transf_vector[2]      0.442507 
_atom_sites.fract_transf_vector[3]      0.112335 
# 
loop_
_atom_type.symbol 
C 
N 
O 
# 
loop_
_atom_site.group_PDB 
_atom_site.id 
_atom_site.type_symbol 
_atom_site.label_atom_id 
_atom_site.label_alt_id 
_atom_site.label_comp_id 
_atom_site.label_asym_id 
_atom_site.label_entity_id 
_atom_site.label_seq_id 
_atom_site.pdbx_PDB_ins_code 
_atom_site.Cartn_x 
_atom_site.Cartn_y 
_atom_site.Cartn_z 
_atom_site.occupancy 
_atom_site.B_iso_or_equiv 
_atom_site.pdbx_formal_charge 
_atom_site.auth_seq_id 
_atom_site.auth_comp_id 
_atom_site.auth_asym_id 
_atom_site.auth_atom_id 
_atom_site.pdbx_PDB_model_num 
ATOM   1   N N   . PRO A 1 7   ? 21.216  -2.268  -8.105  1.00 50.60 ? 262 PRO A N   1 
ATOM   2   C CA  . PRO A 1 7   ? 19.753  -2.297  -7.877  1.00 46.03 ? 262 PRO A CA  1 
ATOM   3   C C   . PRO A 1 7   ? 19.393  -1.849  -6.464  1.00 42.58 ? 262 PRO A C   1 
ATOM   4   O O   . PRO A 1 7   ? 20.219  -1.907  -5.553  1.00 43.61 ? 262 PRO A O   1 
ATOM   5   C CB  . PRO A 1 7   ? 19.297  -3.729  -8.123  1.00 48.21 ? 262 PRO A CB  1 
ATOM   6   C CG  . PRO A 1 7   ? 20.573  -4.507  -7.814  1.00 49.45 ? 262 PRO A CG  1 
ATOM   7   C CD  . PRO A 1 7   ? 21.705  -3.633  -8.376  1.00 50.64 ? 262 PRO A CD  1 
ATOM   8   N N   . VAL A 1 8   ? 18.154  -1.401  -6.290  1.00 36.66 ? 263 VAL A N   1 
ATOM   9   C CA  . VAL A 1 8   ? 17.682  -0.941  -4.991  1.00 30.72 ? 263 VAL A CA  1 
ATOM   10  C C   . VAL A 1 8   ? 17.245  -2.116  -4.120  1.00 29.92 ? 263 VAL A C   1 
ATOM   11  O O   . VAL A 1 8   ? 16.523  -3.004  -4.574  1.00 29.51 ? 263 VAL A O   1 
ATOM   12  C CB  . VAL A 1 8   ? 16.489  0.027   -5.148  1.00 35.16 ? 263 VAL A CB  1 
ATOM   13  C CG1 . VAL A 1 8   ? 16.016  0.497   -3.782  1.00 33.27 ? 263 VAL A CG1 1 
ATOM   14  C CG2 . VAL A 1 8   ? 16.894  1.212   -6.013  1.00 33.94 ? 263 VAL A CG2 1 
ATOM   15  N N   . SER A 1 9   ? 17.688  -2.114  -2.867  1.00 24.49 ? 264 SER A N   1 
ATOM   16  C CA  . SER A 1 9   ? 17.333  -3.172  -1.932  1.00 22.50 ? 264 SER A CA  1 
ATOM   17  C C   . SER A 1 9   ? 16.360  -2.645  -0.890  1.00 22.56 ? 264 SER A C   1 
ATOM   18  O O   . SER A 1 9   ? 16.413  -1.476  -0.507  1.00 25.49 ? 264 SER A O   1 
ATOM   19  C CB  . SER A 1 9   ? 18.582  -3.716  -1.234  1.00 21.17 ? 264 SER A CB  1 
ATOM   20  O OG  . SER A 1 9   ? 19.445  -4.349  -2.162  1.00 28.38 ? 264 SER A OG  1 
ATOM   21  N N   . GLY A 1 10  ? 15.470  -3.514  -0.431  1.00 20.77 ? 265 GLY A N   1 
ATOM   22  C CA  . GLY A 1 10  ? 14.501  -3.107  0.566   1.00 18.49 ? 265 GLY A CA  1 
ATOM   23  C C   . GLY A 1 10  ? 13.447  -4.172  0.761   1.00 17.05 ? 265 GLY A C   1 
ATOM   24  O O   . GLY A 1 10  ? 13.512  -5.243  0.154   1.00 18.46 ? 265 GLY A O   1 
ATOM   25  N N   . SER A 1 11  ? 12.479  -3.885  1.620   1.00 14.02 ? 266 SER A N   1 
ATOM   26  C CA  . SER A 1 11  ? 11.407  -4.836  1.874   1.00 13.50 ? 266 SER A CA  1 
ATOM   27  C C   . SER A 1 11  ? 10.129  -4.115  2.262   1.00 12.49 ? 266 SER A C   1 
ATOM   28  O O   . SER A 1 11  ? 10.144  -2.942  2.638   1.00 14.60 ? 266 SER A O   1 
ATOM   29  C CB  . SER A 1 11  ? 11.800  -5.800  2.999   1.00 14.78 ? 266 SER A CB  1 
ATOM   30  O OG  . SER A 1 11  ? 11.828  -5.145  4.258   1.00 14.33 ? 266 SER A OG  1 
ATOM   31  N N   . LEU A 1 12  ? 9.018   -4.828  2.157   1.00 10.74 ? 267 LEU A N   1 
ATOM   32  C CA  . LEU A 1 12  ? 7.730   -4.272  2.523   1.00 9.10  ? 267 LEU A CA  1 
ATOM   33  C C   . LEU A 1 12  ? 7.095   -5.173  3.557   1.00 10.30 ? 267 LEU A C   1 
ATOM   34  O O   . LEU A 1 12  ? 7.176   -6.391  3.457   1.00 10.65 ? 267 LEU A O   1 
ATOM   35  C CB  . LEU A 1 12  ? 6.797   -4.180  1.305   1.00 10.83 ? 267 LEU A CB  1 
ATOM   36  C CG  . LEU A 1 12  ? 5.361   -3.688  1.576   1.00 13.14 ? 267 LEU A CG  1 
ATOM   37  C CD1 . LEU A 1 12  ? 4.784   -3.073  0.310   1.00 13.93 ? 267 LEU A CD1 1 
ATOM   38  C CD2 . LEU A 1 12  ? 4.477   -4.842  2.064   1.00 12.81 ? 267 LEU A CD2 1 
ATOM   39  N N   . GLU A 1 13  ? 6.491   -4.572  4.573   1.00 8.65  ? 268 GLU A N   1 
ATOM   40  C CA  . GLU A 1 13  ? 5.779   -5.355  5.563   1.00 9.03  ? 268 GLU A CA  1 
ATOM   41  C C   . GLU A 1 13  ? 4.440   -4.677  5.774   1.00 10.38 ? 268 GLU A C   1 
ATOM   42  O O   . GLU A 1 13  ? 4.319   -3.458  5.659   1.00 10.15 ? 268 GLU A O   1 
ATOM   43  C CB  . GLU A 1 13  ? 6.553   -5.467  6.884   1.00 14.06 ? 268 GLU A CB  1 
ATOM   44  C CG  . GLU A 1 13  ? 6.993   -4.163  7.506   1.00 13.37 ? 268 GLU A CG  1 
ATOM   45  C CD  . GLU A 1 13  ? 7.763   -4.391  8.798   1.00 18.60 ? 268 GLU A CD  1 
ATOM   46  O OE1 . GLU A 1 13  ? 7.136   -4.772  9.812   1.00 16.48 ? 268 GLU A OE1 1 
ATOM   47  O OE2 . GLU A 1 13  ? 8.997   -4.203  8.791   1.00 14.09 ? 268 GLU A OE2 1 
ATOM   48  N N   . VAL A 1 14  ? 3.422   -5.476  6.044   1.00 9.43  ? 269 VAL A N   1 
ATOM   49  C CA  . VAL A 1 14  ? 2.104   -4.920  6.263   1.00 10.15 ? 269 VAL A CA  1 
ATOM   50  C C   . VAL A 1 14  ? 1.374   -5.699  7.338   1.00 11.92 ? 269 VAL A C   1 
ATOM   51  O O   . VAL A 1 14  ? 1.417   -6.933  7.374   1.00 12.02 ? 269 VAL A O   1 
ATOM   52  C CB  . VAL A 1 14  ? 1.273   -4.920  4.956   1.00 10.93 ? 269 VAL A CB  1 
ATOM   53  C CG1 . VAL A 1 14  ? 1.174   -6.328  4.388   1.00 14.41 ? 269 VAL A CG1 1 
ATOM   54  C CG2 . VAL A 1 14  ? -0.116  -4.348  5.226   1.00 12.30 ? 269 VAL A CG2 1 
ATOM   55  N N   . LYS A 1 15  ? 0.734   -4.957  8.234   1.00 10.43 ? 270 LYS A N   1 
ATOM   56  C CA  . LYS A 1 15  ? -0.041  -5.533  9.325   1.00 13.22 ? 270 LYS A CA  1 
ATOM   57  C C   . LYS A 1 15  ? -1.498  -5.403  8.896   1.00 12.83 ? 270 LYS A C   1 
ATOM   58  O O   . LYS A 1 15  ? -1.946  -4.311  8.539   1.00 15.56 ? 270 LYS A O   1 
ATOM   59  C CB  . LYS A 1 15  ? 0.189   -4.739  10.612  1.00 16.28 ? 270 LYS A CB  1 
ATOM   60  C CG  . LYS A 1 15  ? -0.468  -5.338  11.844  1.00 28.00 ? 270 LYS A CG  1 
ATOM   61  C CD  . LYS A 1 15  ? 0.370   -6.465  12.427  1.00 43.01 ? 270 LYS A CD  1 
ATOM   62  C CE  . LYS A 1 15  ? 1.575   -5.922  13.188  1.00 51.33 ? 270 LYS A CE  1 
ATOM   63  N NZ  . LYS A 1 15  ? 2.422   -5.009  12.368  1.00 53.87 ? 270 LYS A NZ  1 
ATOM   64  N N   . VAL A 1 16  ? -2.235  -6.508  8.936   1.00 11.63 ? 271 VAL A N   1 
ATOM   65  C CA  . VAL A 1 16  ? -3.631  -6.503  8.516   1.00 9.97  ? 271 VAL A CA  1 
ATOM   66  C C   . VAL A 1 16  ? -4.606  -6.816  9.647   1.00 17.11 ? 271 VAL A C   1 
ATOM   67  O O   . VAL A 1 16  ? -4.383  -7.724  10.447  1.00 17.18 ? 271 VAL A O   1 
ATOM   68  C CB  . VAL A 1 16  ? -3.863  -7.531  7.390   1.00 15.29 ? 271 VAL A CB  1 
ATOM   69  C CG1 . VAL A 1 16  ? -5.285  -7.408  6.855   1.00 18.57 ? 271 VAL A CG1 1 
ATOM   70  C CG2 . VAL A 1 16  ? -2.845  -7.323  6.280   1.00 17.34 ? 271 VAL A CG2 1 
ATOM   71  N N   . ASN A 1 17  ? -5.689  -6.050  9.701   1.00 14.14 ? 272 ASN A N   1 
ATOM   72  C CA  . ASN A 1 17  ? -6.729  -6.237  10.701  1.00 18.48 ? 272 ASN A CA  1 
ATOM   73  C C   . ASN A 1 17  ? -8.061  -6.220  9.962   1.00 17.12 ? 272 ASN A C   1 
ATOM   74  O O   . ASN A 1 17  ? -8.571  -5.159  9.602   1.00 17.96 ? 272 ASN A O   1 
ATOM   75  C CB  . ASN A 1 17  ? -6.682  -5.114  11.740  1.00 21.42 ? 272 ASN A CB  1 
ATOM   76  C CG  . ASN A 1 17  ? -7.881  -5.126  12.666  1.00 31.94 ? 272 ASN A CG  1 
ATOM   77  O OD1 . ASN A 1 17  ? -8.286  -6.176  13.167  1.00 33.33 ? 272 ASN A OD1 1 
ATOM   78  N ND2 . ASN A 1 17  ? -8.452  -3.951  12.907  1.00 33.74 ? 272 ASN A ND2 1 
ATOM   79  N N   . ASP A 1 18  ? -8.611  -7.407  9.723   1.00 19.18 ? 273 ASP A N   1 
ATOM   80  C CA  . ASP A 1 18  ? -9.875  -7.535  9.005   1.00 19.91 ? 273 ASP A CA  1 
ATOM   81  C C   . ASP A 1 18  ? -11.024 -7.738  9.987   1.00 25.25 ? 273 ASP A C   1 
ATOM   82  O O   . ASP A 1 18  ? -10.927 -8.546  10.909  1.00 23.20 ? 273 ASP A O   1 
ATOM   83  C CB  . ASP A 1 18  ? -9.797  -8.712  8.027   1.00 20.97 ? 273 ASP A CB  1 
ATOM   84  C CG  . ASP A 1 18  ? -11.031 -8.833  7.153   1.00 25.71 ? 273 ASP A CG  1 
ATOM   85  O OD1 . ASP A 1 18  ? -12.106 -9.193  7.678   1.00 25.04 ? 273 ASP A OD1 1 
ATOM   86  O OD2 . ASP A 1 18  ? -10.922 -8.567  5.938   1.00 23.61 ? 273 ASP A OD2 1 
ATOM   87  N N   . TRP A 1 19  ? -12.110 -6.998  9.784   1.00 26.67 ? 274 TRP A N   1 
ATOM   88  C CA  . TRP A 1 19  ? -13.267 -7.089  10.668  1.00 31.11 ? 274 TRP A CA  1 
ATOM   89  C C   . TRP A 1 19  ? -14.553 -7.458  9.938   1.00 31.21 ? 274 TRP A C   1 
ATOM   90  O O   . TRP A 1 19  ? -15.646 -7.101  10.376  1.00 36.88 ? 274 TRP A O   1 
ATOM   91  C CB  . TRP A 1 19  ? -13.449 -5.764  11.418  1.00 32.72 ? 274 TRP A CB  1 
ATOM   92  C CG  . TRP A 1 19  ? -13.592 -4.568  10.521  1.00 34.75 ? 274 TRP A CG  1 
ATOM   93  C CD1 . TRP A 1 19  ? -14.694 -4.209  9.799   1.00 34.72 ? 274 TRP A CD1 1 
ATOM   94  C CD2 . TRP A 1 19  ? -12.588 -3.583  10.238  1.00 34.32 ? 274 TRP A CD2 1 
ATOM   95  N NE1 . TRP A 1 19  ? -14.438 -3.061  9.083   1.00 38.38 ? 274 TRP A NE1 1 
ATOM   96  C CE2 . TRP A 1 19  ? -13.154 -2.656  9.334   1.00 35.22 ? 274 TRP A CE2 1 
ATOM   97  C CE3 . TRP A 1 19  ? -11.263 -3.395  10.660  1.00 29.74 ? 274 TRP A CE3 1 
ATOM   98  C CZ2 . TRP A 1 19  ? -12.442 -1.555  8.843   1.00 34.14 ? 274 TRP A CZ2 1 
ATOM   99  C CZ3 . TRP A 1 19  ? -10.553 -2.298  10.171  1.00 29.44 ? 274 TRP A CZ3 1 
ATOM   100 C CH2 . TRP A 1 19  ? -11.147 -1.393  9.271   1.00 27.45 ? 274 TRP A CH2 1 
ATOM   101 N N   . GLY A 1 20  ? -14.417 -8.172  8.823   1.00 28.35 ? 275 GLY A N   1 
ATOM   102 C CA  . GLY A 1 20  ? -15.585 -8.589  8.064   1.00 26.35 ? 275 GLY A CA  1 
ATOM   103 C C   . GLY A 1 20  ? -15.911 -7.726  6.861   1.00 24.01 ? 275 GLY A C   1 
ATOM   104 O O   . GLY A 1 20  ? -15.624 -8.100  5.723   1.00 24.25 ? 275 GLY A O   1 
ATOM   105 N N   . SER A 1 21  ? -16.516 -6.570  7.113   1.00 20.49 ? 276 SER A N   1 
ATOM   106 C CA  . SER A 1 21  ? -16.899 -5.646  6.051   1.00 24.41 ? 276 SER A CA  1 
ATOM   107 C C   . SER A 1 21  ? -15.733 -4.770  5.609   1.00 22.49 ? 276 SER A C   1 
ATOM   108 O O   . SER A 1 21  ? -15.806 -4.094  4.581   1.00 19.76 ? 276 SER A O   1 
ATOM   109 C CB  . SER A 1 21  ? -18.047 -4.755  6.527   1.00 26.79 ? 276 SER A CB  1 
ATOM   110 O OG  . SER A 1 21  ? -17.661 -4.001  7.666   1.00 30.78 ? 276 SER A OG  1 
ATOM   111 N N   . GLY A 1 22  ? -14.661 -4.780  6.393   1.00 23.00 ? 277 GLY A N   1 
ATOM   112 C CA  . GLY A 1 22  ? -13.507 -3.970  6.054   1.00 20.82 ? 277 GLY A CA  1 
ATOM   113 C C   . GLY A 1 22  ? -12.242 -4.482  6.704   1.00 22.01 ? 277 GLY A C   1 
ATOM   114 O O   . GLY A 1 22  ? -12.278 -5.439  7.479   1.00 23.05 ? 277 GLY A O   1 
ATOM   115 N N   . ALA A 1 23  ? -11.120 -3.841  6.390   1.00 15.94 ? 278 ALA A N   1 
ATOM   116 C CA  . ALA A 1 23  ? -9.838  -4.241  6.953   1.00 12.39 ? 278 ALA A CA  1 
ATOM   117 C C   . ALA A 1 23  ? -8.840  -3.095  6.871   1.00 12.86 ? 278 ALA A C   1 
ATOM   118 O O   . ALA A 1 23  ? -8.856  -2.314  5.917   1.00 14.15 ? 278 ALA A O   1 
ATOM   119 C CB  . ALA A 1 23  ? -9.296  -5.461  6.205   1.00 15.05 ? 278 ALA A CB  1 
ATOM   120 N N   . GLU A 1 24  ? -7.980  -2.993  7.879   1.00 12.95 ? 279 GLU A N   1 
ATOM   121 C CA  . GLU A 1 24  ? -6.964  -1.950  7.906   1.00 14.26 ? 279 GLU A CA  1 
ATOM   122 C C   . GLU A 1 24  ? -5.602  -2.534  7.563   1.00 13.38 ? 279 GLU A C   1 
ATOM   123 O O   . GLU A 1 24  ? -5.225  -3.600  8.059   1.00 12.61 ? 279 GLU A O   1 
ATOM   124 C CB  . GLU A 1 24  ? -6.883  -1.285  9.284   1.00 14.14 ? 279 GLU A CB  1 
ATOM   125 C CG  . GLU A 1 24  ? -5.829  -0.172  9.332   1.00 15.81 ? 279 GLU A CG  1 
ATOM   126 C CD  . GLU A 1 24  ? -5.811  0.598   10.642  1.00 22.92 ? 279 GLU A CD  1 
ATOM   127 O OE1 . GLU A 1 24  ? -6.874  0.700   11.288  1.00 25.14 ? 279 GLU A OE1 1 
ATOM   128 O OE2 . GLU A 1 24  ? -4.734  1.120   11.013  1.00 20.78 ? 279 GLU A OE2 1 
ATOM   129 N N   . TYR A 1 25  ? -4.874  -1.821  6.711   1.00 12.59 ? 280 TYR A N   1 
ATOM   130 C CA  . TYR A 1 25  ? -3.546  -2.225  6.290   1.00 9.47  ? 280 TYR A CA  1 
ATOM   131 C C   . TYR A 1 25  ? -2.536  -1.164  6.713   1.00 11.40 ? 280 TYR A C   1 
ATOM   132 O O   . TYR A 1 25  ? -2.579  -0.029  6.239   1.00 9.84  ? 280 TYR A O   1 
ATOM   133 C CB  . TYR A 1 25  ? -3.505  -2.405  4.769   1.00 9.40  ? 280 TYR A CB  1 
ATOM   134 C CG  . TYR A 1 25  ? -4.393  -3.527  4.281   1.00 9.90  ? 280 TYR A CG  1 
ATOM   135 C CD1 . TYR A 1 25  ? -5.774  -3.356  4.168   1.00 12.87 ? 280 TYR A CD1 1 
ATOM   136 C CD2 . TYR A 1 25  ? -3.856  -4.778  3.978   1.00 9.55  ? 280 TYR A CD2 1 
ATOM   137 C CE1 . TYR A 1 25  ? -6.599  -4.410  3.770   1.00 11.44 ? 280 TYR A CE1 1 
ATOM   138 C CE2 . TYR A 1 25  ? -4.671  -5.836  3.579   1.00 12.85 ? 280 TYR A CE2 1 
ATOM   139 C CZ  . TYR A 1 25  ? -6.040  -5.645  3.479   1.00 13.97 ? 280 TYR A CZ  1 
ATOM   140 O OH  . TYR A 1 25  ? -6.848  -6.689  3.088   1.00 15.93 ? 280 TYR A OH  1 
ATOM   141 N N   . ASP A 1 26  ? -1.641  -1.538  7.621   1.00 9.89  ? 281 ASP A N   1 
ATOM   142 C CA  . ASP A 1 26  ? -0.601  -0.632  8.112   1.00 10.01 ? 281 ASP A CA  1 
ATOM   143 C C   . ASP A 1 26  ? 0.688   -1.093  7.453   1.00 10.23 ? 281 ASP A C   1 
ATOM   144 O O   . ASP A 1 26  ? 1.234   -2.139  7.804   1.00 9.77  ? 281 ASP A O   1 
ATOM   145 C CB  . ASP A 1 26  ? -0.485  -0.740  9.632   1.00 11.63 ? 281 ASP A CB  1 
ATOM   146 C CG  . ASP A 1 26  ? -1.730  -0.241  10.346  1.00 17.33 ? 281 ASP A CG  1 
ATOM   147 O OD1 . ASP A 1 26  ? -2.017  -0.730  11.459  1.00 20.30 ? 281 ASP A OD1 1 
ATOM   148 O OD2 . ASP A 1 26  ? -2.415  0.645   9.797   1.00 15.83 ? 281 ASP A OD2 1 
ATOM   149 N N   . VAL A 1 27  ? 1.163   -0.305  6.496   1.00 9.90  ? 282 VAL A N   1 
ATOM   150 C CA  . VAL A 1 27  ? 2.359   -0.645  5.740   1.00 9.72  ? 282 VAL A CA  1 
ATOM   151 C C   . VAL A 1 27  ? 3.627   0.046   6.220   1.00 10.55 ? 282 VAL A C   1 
ATOM   152 O O   . VAL A 1 27  ? 3.603   1.216   6.600   1.00 11.21 ? 282 VAL A O   1 
ATOM   153 C CB  . VAL A 1 27  ? 2.167   -0.294  4.238   1.00 9.85  ? 282 VAL A CB  1 
ATOM   154 C CG1 . VAL A 1 27  ? 3.379   -0.728  3.427   1.00 10.45 ? 282 VAL A CG1 1 
ATOM   155 C CG2 . VAL A 1 27  ? 0.892   -0.951  3.707   1.00 11.20 ? 282 VAL A CG2 1 
ATOM   156 N N   . THR A 1 28  ? 4.730   -0.698  6.206   1.00 9.30  ? 283 THR A N   1 
ATOM   157 C CA  . THR A 1 28  ? 6.029   -0.155  6.577   1.00 10.57 ? 283 THR A CA  1 
ATOM   158 C C   . THR A 1 28  ? 7.005   -0.559  5.490   1.00 9.72  ? 283 THR A C   1 
ATOM   159 O O   . THR A 1 28  ? 7.093   -1.733  5.130   1.00 11.27 ? 283 THR A O   1 
ATOM   160 C CB  . THR A 1 28  ? 6.544   -0.702  7.918   1.00 13.61 ? 283 THR A CB  1 
ATOM   161 O OG1 . THR A 1 28  ? 5.640   -0.332  8.962   1.00 11.59 ? 283 THR A OG1 1 
ATOM   162 C CG2 . THR A 1 28  ? 7.926   -0.123  8.231   1.00 15.60 ? 283 THR A CG2 1 
ATOM   163 N N   . LEU A 1 29  ? 7.724   0.422   4.955   1.00 11.38 ? 284 LEU A N   1 
ATOM   164 C CA  . LEU A 1 29  ? 8.696   0.169   3.906   1.00 10.90 ? 284 LEU A CA  1 
ATOM   165 C C   . LEU A 1 29  ? 10.096  0.316   4.486   1.00 13.19 ? 284 LEU A C   1 
ATOM   166 O O   . LEU A 1 29  ? 10.444  1.365   5.029   1.00 13.23 ? 284 LEU A O   1 
ATOM   167 C CB  . LEU A 1 29  ? 8.516   1.165   2.759   1.00 12.91 ? 284 LEU A CB  1 
ATOM   168 C CG  . LEU A 1 29  ? 7.126   1.246   2.122   1.00 12.58 ? 284 LEU A CG  1 
ATOM   169 C CD1 . LEU A 1 29  ? 7.148   2.245   0.968   1.00 12.79 ? 284 LEU A CD1 1 
ATOM   170 C CD2 . LEU A 1 29  ? 6.714   -0.128  1.619   1.00 10.65 ? 284 LEU A CD2 1 
ATOM   171 N N   . ASN A 1 30  ? 10.888  -0.742  4.379   1.00 13.00 ? 285 ASN A N   1 
ATOM   172 C CA  . ASN A 1 30  ? 12.255  -0.724  4.879   1.00 13.92 ? 285 ASN A CA  1 
ATOM   173 C C   . ASN A 1 30  ? 13.150  -0.559  3.661   1.00 14.99 ? 285 ASN A C   1 
ATOM   174 O O   . ASN A 1 30  ? 13.471  -1.526  2.973   1.00 19.20 ? 285 ASN A O   1 
ATOM   175 C CB  . ASN A 1 30  ? 12.546  -2.031  5.612   1.00 13.67 ? 285 ASN A CB  1 
ATOM   176 C CG  . ASN A 1 30  ? 11.560  -2.288  6.740   1.00 16.04 ? 285 ASN A CG  1 
ATOM   177 O OD1 . ASN A 1 30  ? 11.486  -1.521  7.699   1.00 20.21 ? 285 ASN A OD1 1 
ATOM   178 N ND2 . ASN A 1 30  ? 10.792  -3.364  6.622   1.00 16.15 ? 285 ASN A ND2 1 
ATOM   179 N N   . LEU A 1 31  ? 13.539  0.684   3.401   1.00 15.86 ? 286 LEU A N   1 
ATOM   180 C CA  . LEU A 1 31  ? 14.355  1.017   2.243   1.00 18.38 ? 286 LEU A CA  1 
ATOM   181 C C   . LEU A 1 31  ? 15.816  1.294   2.579   1.00 19.66 ? 286 LEU A C   1 
ATOM   182 O O   . LEU A 1 31  ? 16.154  1.611   3.720   1.00 20.39 ? 286 LEU A O   1 
ATOM   183 C CB  . LEU A 1 31  ? 13.751  2.236   1.543   1.00 17.46 ? 286 LEU A CB  1 
ATOM   184 C CG  . LEU A 1 31  ? 12.227  2.177   1.375   1.00 16.63 ? 286 LEU A CG  1 
ATOM   185 C CD1 . LEU A 1 31  ? 11.725  3.446   0.711   1.00 17.20 ? 286 LEU A CD1 1 
ATOM   186 C CD2 . LEU A 1 31  ? 11.848  0.957   0.553   1.00 17.89 ? 286 LEU A CD2 1 
ATOM   187 N N   . ASP A 1 32  ? 16.672  1.185   1.569   1.00 22.32 ? 287 ASP A N   1 
ATOM   188 C CA  . ASP A 1 32  ? 18.099  1.427   1.742   1.00 24.82 ? 287 ASP A CA  1 
ATOM   189 C C   . ASP A 1 32  ? 18.431  2.893   1.476   1.00 26.68 ? 287 ASP A C   1 
ATOM   190 O O   . ASP A 1 32  ? 19.580  3.245   1.217   1.00 26.47 ? 287 ASP A O   1 
ATOM   191 C CB  . ASP A 1 32  ? 18.911  0.527   0.800   1.00 24.24 ? 287 ASP A CB  1 
ATOM   192 C CG  . ASP A 1 32  ? 18.680  0.845   -0.668  1.00 30.28 ? 287 ASP A CG  1 
ATOM   193 O OD1 . ASP A 1 32  ? 17.876  1.750   -0.971  1.00 29.48 ? 287 ASP A OD1 1 
ATOM   194 O OD2 . ASP A 1 32  ? 19.306  0.184   -1.525  1.00 27.25 ? 287 ASP A OD2 1 
ATOM   195 N N   . GLY A 1 33  ? 17.409  3.743   1.544   1.00 24.13 ? 288 GLY A N   1 
ATOM   196 C CA  . GLY A 1 33  ? 17.591  5.166   1.313   1.00 22.77 ? 288 GLY A CA  1 
ATOM   197 C C   . GLY A 1 33  ? 16.250  5.858   1.171   1.00 26.01 ? 288 GLY A C   1 
ATOM   198 O O   . GLY A 1 33  ? 15.214  5.288   1.518   1.00 21.66 ? 288 GLY A O   1 
ATOM   199 N N   . GLN A 1 34  ? 16.257  7.086   0.664   1.00 22.12 ? 289 GLN A N   1 
ATOM   200 C CA  . GLN A 1 34  ? 15.017  7.828   0.482   1.00 22.69 ? 289 GLN A CA  1 
ATOM   201 C C   . GLN A 1 34  ? 14.608  7.814   -0.984  1.00 22.36 ? 289 GLN A C   1 
ATOM   202 O O   . GLN A 1 34  ? 15.404  8.136   -1.867  1.00 24.38 ? 289 GLN A O   1 
ATOM   203 C CB  . GLN A 1 34  ? 15.187  9.265   0.979   1.00 24.20 ? 289 GLN A CB  1 
ATOM   204 C CG  . GLN A 1 34  ? 15.534  9.345   2.457   1.00 29.93 ? 289 GLN A CG  1 
ATOM   205 C CD  . GLN A 1 34  ? 15.607  10.769  2.969   1.00 36.71 ? 289 GLN A CD  1 
ATOM   206 O OE1 . GLN A 1 34  ? 16.342  11.597  2.432   1.00 44.12 ? 289 GLN A OE1 1 
ATOM   207 N NE2 . GLN A 1 34  ? 14.846  11.059  4.019   1.00 39.45 ? 289 GLN A NE2 1 
ATOM   208 N N   . TYR A 1 35  ? 13.363  7.424   -1.241  1.00 18.69 ? 290 TYR A N   1 
ATOM   209 C CA  . TYR A 1 35  ? 12.859  7.357   -2.605  1.00 17.76 ? 290 TYR A CA  1 
ATOM   210 C C   . TYR A 1 35  ? 11.421  7.834   -2.695  1.00 20.42 ? 290 TYR A C   1 
ATOM   211 O O   . TYR A 1 35  ? 10.688  7.832   -1.705  1.00 17.87 ? 290 TYR A O   1 
ATOM   212 C CB  . TYR A 1 35  ? 12.897  5.918   -3.133  1.00 20.01 ? 290 TYR A CB  1 
ATOM   213 C CG  . TYR A 1 35  ? 14.244  5.239   -3.088  1.00 18.37 ? 290 TYR A CG  1 
ATOM   214 C CD1 . TYR A 1 35  ? 14.765  4.745   -1.889  1.00 19.77 ? 290 TYR A CD1 1 
ATOM   215 C CD2 . TYR A 1 35  ? 14.995  5.076   -4.248  1.00 22.59 ? 290 TYR A CD2 1 
ATOM   216 C CE1 . TYR A 1 35  ? 16.007  4.103   -1.855  1.00 18.28 ? 290 TYR A CE1 1 
ATOM   217 C CE2 . TYR A 1 35  ? 16.230  4.439   -4.227  1.00 23.73 ? 290 TYR A CE2 1 
ATOM   218 C CZ  . TYR A 1 35  ? 16.731  3.956   -3.031  1.00 21.84 ? 290 TYR A CZ  1 
ATOM   219 O OH  . TYR A 1 35  ? 17.956  3.329   -3.023  1.00 22.21 ? 290 TYR A OH  1 
ATOM   220 N N   . ASP A 1 36  ? 11.026  8.244   -3.893  1.00 19.52 ? 291 ASP A N   1 
ATOM   221 C CA  . ASP A 1 36  ? 9.653   8.662   -4.136  1.00 22.83 ? 291 ASP A CA  1 
ATOM   222 C C   . ASP A 1 36  ? 9.061   7.333   -4.602  1.00 18.65 ? 291 ASP A C   1 
ATOM   223 O O   . ASP A 1 36  ? 8.792   7.126   -5.782  1.00 21.05 ? 291 ASP A O   1 
ATOM   224 C CB  . ASP A 1 36  ? 9.604   9.718   -5.246  1.00 23.00 ? 291 ASP A CB  1 
ATOM   225 C CG  . ASP A 1 36  ? 8.275   10.458  -5.295  1.00 31.55 ? 291 ASP A CG  1 
ATOM   226 O OD1 . ASP A 1 36  ? 8.170   11.436  -6.064  1.00 32.95 ? 291 ASP A OD1 1 
ATOM   227 O OD2 . ASP A 1 36  ? 7.336   10.065  -4.571  1.00 21.93 ? 291 ASP A OD2 1 
ATOM   228 N N   . TRP A 1 37  ? 8.898   6.428   -3.641  1.00 16.86 ? 292 TRP A N   1 
ATOM   229 C CA  . TRP A 1 37  ? 8.404   5.078   -3.879  1.00 15.63 ? 292 TRP A CA  1 
ATOM   230 C C   . TRP A 1 37  ? 6.987   4.925   -4.416  1.00 12.98 ? 292 TRP A C   1 
ATOM   231 O O   . TRP A 1 37  ? 6.224   5.881   -4.501  1.00 12.86 ? 292 TRP A O   1 
ATOM   232 C CB  . TRP A 1 37  ? 8.540   4.257   -2.592  1.00 13.83 ? 292 TRP A CB  1 
ATOM   233 C CG  . TRP A 1 37  ? 7.936   4.919   -1.386  1.00 12.49 ? 292 TRP A CG  1 
ATOM   234 C CD1 . TRP A 1 37  ? 8.591   5.645   -0.437  1.00 10.57 ? 292 TRP A CD1 1 
ATOM   235 C CD2 . TRP A 1 37  ? 6.556   4.912   -1.007  1.00 12.43 ? 292 TRP A CD2 1 
ATOM   236 N NE1 . TRP A 1 37  ? 7.705   6.089   0.519   1.00 12.20 ? 292 TRP A NE1 1 
ATOM   237 C CE2 . TRP A 1 37  ? 6.448   5.653   0.192   1.00 10.55 ? 292 TRP A CE2 1 
ATOM   238 C CE3 . TRP A 1 37  ? 5.398   4.352   -1.564  1.00 12.69 ? 292 TRP A CE3 1 
ATOM   239 C CZ2 . TRP A 1 37  ? 5.225   5.852   0.847   1.00 11.86 ? 292 TRP A CZ2 1 
ATOM   240 C CZ3 . TRP A 1 37  ? 4.180   4.548   -0.914  1.00 10.36 ? 292 TRP A CZ3 1 
ATOM   241 C CH2 . TRP A 1 37  ? 4.106   5.293   0.280   1.00 11.31 ? 292 TRP A CH2 1 
ATOM   242 N N   . THR A 1 38  ? 6.656   3.688   -4.773  1.00 13.31 ? 293 THR A N   1 
ATOM   243 C CA  . THR A 1 38  ? 5.342   3.341   -5.294  1.00 13.77 ? 293 THR A CA  1 
ATOM   244 C C   . THR A 1 38  ? 4.930   1.993   -4.722  1.00 13.98 ? 293 THR A C   1 
ATOM   245 O O   . THR A 1 38  ? 5.726   1.057   -4.710  1.00 14.38 ? 293 THR A O   1 
ATOM   246 C CB  . THR A 1 38  ? 5.362   3.210   -6.831  1.00 17.81 ? 293 THR A CB  1 
ATOM   247 O OG1 . THR A 1 38  ? 5.664   4.479   -7.417  1.00 17.93 ? 293 THR A OG1 1 
ATOM   248 C CG2 . THR A 1 38  ? 4.013   2.730   -7.346  1.00 17.02 ? 293 THR A CG2 1 
ATOM   249 N N   . VAL A 1 39  ? 3.700   1.899   -4.228  1.00 11.91 ? 294 VAL A N   1 
ATOM   250 C CA  . VAL A 1 39  ? 3.192   0.633   -3.708  1.00 8.94  ? 294 VAL A CA  1 
ATOM   251 C C   . VAL A 1 39  ? 1.899   0.360   -4.461  1.00 13.33 ? 294 VAL A C   1 
ATOM   252 O O   . VAL A 1 39  ? 0.954   1.148   -4.392  1.00 11.36 ? 294 VAL A O   1 
ATOM   253 C CB  . VAL A 1 39  ? 2.924   0.690   -2.184  1.00 8.49  ? 294 VAL A CB  1 
ATOM   254 C CG1 . VAL A 1 39  ? 2.215   -0.580  -1.730  1.00 11.98 ? 294 VAL A CG1 1 
ATOM   255 C CG2 . VAL A 1 39  ? 4.244   0.827   -1.432  1.00 11.95 ? 294 VAL A CG2 1 
ATOM   256 N N   . LYS A 1 40  ? 1.879   -0.735  -5.213  1.00 9.99  ? 295 LYS A N   1 
ATOM   257 C CA  . LYS A 1 40  ? 0.703   -1.093  -5.995  1.00 10.29 ? 295 LYS A CA  1 
ATOM   258 C C   . LYS A 1 40  ? -0.128  -2.114  -5.244  1.00 10.61 ? 295 LYS A C   1 
ATOM   259 O O   . LYS A 1 40  ? 0.388   -3.114  -4.751  1.00 12.78 ? 295 LYS A O   1 
ATOM   260 C CB  . LYS A 1 40  ? 1.121   -1.654  -7.358  1.00 14.22 ? 295 LYS A CB  1 
ATOM   261 C CG  . LYS A 1 40  ? 1.861   -0.644  -8.224  1.00 23.86 ? 295 LYS A CG  1 
ATOM   262 C CD  . LYS A 1 40  ? 2.139   -1.191  -9.615  1.00 32.59 ? 295 LYS A CD  1 
ATOM   263 C CE  . LYS A 1 40  ? 2.719   -0.107  -10.516 1.00 37.45 ? 295 LYS A CE  1 
ATOM   264 N NZ  . LYS A 1 40  ? 2.942   -0.598  -11.905 1.00 43.42 ? 295 LYS A NZ  1 
ATOM   265 N N   . VAL A 1 41  ? -1.425  -1.856  -5.168  1.00 8.79  ? 296 VAL A N   1 
ATOM   266 C CA  . VAL A 1 41  ? -2.334  -2.737  -4.458  1.00 11.33 ? 296 VAL A CA  1 
ATOM   267 C C   . VAL A 1 41  ? -3.426  -3.266  -5.374  1.00 16.55 ? 296 VAL A C   1 
ATOM   268 O O   . VAL A 1 41  ? -4.154  -2.491  -5.987  1.00 16.75 ? 296 VAL A O   1 
ATOM   269 C CB  . VAL A 1 41  ? -3.001  -1.997  -3.276  1.00 10.50 ? 296 VAL A CB  1 
ATOM   270 C CG1 . VAL A 1 41  ? -4.045  -2.886  -2.621  1.00 13.91 ? 296 VAL A CG1 1 
ATOM   271 C CG2 . VAL A 1 41  ? -1.943  -1.581  -2.254  1.00 12.10 ? 296 VAL A CG2 1 
ATOM   272 N N   . LYS A 1 42  ? -3.526  -4.588  -5.477  1.00 13.27 ? 297 LYS A N   1 
ATOM   273 C CA  . LYS A 1 42  ? -4.565  -5.194  -6.300  1.00 15.93 ? 297 LYS A CA  1 
ATOM   274 C C   . LYS A 1 42  ? -5.688  -5.554  -5.344  1.00 14.30 ? 297 LYS A C   1 
ATOM   275 O O   . LYS A 1 42  ? -5.512  -6.381  -4.448  1.00 13.23 ? 297 LYS A O   1 
ATOM   276 C CB  . LYS A 1 42  ? -4.051  -6.449  -7.011  1.00 18.73 ? 297 LYS A CB  1 
ATOM   277 C CG  . LYS A 1 42  ? -5.049  -7.032  -8.012  1.00 24.77 ? 297 LYS A CG  1 
ATOM   278 C CD  . LYS A 1 42  ? -4.515  -8.281  -8.688  1.00 31.53 ? 297 LYS A CD  1 
ATOM   279 C CE  . LYS A 1 42  ? -5.425  -8.728  -9.829  1.00 37.01 ? 297 LYS A CE  1 
ATOM   280 N NZ  . LYS A 1 42  ? -6.830  -8.956  -9.384  1.00 32.34 ? 297 LYS A NZ  1 
ATOM   281 N N   . LEU A 1 43  ? -6.836  -4.912  -5.531  1.00 14.21 ? 298 LEU A N   1 
ATOM   282 C CA  . LEU A 1 43  ? -7.993  -5.127  -4.675  1.00 14.84 ? 298 LEU A CA  1 
ATOM   283 C C   . LEU A 1 43  ? -8.769  -6.385  -5.042  1.00 15.02 ? 298 LEU A C   1 
ATOM   284 O O   . LEU A 1 43  ? -8.772  -6.812  -6.196  1.00 16.08 ? 298 LEU A O   1 
ATOM   285 C CB  . LEU A 1 43  ? -8.927  -3.919  -4.765  1.00 19.59 ? 298 LEU A CB  1 
ATOM   286 C CG  . LEU A 1 43  ? -8.319  -2.572  -4.363  1.00 17.05 ? 298 LEU A CG  1 
ATOM   287 C CD1 . LEU A 1 43  ? -9.238  -1.440  -4.794  1.00 23.27 ? 298 LEU A CD1 1 
ATOM   288 C CD2 . LEU A 1 43  ? -8.089  -2.555  -2.863  1.00 18.90 ? 298 LEU A CD2 1 
ATOM   289 N N   . ALA A 1 44  ? -9.421  -6.976  -4.050  1.00 14.86 ? 299 ALA A N   1 
ATOM   290 C CA  . ALA A 1 44  ? -10.230 -8.164  -4.287  1.00 17.79 ? 299 ALA A CA  1 
ATOM   291 C C   . ALA A 1 44  ? -11.497 -7.690  -4.990  1.00 16.74 ? 299 ALA A C   1 
ATOM   292 O O   . ALA A 1 44  ? -11.814 -6.499  -4.977  1.00 14.85 ? 299 ALA A O   1 
ATOM   293 C CB  . ALA A 1 44  ? -10.585 -8.835  -2.971  1.00 16.66 ? 299 ALA A CB  1 
ATOM   294 N N   . PRO A 1 45  ? -12.242 -8.614  -5.613  1.00 14.10 ? 300 PRO A N   1 
ATOM   295 C CA  . PRO A 1 45  ? -13.475 -8.239  -6.311  1.00 15.80 ? 300 PRO A CA  1 
ATOM   296 C C   . PRO A 1 45  ? -14.429 -7.456  -5.413  1.00 16.06 ? 300 PRO A C   1 
ATOM   297 O O   . PRO A 1 45  ? -14.669 -7.838  -4.266  1.00 16.86 ? 300 PRO A O   1 
ATOM   298 C CB  . PRO A 1 45  ? -14.055 -9.590  -6.726  1.00 16.02 ? 300 PRO A CB  1 
ATOM   299 C CG  . PRO A 1 45  ? -12.839 -10.422 -6.943  1.00 21.59 ? 300 PRO A CG  1 
ATOM   300 C CD  . PRO A 1 45  ? -11.986 -10.060 -5.746  1.00 18.42 ? 300 PRO A CD  1 
ATOM   301 N N   . GLY A 1 46  ? -14.957 -6.351  -5.935  1.00 15.40 ? 301 GLY A N   1 
ATOM   302 C CA  . GLY A 1 46  ? -15.896 -5.540  -5.179  1.00 16.57 ? 301 GLY A CA  1 
ATOM   303 C C   . GLY A 1 46  ? -15.339 -4.730  -4.021  1.00 17.17 ? 301 GLY A C   1 
ATOM   304 O O   . GLY A 1 46  ? -16.099 -4.098  -3.284  1.00 16.57 ? 301 GLY A O   1 
ATOM   305 N N   . ALA A 1 47  ? -14.021 -4.736  -3.854  1.00 14.99 ? 302 ALA A N   1 
ATOM   306 C CA  . ALA A 1 47  ? -13.396 -3.992  -2.763  1.00 16.28 ? 302 ALA A CA  1 
ATOM   307 C C   . ALA A 1 47  ? -12.963 -2.595  -3.202  1.00 14.51 ? 302 ALA A C   1 
ATOM   308 O O   . ALA A 1 47  ? -12.568 -2.387  -4.348  1.00 17.51 ? 302 ALA A O   1 
ATOM   309 C CB  . ALA A 1 47  ? -12.196 -4.768  -2.230  1.00 14.73 ? 302 ALA A CB  1 
ATOM   310 N N   . THR A 1 48  ? -13.045 -1.643  -2.278  1.00 15.35 ? 303 THR A N   1 
ATOM   311 C CA  . THR A 1 48  ? -12.652 -0.261  -2.547  1.00 17.05 ? 303 THR A CA  1 
ATOM   312 C C   . THR A 1 48  ? -11.969 0.333   -1.317  1.00 15.15 ? 303 THR A C   1 
ATOM   313 O O   . THR A 1 48  ? -12.210 -0.107  -0.191  1.00 15.81 ? 303 THR A O   1 
ATOM   314 C CB  . THR A 1 48  ? -13.872 0.616   -2.881  1.00 15.00 ? 303 THR A CB  1 
ATOM   315 O OG1 . THR A 1 48  ? -14.765 0.629   -1.763  1.00 24.90 ? 303 THR A OG1 1 
ATOM   316 C CG2 . THR A 1 48  ? -14.597 0.082   -4.106  1.00 24.58 ? 303 THR A CG2 1 
ATOM   317 N N   . VAL A 1 49  ? -11.127 1.342   -1.533  1.00 16.07 ? 304 VAL A N   1 
ATOM   318 C CA  . VAL A 1 49  ? -10.418 1.991   -0.432  1.00 13.47 ? 304 VAL A CA  1 
ATOM   319 C C   . VAL A 1 49  ? -11.286 3.065   0.223   1.00 16.12 ? 304 VAL A C   1 
ATOM   320 O O   . VAL A 1 49  ? -11.736 4.003   -0.437  1.00 18.12 ? 304 VAL A O   1 
ATOM   321 C CB  . VAL A 1 49  ? -9.101  2.629   -0.926  1.00 12.90 ? 304 VAL A CB  1 
ATOM   322 C CG1 . VAL A 1 49  ? -8.393  3.343   0.229   1.00 10.54 ? 304 VAL A CG1 1 
ATOM   323 C CG2 . VAL A 1 49  ? -8.200  1.555   -1.516  1.00 14.83 ? 304 VAL A CG2 1 
ATOM   324 N N   . GLY A 1 50  ? -11.520 2.913   1.524   1.00 13.41 ? 305 GLY A N   1 
ATOM   325 C CA  . GLY A 1 50  ? -12.340 3.855   2.265   1.00 17.17 ? 305 GLY A CA  1 
ATOM   326 C C   . GLY A 1 50  ? -11.611 5.101   2.738   1.00 17.95 ? 305 GLY A C   1 
ATOM   327 O O   . GLY A 1 50  ? -12.186 6.186   2.764   1.00 19.37 ? 305 GLY A O   1 
ATOM   328 N N   . SER A 1 51  ? -10.352 4.944   3.134   1.00 12.89 ? 306 SER A N   1 
ATOM   329 C CA  . SER A 1 51  ? -9.546  6.068   3.590   1.00 12.31 ? 306 SER A CA  1 
ATOM   330 C C   . SER A 1 51  ? -8.088  5.643   3.588   1.00 10.09 ? 306 SER A C   1 
ATOM   331 O O   . SER A 1 51  ? -7.778  4.455   3.455   1.00 11.33 ? 306 SER A O   1 
ATOM   332 C CB  . SER A 1 51  ? -9.958  6.502   5.004   1.00 11.95 ? 306 SER A CB  1 
ATOM   333 O OG  . SER A 1 51  ? -9.726  5.476   5.953   1.00 13.11 ? 306 SER A OG  1 
ATOM   334 N N   . PHE A 1 52  ? -7.194  6.616   3.722   1.00 9.50  ? 307 PHE A N   1 
ATOM   335 C CA  . PHE A 1 52  ? -5.765  6.333   3.739   1.00 10.67 ? 307 PHE A CA  1 
ATOM   336 C C   . PHE A 1 52  ? -5.031  7.496   4.398   1.00 10.79 ? 307 PHE A C   1 
ATOM   337 O O   . PHE A 1 52  ? -5.607  8.569   4.609   1.00 13.20 ? 307 PHE A O   1 
ATOM   338 C CB  . PHE A 1 52  ? -5.243  6.119   2.310   1.00 10.49 ? 307 PHE A CB  1 
ATOM   339 C CG  . PHE A 1 52  ? -5.503  7.278   1.389   1.00 9.53  ? 307 PHE A CG  1 
ATOM   340 C CD1 . PHE A 1 52  ? -6.765  7.477   0.835   1.00 10.42 ? 307 PHE A CD1 1 
ATOM   341 C CD2 . PHE A 1 52  ? -4.497  8.206   1.121   1.00 8.95  ? 307 PHE A CD2 1 
ATOM   342 C CE1 . PHE A 1 52  ? -7.027  8.587   0.030   1.00 12.26 ? 307 PHE A CE1 1 
ATOM   343 C CE2 . PHE A 1 52  ? -4.751  9.318   0.319   1.00 11.90 ? 307 PHE A CE2 1 
ATOM   344 C CZ  . PHE A 1 52  ? -6.019  9.507   -0.227  1.00 11.79 ? 307 PHE A CZ  1 
ATOM   345 N N   . TRP A 1 53  ? -3.764  7.279   4.730   1.00 10.54 ? 308 TRP A N   1 
ATOM   346 C CA  . TRP A 1 53  ? -2.966  8.318   5.372   1.00 11.56 ? 308 TRP A CA  1 
ATOM   347 C C   . TRP A 1 53  ? -1.480  8.179   5.076   1.00 10.66 ? 308 TRP A C   1 
ATOM   348 O O   . TRP A 1 53  ? -0.991  7.082   4.780   1.00 10.22 ? 308 TRP A O   1 
ATOM   349 C CB  . TRP A 1 53  ? -3.202  8.284   6.889   1.00 10.11 ? 308 TRP A CB  1 
ATOM   350 C CG  . TRP A 1 53  ? -2.986  6.927   7.502   1.00 12.08 ? 308 TRP A CG  1 
ATOM   351 C CD1 . TRP A 1 53  ? -1.812  6.417   7.989   1.00 12.11 ? 308 TRP A CD1 1 
ATOM   352 C CD2 . TRP A 1 53  ? -3.965  5.896   7.662   1.00 10.89 ? 308 TRP A CD2 1 
ATOM   353 N NE1 . TRP A 1 53  ? -2.005  5.133   8.441   1.00 11.38 ? 308 TRP A NE1 1 
ATOM   354 C CE2 . TRP A 1 53  ? -3.317  4.788   8.252   1.00 10.35 ? 308 TRP A CE2 1 
ATOM   355 C CE3 . TRP A 1 53  ? -5.332  5.801   7.362   1.00 12.73 ? 308 TRP A CE3 1 
ATOM   356 C CZ2 . TRP A 1 53  ? -3.989  3.596   8.548   1.00 12.73 ? 308 TRP A CZ2 1 
ATOM   357 C CZ3 . TRP A 1 53  ? -5.999  4.614   7.655   1.00 14.14 ? 308 TRP A CZ3 1 
ATOM   358 C CH2 . TRP A 1 53  ? -5.323  3.528   8.243   1.00 12.48 ? 308 TRP A CH2 1 
ATOM   359 N N   . SER A 1 54  ? -0.779  9.308   5.156   1.00 11.51 ? 309 SER A N   1 
ATOM   360 C CA  . SER A 1 54  ? 0.663   9.384   4.921   1.00 10.12 ? 309 SER A CA  1 
ATOM   361 C C   . SER A 1 54  ? 1.050   9.066   3.488   1.00 9.65  ? 309 SER A C   1 
ATOM   362 O O   . SER A 1 54  ? 2.206   8.754   3.202   1.00 11.52 ? 309 SER A O   1 
ATOM   363 C CB  . SER A 1 54  ? 1.404   8.448   5.874   1.00 12.77 ? 309 SER A CB  1 
ATOM   364 O OG  . SER A 1 54  ? 1.108   8.779   7.218   1.00 15.48 ? 309 SER A OG  1 
ATOM   365 N N   . ALA A 1 55  ? 0.083   9.167   2.585   1.00 9.70  ? 310 ALA A N   1 
ATOM   366 C CA  . ALA A 1 55  ? 0.337   8.881   1.184   1.00 9.62  ? 310 ALA A CA  1 
ATOM   367 C C   . ALA A 1 55  ? -0.725  9.501   0.286   1.00 8.18  ? 310 ALA A C   1 
ATOM   368 O O   . ALA A 1 55  ? -1.770  9.953   0.756   1.00 12.27 ? 310 ALA A O   1 
ATOM   369 C CB  . ALA A 1 55  ? 0.374   7.370   0.969   1.00 12.22 ? 310 ALA A CB  1 
ATOM   370 N N   . ASN A 1 56  ? -0.427  9.537   -1.008  1.00 10.41 ? 311 ASN A N   1 
ATOM   371 C CA  . ASN A 1 56  ? -1.350  10.038  -2.020  1.00 7.58  ? 311 ASN A CA  1 
ATOM   372 C C   . ASN A 1 56  ? -1.854  8.773   -2.702  1.00 11.59 ? 311 ASN A C   1 
ATOM   373 O O   . ASN A 1 56  ? -1.142  7.767   -2.736  1.00 10.93 ? 311 ASN A O   1 
ATOM   374 C CB  . ASN A 1 56  ? -0.612  10.932  -3.014  1.00 9.24  ? 311 ASN A CB  1 
ATOM   375 C CG  . ASN A 1 56  ? -0.074  12.191  -2.362  1.00 11.83 ? 311 ASN A CG  1 
ATOM   376 O OD1 . ASN A 1 56  ? 1.090   12.554  -2.541  1.00 18.49 ? 311 ASN A OD1 1 
ATOM   377 N ND2 . ASN A 1 56  ? -0.921  12.860  -1.593  1.00 9.00  ? 311 ASN A ND2 1 
ATOM   378 N N   . LYS A 1 57  ? -3.066  8.819   -3.250  1.00 8.85  ? 312 LYS A N   1 
ATOM   379 C CA  . LYS A 1 57  ? -3.657  7.635   -3.860  1.00 10.78 ? 312 LYS A CA  1 
ATOM   380 C C   . LYS A 1 57  ? -4.134  7.838   -5.289  1.00 8.39  ? 312 LYS A C   1 
ATOM   381 O O   . LYS A 1 57  ? -4.676  8.884   -5.627  1.00 11.37 ? 312 LYS A O   1 
ATOM   382 C CB  . LYS A 1 57  ? -4.852  7.173   -3.014  1.00 13.09 ? 312 LYS A CB  1 
ATOM   383 C CG  . LYS A 1 57  ? -5.603  5.966   -3.570  1.00 10.71 ? 312 LYS A CG  1 
ATOM   384 C CD  . LYS A 1 57  ? -6.929  5.719   -2.840  1.00 13.80 ? 312 LYS A CD  1 
ATOM   385 C CE  . LYS A 1 57  ? -7.964  6.801   -3.170  1.00 18.28 ? 312 LYS A CE  1 
ATOM   386 N NZ  . LYS A 1 57  ? -9.332  6.500   -2.644  1.00 22.89 ? 312 LYS A NZ  1 
ATOM   387 N N   . GLN A 1 58  ? -3.919  6.823   -6.116  1.00 9.88  ? 313 GLN A N   1 
ATOM   388 C CA  . GLN A 1 58  ? -4.388  6.826   -7.494  1.00 7.99  ? 313 GLN A CA  1 
ATOM   389 C C   . GLN A 1 58  ? -5.124  5.503   -7.608  1.00 11.05 ? 313 GLN A C   1 
ATOM   390 O O   . GLN A 1 58  ? -4.564  4.449   -7.313  1.00 12.13 ? 313 GLN A O   1 
ATOM   391 C CB  . GLN A 1 58  ? -3.232  6.865   -8.493  1.00 16.01 ? 313 GLN A CB  1 
ATOM   392 C CG  . GLN A 1 58  ? -3.728  6.859   -9.935  1.00 17.32 ? 313 GLN A CG  1 
ATOM   393 C CD  . GLN A 1 58  ? -2.627  7.084   -10.944 1.00 26.87 ? 313 GLN A CD  1 
ATOM   394 O OE1 . GLN A 1 58  ? -1.850  8.030   -10.829 1.00 35.18 ? 313 GLN A OE1 1 
ATOM   395 N NE2 . GLN A 1 58  ? -2.564  6.223   -11.954 1.00 28.29 ? 313 GLN A NE2 1 
ATOM   396 N N   . GLU A 1 59  ? -6.380  5.556   -8.032  1.00 13.02 ? 314 GLU A N   1 
ATOM   397 C CA  . GLU A 1 59  ? -7.190  4.353   -8.123  1.00 17.09 ? 314 GLU A CA  1 
ATOM   398 C C   . GLU A 1 59  ? -7.795  4.161   -9.508  1.00 25.64 ? 314 GLU A C   1 
ATOM   399 O O   . GLU A 1 59  ? -8.193  5.124   -10.170 1.00 18.01 ? 314 GLU A O   1 
ATOM   400 C CB  . GLU A 1 59  ? -8.293  4.432   -7.058  1.00 22.02 ? 314 GLU A CB  1 
ATOM   401 C CG  . GLU A 1 59  ? -8.791  3.101   -6.533  1.00 33.36 ? 314 GLU A CG  1 
ATOM   402 C CD  . GLU A 1 59  ? -9.593  3.242   -5.241  1.00 36.52 ? 314 GLU A CD  1 
ATOM   403 O OE1 . GLU A 1 59  ? -10.073 2.209   -4.719  1.00 35.57 ? 314 GLU A OE1 1 
ATOM   404 O OE2 . GLU A 1 59  ? -9.736  4.383   -4.742  1.00 29.12 ? 314 GLU A OE2 1 
ATOM   405 N N   . GLY A 1 60  ? -7.842  2.906   -9.941  1.00 31.18 ? 315 GLY A N   1 
ATOM   406 C CA  . GLY A 1 60  ? -8.402  2.565   -11.235 1.00 39.24 ? 315 GLY A CA  1 
ATOM   407 C C   . GLY A 1 60  ? -9.173  1.262   -11.115 1.00 43.38 ? 315 GLY A C   1 
ATOM   408 O O   . GLY A 1 60  ? -9.557  0.868   -10.012 1.00 46.13 ? 315 GLY A O   1 
ATOM   409 N N   . ASN A 1 61  ? -9.396  0.588   -12.238 1.00 46.48 ? 316 ASN A N   1 
ATOM   410 C CA  . ASN A 1 61  ? -10.131 -0.675  -12.233 1.00 46.43 ? 316 ASN A CA  1 
ATOM   411 C C   . ASN A 1 61  ? -9.449  -1.755  -11.394 1.00 42.48 ? 316 ASN A C   1 
ATOM   412 O O   . ASN A 1 61  ? -8.510  -2.408  -11.849 1.00 43.42 ? 316 ASN A O   1 
ATOM   413 C CB  . ASN A 1 61  ? -10.311 -1.188  -13.667 1.00 54.73 ? 316 ASN A CB  1 
ATOM   414 C CG  . ASN A 1 61  ? -11.168 -0.267  -14.517 1.00 59.35 ? 316 ASN A CG  1 
ATOM   415 O OD1 . ASN A 1 61  ? -11.446 -0.561  -15.681 1.00 63.78 ? 316 ASN A OD1 1 
ATOM   416 N ND2 . ASN A 1 61  ? -11.589 0.853   -13.941 1.00 64.03 ? 316 ASN A ND2 1 
ATOM   417 N N   . GLY A 1 62  ? -9.925  -1.934  -10.164 1.00 37.82 ? 317 GLY A N   1 
ATOM   418 C CA  . GLY A 1 62  ? -9.370  -2.947  -9.282  1.00 32.56 ? 317 GLY A CA  1 
ATOM   419 C C   . GLY A 1 62  ? -7.928  -2.762  -8.839  1.00 33.02 ? 317 GLY A C   1 
ATOM   420 O O   . GLY A 1 62  ? -7.353  -3.652  -8.214  1.00 27.95 ? 317 GLY A O   1 
ATOM   421 N N   . TYR A 1 63  ? -7.336  -1.616  -9.154  1.00 28.22 ? 318 TYR A N   1 
ATOM   422 C CA  . TYR A 1 63  ? -5.955  -1.351  -8.767  1.00 27.21 ? 318 TYR A CA  1 
ATOM   423 C C   . TYR A 1 63  ? -5.829  -0.028  -8.029  1.00 25.70 ? 318 TYR A C   1 
ATOM   424 O O   . TYR A 1 63  ? -6.566  0.918   -8.302  1.00 28.14 ? 318 TYR A O   1 
ATOM   425 C CB  . TYR A 1 63  ? -5.045  -1.330  -9.998  1.00 33.50 ? 318 TYR A CB  1 
ATOM   426 C CG  . TYR A 1 63  ? -4.508  -2.687  -10.398 1.00 49.37 ? 318 TYR A CG  1 
ATOM   427 C CD1 . TYR A 1 63  ? -3.649  -3.396  -9.556  1.00 53.03 ? 318 TYR A CD1 1 
ATOM   428 C CD2 . TYR A 1 63  ? -4.849  -3.261  -11.624 1.00 52.73 ? 318 TYR A CD2 1 
ATOM   429 C CE1 . TYR A 1 63  ? -3.139  -4.643  -9.926  1.00 53.59 ? 318 TYR A CE1 1 
ATOM   430 C CE2 . TYR A 1 63  ? -4.346  -4.507  -12.002 1.00 53.65 ? 318 TYR A CE2 1 
ATOM   431 C CZ  . TYR A 1 63  ? -3.493  -5.191  -11.150 1.00 54.33 ? 318 TYR A CZ  1 
ATOM   432 O OH  . TYR A 1 63  ? -2.992  -6.419  -11.521 1.00 56.84 ? 318 TYR A OH  1 
ATOM   433 N N   . VAL A 1 64  ? -4.896  0.028   -7.087  1.00 11.78 ? 319 VAL A N   1 
ATOM   434 C CA  . VAL A 1 64  ? -4.658  1.243   -6.324  1.00 11.59 ? 319 VAL A CA  1 
ATOM   435 C C   . VAL A 1 64  ? -3.153  1.443   -6.246  1.00 13.55 ? 319 VAL A C   1 
ATOM   436 O O   . VAL A 1 64  ? -2.403  0.489   -6.040  1.00 14.48 ? 319 VAL A O   1 
ATOM   437 C CB  . VAL A 1 64  ? -5.219  1.139   -4.889  1.00 16.71 ? 319 VAL A CB  1 
ATOM   438 C CG1 . VAL A 1 64  ? -4.999  2.450   -4.146  1.00 13.64 ? 319 VAL A CG1 1 
ATOM   439 C CG2 . VAL A 1 64  ? -6.693  0.793   -4.934  1.00 20.60 ? 319 VAL A CG2 1 
ATOM   440 N N   . ILE A 1 65  ? -2.713  2.682   -6.421  1.00 10.23 ? 320 ILE A N   1 
ATOM   441 C CA  . ILE A 1 65  ? -1.294  2.996   -6.365  1.00 8.35  ? 320 ILE A CA  1 
ATOM   442 C C   . ILE A 1 65  ? -1.074  4.042   -5.290  1.00 11.38 ? 320 ILE A C   1 
ATOM   443 O O   . ILE A 1 65  ? -1.662  5.121   -5.335  1.00 11.62 ? 320 ILE A O   1 
ATOM   444 C CB  . ILE A 1 65  ? -0.783  3.558   -7.712  1.00 10.57 ? 320 ILE A CB  1 
ATOM   445 C CG1 . ILE A 1 65  ? -1.017  2.536   -8.826  1.00 16.60 ? 320 ILE A CG1 1 
ATOM   446 C CG2 . ILE A 1 65  ? 0.698   3.905   -7.606  1.00 10.95 ? 320 ILE A CG2 1 
ATOM   447 C CD1 . ILE A 1 65  ? -0.620  3.036   -10.194 1.00 23.98 ? 320 ILE A CD1 1 
ATOM   448 N N   . PHE A 1 66  ? -0.233  3.715   -4.315  1.00 9.70  ? 321 PHE A N   1 
ATOM   449 C CA  . PHE A 1 66  ? 0.073   4.646   -3.243  1.00 9.00  ? 321 PHE A CA  1 
ATOM   450 C C   . PHE A 1 66  ? 1.478   5.201   -3.436  1.00 10.34 ? 321 PHE A C   1 
ATOM   451 O O   . PHE A 1 66  ? 2.405   4.467   -3.777  1.00 12.53 ? 321 PHE A O   1 
ATOM   452 C CB  . PHE A 1 66  ? -0.021  3.949   -1.882  1.00 11.10 ? 321 PHE A CB  1 
ATOM   453 C CG  . PHE A 1 66  ? -1.426  3.669   -1.440  1.00 10.11 ? 321 PHE A CG  1 
ATOM   454 C CD1 . PHE A 1 66  ? -2.263  4.710   -1.047  1.00 8.67  ? 321 PHE A CD1 1 
ATOM   455 C CD2 . PHE A 1 66  ? -1.918  2.365   -1.418  1.00 12.94 ? 321 PHE A CD2 1 
ATOM   456 C CE1 . PHE A 1 66  ? -3.571  4.459   -0.637  1.00 9.91  ? 321 PHE A CE1 1 
ATOM   457 C CE2 . PHE A 1 66  ? -3.226  2.101   -1.010  1.00 11.09 ? 321 PHE A CE2 1 
ATOM   458 C CZ  . PHE A 1 66  ? -4.054  3.149   -0.618  1.00 10.18 ? 321 PHE A CZ  1 
ATOM   459 N N   . THR A 1 67  ? 1.611   6.506   -3.238  1.00 8.54  ? 322 THR A N   1 
ATOM   460 C CA  . THR A 1 67  ? 2.888   7.195   -3.357  1.00 9.80  ? 322 THR A CA  1 
ATOM   461 C C   . THR A 1 67  ? 3.044   8.060   -2.111  1.00 10.89 ? 322 THR A C   1 
ATOM   462 O O   . THR A 1 67  ? 2.058   8.434   -1.478  1.00 11.65 ? 322 THR A O   1 
ATOM   463 C CB  . THR A 1 67  ? 2.935   8.060   -4.622  1.00 9.91  ? 322 THR A CB  1 
ATOM   464 O OG1 . THR A 1 67  ? 1.758   8.872   -4.690  1.00 10.75 ? 322 THR A OG1 1 
ATOM   465 C CG2 . THR A 1 67  ? 3.021   7.169   -5.862  1.00 11.94 ? 322 THR A CG2 1 
ATOM   466 N N   . PRO A 1 68  ? 4.285   8.400   -1.746  1.00 12.11 ? 323 PRO A N   1 
ATOM   467 C CA  . PRO A 1 68  ? 4.493   9.213   -0.548  1.00 12.11 ? 323 PRO A CA  1 
ATOM   468 C C   . PRO A 1 68  ? 4.186   10.694  -0.591  1.00 12.33 ? 323 PRO A C   1 
ATOM   469 O O   . PRO A 1 68  ? 4.293   11.341  -1.631  1.00 14.14 ? 323 PRO A O   1 
ATOM   470 C CB  . PRO A 1 68  ? 5.965   8.977   -0.232  1.00 13.92 ? 323 PRO A CB  1 
ATOM   471 C CG  . PRO A 1 68  ? 6.567   8.873   -1.608  1.00 10.46 ? 323 PRO A CG  1 
ATOM   472 C CD  . PRO A 1 68  ? 5.572   7.973   -2.325  1.00 9.71  ? 323 PRO A CD  1 
ATOM   473 N N   . VAL A 1 69  ? 3.788   11.217  0.563   1.00 14.53 ? 324 VAL A N   1 
ATOM   474 C CA  . VAL A 1 69  ? 3.578   12.642  0.702   1.00 13.33 ? 324 VAL A CA  1 
ATOM   475 C C   . VAL A 1 69  ? 5.026   13.099  0.941   1.00 13.52 ? 324 VAL A C   1 
ATOM   476 O O   . VAL A 1 69  ? 5.880   12.283  1.289   1.00 16.95 ? 324 VAL A O   1 
ATOM   477 C CB  . VAL A 1 69  ? 2.670   12.978  1.905   1.00 10.70 ? 324 VAL A CB  1 
ATOM   478 C CG1 . VAL A 1 69  ? 1.222   12.643  1.560   1.00 16.19 ? 324 VAL A CG1 1 
ATOM   479 C CG2 . VAL A 1 69  ? 3.113   12.206  3.135   1.00 14.82 ? 324 VAL A CG2 1 
ATOM   480 N N   . SER A 1 70  ? 5.302   14.384  0.752   1.00 18.31 ? 325 SER A N   1 
ATOM   481 C CA  . SER A 1 70  ? 6.662   14.923  0.874   1.00 20.20 ? 325 SER A CA  1 
ATOM   482 C C   . SER A 1 70  ? 7.599   14.421  1.977   1.00 17.47 ? 325 SER A C   1 
ATOM   483 O O   . SER A 1 70  ? 8.771   14.161  1.712   1.00 21.30 ? 325 SER A O   1 
ATOM   484 C CB  . SER A 1 70  ? 6.608   16.455  0.936   1.00 20.70 ? 325 SER A CB  1 
ATOM   485 O OG  . SER A 1 70  ? 5.991   16.902  2.129   1.00 24.58 ? 325 SER A OG  1 
ATOM   486 N N   . TRP A 1 71  ? 7.097   14.280  3.199   1.00 17.40 ? 326 TRP A N   1 
ATOM   487 C CA  . TRP A 1 71  ? 7.933   13.855  4.326   1.00 21.21 ? 326 TRP A CA  1 
ATOM   488 C C   . TRP A 1 71  ? 8.076   12.350  4.552   1.00 19.89 ? 326 TRP A C   1 
ATOM   489 O O   . TRP A 1 71  ? 8.814   11.921  5.441   1.00 21.62 ? 326 TRP A O   1 
ATOM   490 C CB  . TRP A 1 71  ? 7.386   14.463  5.618   1.00 20.94 ? 326 TRP A CB  1 
ATOM   491 C CG  . TRP A 1 71  ? 5.944   14.103  5.865   1.00 19.19 ? 326 TRP A CG  1 
ATOM   492 C CD1 . TRP A 1 71  ? 4.845   14.837  5.519   1.00 21.66 ? 326 TRP A CD1 1 
ATOM   493 C CD2 . TRP A 1 71  ? 5.445   12.890  6.450   1.00 19.48 ? 326 TRP A CD2 1 
ATOM   494 N NE1 . TRP A 1 71  ? 3.696   14.160  5.849   1.00 20.59 ? 326 TRP A NE1 1 
ATOM   495 C CE2 . TRP A 1 71  ? 4.034   12.962  6.421   1.00 21.01 ? 326 TRP A CE2 1 
ATOM   496 C CE3 . TRP A 1 71  ? 6.054   11.749  6.993   1.00 18.62 ? 326 TRP A CE3 1 
ATOM   497 C CZ2 . TRP A 1 71  ? 3.220   11.934  6.914   1.00 21.61 ? 326 TRP A CZ2 1 
ATOM   498 C CZ3 . TRP A 1 71  ? 5.243   10.726  7.482   1.00 22.31 ? 326 TRP A CZ3 1 
ATOM   499 C CH2 . TRP A 1 71  ? 3.840   10.829  7.438   1.00 21.14 ? 326 TRP A CH2 1 
ATOM   500 N N   . ASN A 1 72  ? 7.392   11.552  3.745   1.00 17.87 ? 327 ASN A N   1 
ATOM   501 C CA  . ASN A 1 72  ? 7.393   10.104  3.927   1.00 15.04 ? 327 ASN A CA  1 
ATOM   502 C C   . ASN A 1 72  ? 8.186   9.320   2.878   1.00 15.89 ? 327 ASN A C   1 
ATOM   503 O O   . ASN A 1 72  ? 7.699   8.314   2.363   1.00 16.48 ? 327 ASN A O   1 
ATOM   504 C CB  . ASN A 1 72  ? 5.933   9.637   3.923   1.00 13.52 ? 327 ASN A CB  1 
ATOM   505 C CG  . ASN A 1 72  ? 5.734   8.302   4.599   1.00 15.11 ? 327 ASN A CG  1 
ATOM   506 O OD1 . ASN A 1 72  ? 4.685   7.671   4.442   1.00 15.59 ? 327 ASN A OD1 1 
ATOM   507 N ND2 . ASN A 1 72  ? 6.721   7.871   5.372   1.00 11.20 ? 327 ASN A ND2 1 
ATOM   508 N N   . LYS A 1 73  ? 9.411   9.747   2.577   1.00 17.75 ? 328 LYS A N   1 
ATOM   509 C CA  . LYS A 1 73  ? 10.197  9.055   1.558   1.00 18.01 ? 328 LYS A CA  1 
ATOM   510 C C   . LYS A 1 73  ? 11.205  8.017   2.057   1.00 15.77 ? 328 LYS A C   1 
ATOM   511 O O   . LYS A 1 73  ? 11.953  7.448   1.260   1.00 19.56 ? 328 LYS A O   1 
ATOM   512 C CB  . LYS A 1 73  ? 10.902  10.077  0.661   1.00 24.23 ? 328 LYS A CB  1 
ATOM   513 C CG  . LYS A 1 73  ? 9.931   10.963  -0.120  1.00 23.58 ? 328 LYS A CG  1 
ATOM   514 C CD  . LYS A 1 73  ? 10.652  11.850  -1.121  1.00 34.63 ? 328 LYS A CD  1 
ATOM   515 C CE  . LYS A 1 73  ? 9.668   12.728  -1.882  1.00 37.21 ? 328 LYS A CE  1 
ATOM   516 N NZ  . LYS A 1 73  ? 10.347  13.520  -2.946  1.00 44.11 ? 328 LYS A NZ  1 
ATOM   517 N N   . GLY A 1 74  ? 11.218  7.760   3.360   1.00 16.44 ? 329 GLY A N   1 
ATOM   518 C CA  . GLY A 1 74  ? 12.134  6.766   3.896   1.00 17.59 ? 329 GLY A CA  1 
ATOM   519 C C   . GLY A 1 74  ? 13.244  7.355   4.744   1.00 23.04 ? 329 GLY A C   1 
ATOM   520 O O   . GLY A 1 74  ? 13.200  8.539   5.074   1.00 20.93 ? 329 GLY A O   1 
ATOM   521 N N   . PRO A 1 75  ? 14.266  6.559   5.102   1.00 22.55 ? 330 PRO A N   1 
ATOM   522 C CA  . PRO A 1 75  ? 14.441  5.142   4.759   1.00 21.50 ? 330 PRO A CA  1 
ATOM   523 C C   . PRO A 1 75  ? 13.371  4.197   5.311   1.00 18.16 ? 330 PRO A C   1 
ATOM   524 O O   . PRO A 1 75  ? 13.163  3.111   4.773   1.00 22.35 ? 330 PRO A O   1 
ATOM   525 C CB  . PRO A 1 75  ? 15.835  4.828   5.303   1.00 19.56 ? 330 PRO A CB  1 
ATOM   526 C CG  . PRO A 1 75  ? 15.934  5.735   6.490   1.00 24.64 ? 330 PRO A CG  1 
ATOM   527 C CD  . PRO A 1 75  ? 15.381  7.029   5.942   1.00 23.39 ? 330 PRO A CD  1 
ATOM   528 N N   . THR A 1 76  ? 12.706  4.601   6.389   1.00 18.69 ? 331 THR A N   1 
ATOM   529 C CA  . THR A 1 76  ? 11.644  3.783   6.972   1.00 19.40 ? 331 THR A CA  1 
ATOM   530 C C   . THR A 1 76  ? 10.327  4.534   6.831   1.00 21.52 ? 331 THR A C   1 
ATOM   531 O O   . THR A 1 76  ? 9.967   5.345   7.683   1.00 25.01 ? 331 THR A O   1 
ATOM   532 C CB  . THR A 1 76  ? 11.892  3.497   8.463   1.00 25.66 ? 331 THR A CB  1 
ATOM   533 O OG1 . THR A 1 76  ? 13.104  2.746   8.608   1.00 20.32 ? 331 THR A OG1 1 
ATOM   534 C CG2 . THR A 1 76  ? 10.737  2.699   9.052   1.00 26.12 ? 331 THR A CG2 1 
ATOM   535 N N   . ALA A 1 77  ? 9.613   4.268   5.745   1.00 16.22 ? 332 ALA A N   1 
ATOM   536 C CA  . ALA A 1 77  ? 8.345   4.941   5.506   1.00 13.27 ? 332 ALA A CA  1 
ATOM   537 C C   . ALA A 1 77  ? 7.179   4.111   6.013   1.00 16.83 ? 332 ALA A C   1 
ATOM   538 O O   . ALA A 1 77  ? 7.205   2.883   5.949   1.00 15.89 ? 332 ALA A O   1 
ATOM   539 C CB  . ALA A 1 77  ? 8.175   5.223   4.015   1.00 11.93 ? 332 ALA A CB  1 
ATOM   540 N N   . THR A 1 78  ? 6.162   4.792   6.526   1.00 12.70 ? 333 THR A N   1 
ATOM   541 C CA  . THR A 1 78  ? 4.974   4.119   7.027   1.00 10.16 ? 333 THR A CA  1 
ATOM   542 C C   . THR A 1 78  ? 3.729   4.843   6.537   1.00 12.24 ? 333 THR A C   1 
ATOM   543 O O   . THR A 1 78  ? 3.679   6.074   6.501   1.00 12.19 ? 333 THR A O   1 
ATOM   544 C CB  . THR A 1 78  ? 4.943   4.087   8.567   1.00 16.86 ? 333 THR A CB  1 
ATOM   545 O OG1 . THR A 1 78  ? 4.996   5.427   9.074   1.00 17.12 ? 333 THR A OG1 1 
ATOM   546 C CG2 . THR A 1 78  ? 6.126   3.289   9.105   1.00 14.13 ? 333 THR A CG2 1 
ATOM   547 N N   . PHE A 1 79  ? 2.727   4.070   6.139   1.00 12.03 ? 334 PHE A N   1 
ATOM   548 C CA  . PHE A 1 79  ? 1.473   4.638   5.673   1.00 9.07  ? 334 PHE A CA  1 
ATOM   549 C C   . PHE A 1 79  ? 0.437   3.538   5.816   1.00 10.26 ? 334 PHE A C   1 
ATOM   550 O O   . PHE A 1 79  ? 0.777   2.388   6.119   1.00 9.17  ? 334 PHE A O   1 
ATOM   551 C CB  . PHE A 1 79  ? 1.590   5.119   4.213   1.00 7.75  ? 334 PHE A CB  1 
ATOM   552 C CG  . PHE A 1 79  ? 1.603   4.013   3.191   1.00 9.35  ? 334 PHE A CG  1 
ATOM   553 C CD1 . PHE A 1 79  ? 0.421   3.599   2.581   1.00 10.34 ? 334 PHE A CD1 1 
ATOM   554 C CD2 . PHE A 1 79  ? 2.796   3.399   2.823   1.00 10.36 ? 334 PHE A CD2 1 
ATOM   555 C CE1 . PHE A 1 79  ? 0.430   2.588   1.616   1.00 11.15 ? 334 PHE A CE1 1 
ATOM   556 C CE2 . PHE A 1 79  ? 2.815   2.388   1.860   1.00 12.80 ? 334 PHE A CE2 1 
ATOM   557 C CZ  . PHE A 1 79  ? 1.629   1.982   1.257   1.00 14.52 ? 334 PHE A CZ  1 
ATOM   558 N N   . GLY A 1 80  ? -0.827  3.881   5.627   1.00 7.96  ? 335 GLY A N   1 
ATOM   559 C CA  . GLY A 1 80  ? -1.850  2.869   5.766   1.00 7.00  ? 335 GLY A CA  1 
ATOM   560 C C   . GLY A 1 80  ? -3.135  3.225   5.061   1.00 7.35  ? 335 GLY A C   1 
ATOM   561 O O   . GLY A 1 80  ? -3.321  4.350   4.602   1.00 8.64  ? 335 GLY A O   1 
ATOM   562 N N   . PHE A 1 81  ? -4.029  2.249   4.981   1.00 8.42  ? 336 PHE A N   1 
ATOM   563 C CA  . PHE A 1 81  ? -5.307  2.458   4.326   1.00 9.20  ? 336 PHE A CA  1 
ATOM   564 C C   . PHE A 1 81  ? -6.310  1.425   4.795   1.00 9.15  ? 336 PHE A C   1 
ATOM   565 O O   . PHE A 1 81  ? -5.944  0.390   5.356   1.00 10.25 ? 336 PHE A O   1 
ATOM   566 C CB  . PHE A 1 81  ? -5.138  2.394   2.800   1.00 8.83  ? 336 PHE A CB  1 
ATOM   567 C CG  . PHE A 1 81  ? -4.512  1.118   2.301   1.00 8.61  ? 336 PHE A CG  1 
ATOM   568 C CD1 . PHE A 1 81  ? -5.304  0.072   1.839   1.00 9.12  ? 336 PHE A CD1 1 
ATOM   569 C CD2 . PHE A 1 81  ? -3.125  0.964   2.288   1.00 10.38 ? 336 PHE A CD2 1 
ATOM   570 C CE1 . PHE A 1 81  ? -4.728  -1.109  1.371   1.00 11.28 ? 336 PHE A CE1 1 
ATOM   571 C CE2 . PHE A 1 81  ? -2.542  -0.214  1.820   1.00 7.51  ? 336 PHE A CE2 1 
ATOM   572 C CZ  . PHE A 1 81  ? -3.347  -1.252  1.361   1.00 10.78 ? 336 PHE A CZ  1 
ATOM   573 N N   . ILE A 1 82  ? -7.582  1.731   4.578   1.00 10.04 ? 337 ILE A N   1 
ATOM   574 C CA  . ILE A 1 82  ? -8.665  0.843   4.964   1.00 12.96 ? 337 ILE A CA  1 
ATOM   575 C C   . ILE A 1 82  ? -9.388  0.433   3.694   1.00 11.66 ? 337 ILE A C   1 
ATOM   576 O O   . ILE A 1 82  ? -9.637  1.258   2.814   1.00 13.64 ? 337 ILE A O   1 
ATOM   577 C CB  . ILE A 1 82  ? -9.638  1.560   5.929   1.00 16.03 ? 337 ILE A CB  1 
ATOM   578 C CG1 . ILE A 1 82  ? -8.942  1.780   7.279   1.00 18.53 ? 337 ILE A CG1 1 
ATOM   579 C CG2 . ILE A 1 82  ? -10.923 0.753   6.083   1.00 15.72 ? 337 ILE A CG2 1 
ATOM   580 C CD1 . ILE A 1 82  ? -9.780  2.529   8.298   1.00 25.22 ? 337 ILE A CD1 1 
ATOM   581 N N   . VAL A 1 83  ? -9.699  -0.852  3.588   1.00 13.43 ? 338 VAL A N   1 
ATOM   582 C CA  . VAL A 1 83  ? -10.384 -1.364  2.414   1.00 14.43 ? 338 VAL A CA  1 
ATOM   583 C C   . VAL A 1 83  ? -11.712 -1.972  2.822   1.00 13.35 ? 338 VAL A C   1 
ATOM   584 O O   . VAL A 1 83  ? -11.781 -2.760  3.766   1.00 14.96 ? 338 VAL A O   1 
ATOM   585 C CB  . VAL A 1 83  ? -9.541  -2.447  1.698   1.00 13.36 ? 338 VAL A CB  1 
ATOM   586 C CG1 . VAL A 1 83  ? -10.277 -2.951  0.464   1.00 11.36 ? 338 VAL A CG1 1 
ATOM   587 C CG2 . VAL A 1 83  ? -8.189  -1.880  1.299   1.00 14.71 ? 338 VAL A CG2 1 
ATOM   588 N N   . ASN A 1 84  ? -12.765 -1.589  2.112   1.00 12.72 ? 339 ASN A N   1 
ATOM   589 C CA  . ASN A 1 84  ? -14.096 -2.109  2.384   1.00 16.15 ? 339 ASN A CA  1 
ATOM   590 C C   . ASN A 1 84  ? -14.461 -3.042  1.245   1.00 16.93 ? 339 ASN A C   1 
ATOM   591 O O   . ASN A 1 84  ? -14.087 -2.806  0.099   1.00 18.20 ? 339 ASN A O   1 
ATOM   592 C CB  . ASN A 1 84  ? -15.110 -0.965  2.463   1.00 17.42 ? 339 ASN A CB  1 
ATOM   593 C CG  . ASN A 1 84  ? -14.789 0.024   3.569   1.00 18.44 ? 339 ASN A CG  1 
ATOM   594 O OD1 . ASN A 1 84  ? -14.578 1.214   3.313   1.00 24.15 ? 339 ASN A OD1 1 
ATOM   595 N ND2 . ASN A 1 84  ? -14.751 -0.458  4.806   1.00 17.27 ? 339 ASN A ND2 1 
ATOM   596 N N   . GLY A 1 85  ? -15.186 -4.111  1.552   1.00 17.07 ? 340 GLY A N   1 
ATOM   597 C CA  . GLY A 1 85  ? -15.564 -5.030  0.500   1.00 17.72 ? 340 GLY A CA  1 
ATOM   598 C C   . GLY A 1 85  ? -16.199 -6.306  1.005   1.00 15.57 ? 340 GLY A C   1 
ATOM   599 O O   . GLY A 1 85  ? -16.572 -6.403  2.175   1.00 15.87 ? 340 GLY A O   1 
ATOM   600 N N   . PRO A 1 86  ? -16.328 -7.310  0.130   1.00 17.13 ? 341 PRO A N   1 
ATOM   601 C CA  . PRO A 1 86  ? -16.927 -8.602  0.482   1.00 15.26 ? 341 PRO A CA  1 
ATOM   602 C C   . PRO A 1 86  ? -16.140 -9.312  1.578   1.00 18.10 ? 341 PRO A C   1 
ATOM   603 O O   . PRO A 1 86  ? -14.932 -9.118  1.707   1.00 17.02 ? 341 PRO A O   1 
ATOM   604 C CB  . PRO A 1 86  ? -16.876 -9.378  -0.833  1.00 15.69 ? 341 PRO A CB  1 
ATOM   605 C CG  . PRO A 1 86  ? -16.890 -8.303  -1.881  1.00 18.85 ? 341 PRO A CG  1 
ATOM   606 C CD  . PRO A 1 86  ? -15.953 -7.280  -1.293  1.00 18.02 ? 341 PRO A CD  1 
ATOM   607 N N   . GLN A 1 87  ? -16.831 -10.129 2.366   1.00 16.79 ? 342 GLN A N   1 
ATOM   608 C CA  . GLN A 1 87  ? -16.180 -10.897 3.423   1.00 17.48 ? 342 GLN A CA  1 
ATOM   609 C C   . GLN A 1 87  ? -15.076 -11.713 2.753   1.00 16.76 ? 342 GLN A C   1 
ATOM   610 O O   . GLN A 1 87  ? -15.261 -12.226 1.649   1.00 18.64 ? 342 GLN A O   1 
ATOM   611 C CB  . GLN A 1 87  ? -17.193 -11.829 4.092   1.00 19.56 ? 342 GLN A CB  1 
ATOM   612 C CG  . GLN A 1 87  ? -16.595 -12.775 5.117   1.00 26.65 ? 342 GLN A CG  1 
ATOM   613 C CD  . GLN A 1 87  ? -17.631 -13.699 5.722   1.00 28.99 ? 342 GLN A CD  1 
ATOM   614 O OE1 . GLN A 1 87  ? -18.515 -13.262 6.461   1.00 24.49 ? 342 GLN A OE1 1 
ATOM   615 N NE2 . GLN A 1 87  ? -17.534 -14.988 5.403   1.00 28.98 ? 342 GLN A NE2 1 
ATOM   616 N N   . GLY A 1 88  ? -13.935 -11.830 3.423   1.00 15.42 ? 343 GLY A N   1 
ATOM   617 C CA  . GLY A 1 88  ? -12.804 -12.549 2.861   1.00 14.83 ? 343 GLY A CA  1 
ATOM   618 C C   . GLY A 1 88  ? -11.690 -11.538 2.639   1.00 13.80 ? 343 GLY A C   1 
ATOM   619 O O   . GLY A 1 88  ? -11.893 -10.349 2.886   1.00 17.69 ? 343 GLY A O   1 
ATOM   620 N N   . ASP A 1 89  ? -10.526 -11.985 2.177   1.00 16.72 ? 344 ASP A N   1 
ATOM   621 C CA  . ASP A 1 89  ? -9.411  -11.063 1.950   1.00 14.63 ? 344 ASP A CA  1 
ATOM   622 C C   . ASP A 1 89  ? -9.839  -9.902  1.058   1.00 19.92 ? 344 ASP A C   1 
ATOM   623 O O   . ASP A 1 89  ? -10.390 -10.111 -0.024  1.00 17.10 ? 344 ASP A O   1 
ATOM   624 C CB  . ASP A 1 89  ? -8.227  -11.791 1.311   1.00 16.35 ? 344 ASP A CB  1 
ATOM   625 C CG  . ASP A 1 89  ? -7.636  -12.847 2.221   1.00 28.68 ? 344 ASP A CG  1 
ATOM   626 O OD1 . ASP A 1 89  ? -7.666  -12.651 3.454   1.00 27.40 ? 344 ASP A OD1 1 
ATOM   627 O OD2 . ASP A 1 89  ? -7.129  -13.863 1.704   1.00 35.97 ? 344 ASP A OD2 1 
ATOM   628 N N   . LYS A 1 90  ? -9.577  -8.682  1.523   1.00 18.08 ? 345 LYS A N   1 
ATOM   629 C CA  . LYS A 1 90  ? -9.941  -7.469  0.796   1.00 17.42 ? 345 LYS A CA  1 
ATOM   630 C C   . LYS A 1 90  ? -8.904  -7.093  -0.253  1.00 15.04 ? 345 LYS A C   1 
ATOM   631 O O   . LYS A 1 90  ? -9.199  -6.364  -1.201  1.00 14.32 ? 345 LYS A O   1 
ATOM   632 C CB  . LYS A 1 90  ? -10.096 -6.304  1.780   1.00 16.14 ? 345 LYS A CB  1 
ATOM   633 C CG  . LYS A 1 90  ? -11.052 -6.573  2.930   1.00 19.21 ? 345 LYS A CG  1 
ATOM   634 C CD  . LYS A 1 90  ? -12.481 -6.715  2.437   1.00 17.64 ? 345 LYS A CD  1 
ATOM   635 C CE  . LYS A 1 90  ? -13.439 -6.998  3.587   1.00 18.58 ? 345 LYS A CE  1 
ATOM   636 N NZ  . LYS A 1 90  ? -13.134 -8.290  4.261   1.00 18.78 ? 345 LYS A NZ  1 
ATOM   637 N N   . VAL A 1 91  ? -7.683  -7.587  -0.069  1.00 15.80 ? 346 VAL A N   1 
ATOM   638 C CA  . VAL A 1 91  ? -6.584  -7.296  -0.979  1.00 15.97 ? 346 VAL A CA  1 
ATOM   639 C C   . VAL A 1 91  ? -5.931  -8.584  -1.462  1.00 18.04 ? 346 VAL A C   1 
ATOM   640 O O   . VAL A 1 91  ? -5.773  -9.532  -0.694  1.00 18.83 ? 346 VAL A O   1 
ATOM   641 C CB  . VAL A 1 91  ? -5.531  -6.408  -0.275  1.00 17.28 ? 346 VAL A CB  1 
ATOM   642 C CG1 . VAL A 1 91  ? -4.308  -6.238  -1.149  1.00 14.07 ? 346 VAL A CG1 1 
ATOM   643 C CG2 . VAL A 1 91  ? -6.143  -5.055  0.054   1.00 13.58 ? 346 VAL A CG2 1 
ATOM   644 N N   . GLU A 1 92  ? -5.552  -8.616  -2.735  1.00 15.96 ? 347 GLU A N   1 
ATOM   645 C CA  . GLU A 1 92  ? -4.927  -9.801  -3.313  1.00 18.19 ? 347 GLU A CA  1 
ATOM   646 C C   . GLU A 1 92  ? -3.416  -9.666  -3.398  1.00 15.75 ? 347 GLU A C   1 
ATOM   647 O O   . GLU A 1 92  ? -2.689  -10.659 -3.327  1.00 16.65 ? 347 GLU A O   1 
ATOM   648 C CB  . GLU A 1 92  ? -5.486  -10.065 -4.712  1.00 20.16 ? 347 GLU A CB  1 
ATOM   649 C CG  . GLU A 1 92  ? -7.002  -10.069 -4.774  1.00 19.99 ? 347 GLU A CG  1 
ATOM   650 C CD  . GLU A 1 92  ? -7.525  -10.505 -6.123  1.00 26.75 ? 347 GLU A CD  1 
ATOM   651 O OE1 . GLU A 1 92  ? -6.757  -10.435 -7.108  1.00 26.64 ? 347 GLU A OE1 1 
ATOM   652 O OE2 . GLU A 1 92  ? -8.706  -10.905 -6.199  1.00 25.55 ? 347 GLU A OE2 1 
ATOM   653 N N   . GLU A 1 93  ? -2.944  -8.435  -3.551  1.00 15.59 ? 348 GLU A N   1 
ATOM   654 C CA  . GLU A 1 93  ? -1.513  -8.204  -3.660  1.00 15.26 ? 348 GLU A CA  1 
ATOM   655 C C   . GLU A 1 93  ? -1.110  -6.793  -3.253  1.00 14.51 ? 348 GLU A C   1 
ATOM   656 O O   . GLU A 1 93  ? -1.824  -5.829  -3.522  1.00 13.39 ? 348 GLU A O   1 
ATOM   657 C CB  . GLU A 1 93  ? -1.060  -8.464  -5.099  1.00 18.67 ? 348 GLU A CB  1 
ATOM   658 C CG  . GLU A 1 93  ? 0.434   -8.302  -5.321  1.00 32.23 ? 348 GLU A CG  1 
ATOM   659 C CD  . GLU A 1 93  ? 0.838   -8.526  -6.768  1.00 43.69 ? 348 GLU A CD  1 
ATOM   660 O OE1 . GLU A 1 93  ? 0.575   -9.628  -7.296  1.00 49.83 ? 348 GLU A OE1 1 
ATOM   661 O OE2 . GLU A 1 93  ? 1.421   -7.601  -7.375  1.00 39.70 ? 348 GLU A OE2 1 
ATOM   662 N N   . ILE A 1 94  ? 0.037   -6.693  -2.592  1.00 10.40 ? 349 ILE A N   1 
ATOM   663 C CA  . ILE A 1 94  ? 0.586   -5.409  -2.169  1.00 10.35 ? 349 ILE A CA  1 
ATOM   664 C C   . ILE A 1 94  ? 2.049   -5.495  -2.565  1.00 14.65 ? 349 ILE A C   1 
ATOM   665 O O   . ILE A 1 94  ? 2.817   -6.271  -1.986  1.00 14.02 ? 349 ILE A O   1 
ATOM   666 C CB  . ILE A 1 94  ? 0.459   -5.199  -0.652  1.00 12.02 ? 349 ILE A CB  1 
ATOM   667 C CG1 . ILE A 1 94  ? -1.022  -5.200  -0.254  1.00 15.56 ? 349 ILE A CG1 1 
ATOM   668 C CG2 . ILE A 1 94  ? 1.106   -3.873  -0.265  1.00 13.82 ? 349 ILE A CG2 1 
ATOM   669 C CD1 . ILE A 1 94  ? -1.266  -5.078  1.248   1.00 17.16 ? 349 ILE A CD1 1 
ATOM   670 N N   . THR A 1 95  ? 2.432   -4.699  -3.557  1.00 12.25 ? 350 THR A N   1 
ATOM   671 C CA  . THR A 1 95  ? 3.789   -4.754  -4.083  1.00 13.60 ? 350 THR A CA  1 
ATOM   672 C C   . THR A 1 95  ? 4.534   -3.430  -4.117  1.00 11.45 ? 350 THR A C   1 
ATOM   673 O O   . THR A 1 95  ? 4.010   -2.422  -4.584  1.00 14.09 ? 350 THR A O   1 
ATOM   674 C CB  . THR A 1 95  ? 3.761   -5.323  -5.505  1.00 16.70 ? 350 THR A CB  1 
ATOM   675 O OG1 . THR A 1 95  ? 3.050   -6.569  -5.500  1.00 17.38 ? 350 THR A OG1 1 
ATOM   676 C CG2 . THR A 1 95  ? 5.171   -5.543  -6.022  1.00 21.13 ? 350 THR A CG2 1 
ATOM   677 N N   . LEU A 1 96  ? 5.773   -3.454  -3.637  1.00 10.20 ? 351 LEU A N   1 
ATOM   678 C CA  . LEU A 1 96  ? 6.619   -2.268  -3.609  1.00 10.73 ? 351 LEU A CA  1 
ATOM   679 C C   . LEU A 1 96  ? 7.464   -2.152  -4.875  1.00 14.49 ? 351 LEU A C   1 
ATOM   680 O O   . LEU A 1 96  ? 8.099   -3.119  -5.302  1.00 15.22 ? 351 LEU A O   1 
ATOM   681 C CB  . LEU A 1 96  ? 7.544   -2.319  -2.389  1.00 14.09 ? 351 LEU A CB  1 
ATOM   682 C CG  . LEU A 1 96  ? 8.678   -1.289  -2.326  1.00 14.00 ? 351 LEU A CG  1 
ATOM   683 C CD1 . LEU A 1 96  ? 8.106   0.118   -2.260  1.00 11.09 ? 351 LEU A CD1 1 
ATOM   684 C CD2 . LEU A 1 96  ? 9.543   -1.570  -1.104  1.00 14.82 ? 351 LEU A CD2 1 
ATOM   685 N N   . GLU A 1 97  ? 7.458   -0.963  -5.471  1.00 16.25 ? 352 GLU A N   1 
ATOM   686 C CA  . GLU A 1 97  ? 8.240   -0.689  -6.671  1.00 19.05 ? 352 GLU A CA  1 
ATOM   687 C C   . GLU A 1 97  ? 9.047   0.586   -6.463  1.00 22.14 ? 352 GLU A C   1 
ATOM   688 O O   . GLU A 1 97  ? 8.599   1.522   -5.795  1.00 22.66 ? 352 GLU A O   1 
ATOM   689 C CB  . GLU A 1 97  ? 7.338   -0.505  -7.899  1.00 22.36 ? 352 GLU A CB  1 
ATOM   690 C CG  . GLU A 1 97  ? 6.611   -1.761  -8.356  1.00 29.20 ? 352 GLU A CG  1 
ATOM   691 C CD  . GLU A 1 97  ? 5.841   -1.561  -9.657  1.00 34.31 ? 352 GLU A CD  1 
ATOM   692 O OE1 . GLU A 1 97  ? 5.176   -2.517  -10.108 1.00 37.54 ? 352 GLU A OE1 1 
ATOM   693 O OE2 . GLU A 1 97  ? 5.899   -0.455  -10.232 1.00 31.53 ? 352 GLU A OE2 1 
ATOM   694 N N   . ILE A 1 98  ? 10.246  0.612   -7.028  1.00 20.62 ? 353 ILE A N   1 
ATOM   695 C CA  . ILE A 1 98  ? 11.112  1.779   -6.938  1.00 28.34 ? 353 ILE A CA  1 
ATOM   696 C C   . ILE A 1 98  ? 11.790  1.936   -8.290  1.00 31.80 ? 353 ILE A C   1 
ATOM   697 O O   . ILE A 1 98  ? 12.421  1.001   -8.787  1.00 30.29 ? 353 ILE A O   1 
ATOM   698 C CB  . ILE A 1 98  ? 12.179  1.618   -5.835  1.00 29.73 ? 353 ILE A CB  1 
ATOM   699 C CG1 . ILE A 1 98  ? 11.500  1.611   -4.463  1.00 36.74 ? 353 ILE A CG1 1 
ATOM   700 C CG2 . ILE A 1 98  ? 13.200  2.752   -5.926  1.00 30.14 ? 353 ILE A CG2 1 
ATOM   701 C CD1 . ILE A 1 98  ? 12.456  1.551   -3.292  1.00 37.88 ? 353 ILE A CD1 1 
ATOM   702 N N   . ASN A 1 99  ? 11.640  3.114   -8.888  1.00 34.61 ? 354 ASN A N   1 
ATOM   703 C CA  . ASN A 1 99  ? 12.225  3.382   -10.196 1.00 38.19 ? 354 ASN A CA  1 
ATOM   704 C C   . ASN A 1 99  ? 11.617  2.428   -11.221 1.00 36.30 ? 354 ASN A C   1 
ATOM   705 O O   . ASN A 1 99  ? 12.280  2.002   -12.164 1.00 36.89 ? 354 ASN A O   1 
ATOM   706 C CB  . ASN A 1 99  ? 13.745  3.204   -10.142 1.00 43.41 ? 354 ASN A CB  1 
ATOM   707 C CG  . ASN A 1 99  ? 14.419  4.212   -9.225  1.00 49.16 ? 354 ASN A CG  1 
ATOM   708 O OD1 . ASN A 1 99  ? 15.611  4.100   -8.928  1.00 51.27 ? 354 ASN A OD1 1 
ATOM   709 N ND2 . ASN A 1 99  ? 13.659  5.207   -8.777  1.00 50.99 ? 354 ASN A ND2 1 
ATOM   710 N N   . GLY A 1 100 ? 10.347  2.091   -11.014 1.00 34.17 ? 355 GLY A N   1 
ATOM   711 C CA  . GLY A 1 100 ? 9.647   1.202   -11.923 1.00 35.34 ? 355 GLY A CA  1 
ATOM   712 C C   . GLY A 1 100 ? 10.022  -0.263  -11.813 1.00 36.13 ? 355 GLY A C   1 
ATOM   713 O O   . GLY A 1 100 ? 9.640   -1.065  -12.664 1.00 36.73 ? 355 GLY A O   1 
ATOM   714 N N   . GLN A 1 101 ? 10.764  -0.623  -10.769 1.00 30.29 ? 356 GLN A N   1 
ATOM   715 C CA  . GLN A 1 101 ? 11.179  -2.010  -10.583 1.00 31.09 ? 356 GLN A CA  1 
ATOM   716 C C   . GLN A 1 101 ? 10.684  -2.600  -9.266  1.00 24.91 ? 356 GLN A C   1 
ATOM   717 O O   . GLN A 1 101 ? 10.865  -2.007  -8.202  1.00 24.43 ? 356 GLN A O   1 
ATOM   718 C CB  . GLN A 1 101 ? 12.702  -2.108  -10.634 1.00 38.03 ? 356 GLN A CB  1 
ATOM   719 C CG  . GLN A 1 101 ? 13.306  -1.700  -11.965 1.00 48.82 ? 356 GLN A CG  1 
ATOM   720 C CD  . GLN A 1 101 ? 14.819  -1.706  -11.933 1.00 54.56 ? 356 GLN A CD  1 
ATOM   721 O OE1 . GLN A 1 101 ? 15.437  -0.932  -11.203 1.00 57.87 ? 356 GLN A OE1 1 
ATOM   722 N NE2 . GLN A 1 101 ? 15.426  -2.586  -12.722 1.00 58.66 ? 356 GLN A NE2 1 
ATOM   723 N N   . VAL A 1 102 ? 10.063  -3.773  -9.346  1.00 24.44 ? 357 VAL A N   1 
ATOM   724 C CA  . VAL A 1 102 ? 9.556   -4.451  -8.158  1.00 20.40 ? 357 VAL A CA  1 
ATOM   725 C C   . VAL A 1 102 ? 10.713  -4.827  -7.241  1.00 20.50 ? 357 VAL A C   1 
ATOM   726 O O   . VAL A 1 102 ? 11.729  -5.360  -7.692  1.00 19.83 ? 357 VAL A O   1 
ATOM   727 C CB  . VAL A 1 102 ? 8.782   -5.736  -8.528  1.00 18.25 ? 357 VAL A CB  1 
ATOM   728 C CG1 . VAL A 1 102 ? 8.441   -6.526  -7.270  1.00 22.48 ? 357 VAL A CG1 1 
ATOM   729 C CG2 . VAL A 1 102 ? 7.506   -5.375  -9.278  1.00 22.51 ? 357 VAL A CG2 1 
ATOM   730 N N   . ILE A 1 103 ? 10.553  -4.548  -5.953  1.00 16.08 ? 358 ILE A N   1 
ATOM   731 C CA  . ILE A 1 103 ? 11.582  -4.859  -4.975  1.00 25.74 ? 358 ILE A CA  1 
ATOM   732 C C   . ILE A 1 103 ? 11.403  -6.288  -4.481  1.00 28.73 ? 358 ILE A C   1 
ATOM   733 O O   . ILE A 1 103 ? 10.261  -6.652  -4.125  1.00 30.50 ? 358 ILE A O   1 
ATOM   734 C CB  . ILE A 1 103 ? 11.508  -3.896  -3.770  1.00 26.92 ? 358 ILE A CB  1 
ATOM   735 C CG1 . ILE A 1 103 ? 11.690  -2.455  -4.248  1.00 30.36 ? 358 ILE A CG1 1 
ATOM   736 C CG2 . ILE A 1 103 ? 12.572  -4.252  -2.746  1.00 32.45 ? 358 ILE A CG2 1 
ATOM   737 C CD1 . ILE A 1 103 ? 13.021  -2.189  -4.933  1.00 36.10 ? 358 ILE A CD1 1 
ATOM   738 O OXT . ILE A 1 103 ? 12.413  -7.021  -4.454  1.00 29.22 ? 358 ILE A OXT 1 
HETATM 739 O O   . HOH B 2 .   ? -0.418  7.752   -5.962  1.00 11.24 ? 1   HOH A O   1 
HETATM 740 O O   . HOH B 2 .   ? -10.165 6.517   0.000   1.00 19.97 ? 2   HOH A O   1 
HETATM 741 O O   . HOH B 2 .   ? -8.391  9.333   3.257   1.00 14.09 ? 3   HOH A O   1 
HETATM 742 O O   . HOH B 2 .   ? 4.788   -7.499  -0.626  1.00 13.63 ? 4   HOH A O   1 
HETATM 743 O O   . HOH B 2 .   ? 2.089   11.364  -5.114  1.00 16.33 ? 5   HOH A O   1 
HETATM 744 O O   . HOH B 2 .   ? 3.385   -8.766  -3.589  1.00 14.95 ? 6   HOH A O   1 
HETATM 745 O O   . HOH B 2 .   ? 6.515   -6.080  -2.392  1.00 18.81 ? 7   HOH A O   1 
HETATM 746 O O   . HOH B 2 .   ? 5.006   11.066  -4.166  1.00 15.49 ? 8   HOH A O   1 
HETATM 747 O O   . HOH B 2 .   ? 10.710  -5.395  10.487  1.00 13.73 ? 9   HOH A O   1 
HETATM 748 O O   . HOH B 2 .   ? 0.196   7.455   -8.439  1.00 15.83 ? 10  HOH A O   1 
HETATM 749 O O   . HOH B 2 .   ? 4.533   14.078  -2.363  1.00 20.28 ? 11  HOH A O   1 
HETATM 750 O O   . HOH B 2 .   ? 2.090   1.710   9.005   1.00 16.64 ? 12  HOH A O   1 
HETATM 751 O O   . HOH B 2 .   ? -7.101  9.257   6.757   1.00 16.61 ? 13  HOH A O   1 
HETATM 752 O O   . HOH B 2 .   ? -12.989 -9.185  -0.350  1.00 18.20 ? 14  HOH A O   1 
HETATM 753 O O   . HOH B 2 .   ? 3.608   -2.171  9.314   1.00 15.81 ? 15  HOH A O   1 
HETATM 754 O O   . HOH B 2 .   ? -14.088 -10.025 -2.930  1.00 17.41 ? 16  HOH A O   1 
HETATM 755 O O   . HOH B 2 .   ? -8.622  -8.540  4.430   1.00 15.57 ? 17  HOH A O   1 
HETATM 756 O O   . HOH B 2 .   ? 6.389   0.308   11.413  1.00 24.26 ? 18  HOH A O   1 
HETATM 757 O O   . HOH B 2 .   ? 6.008   8.089   -6.352  1.00 21.78 ? 19  HOH A O   1 
HETATM 758 O O   . HOH B 2 .   ? -14.237 -13.523 -0.854  1.00 22.79 ? 20  HOH A O   1 
HETATM 759 O O   . HOH B 2 .   ? -1.698  11.704  6.370   1.00 20.64 ? 21  HOH A O   1 
HETATM 760 O O   . HOH B 2 .   ? 0.138   3.357   9.512   1.00 17.20 ? 22  HOH A O   1 
HETATM 761 O O   . HOH B 2 .   ? -15.096 1.892   0.557   1.00 24.22 ? 23  HOH A O   1 
HETATM 762 O O   . HOH B 2 .   ? 4.387   -4.786  9.875   1.00 19.01 ? 24  HOH A O   1 
HETATM 763 O O   . HOH B 2 .   ? 2.658   7.419   8.923   1.00 23.80 ? 25  HOH A O   1 
HETATM 764 O O   . HOH B 2 .   ? 6.081   12.728  -6.684  1.00 23.58 ? 26  HOH A O   1 
HETATM 765 O O   . HOH B 2 .   ? -13.556 -10.909 5.840   1.00 20.45 ? 27  HOH A O   1 
HETATM 766 O O   . HOH B 2 .   ? 15.611  -6.476  -1.230  1.00 25.55 ? 28  HOH A O   1 
HETATM 767 O O   . HOH B 2 .   ? -6.838  -10.580 4.960   1.00 31.61 ? 29  HOH A O   1 
HETATM 768 O O   . HOH B 2 .   ? -8.616  7.085   8.062   1.00 19.13 ? 30  HOH A O   1 
HETATM 769 O O   . HOH B 2 .   ? -3.637  -3.327  10.765  1.00 22.64 ? 31  HOH A O   1 
HETATM 770 O O   . HOH B 2 .   ? -10.306 -14.880 1.651   1.00 31.02 ? 32  HOH A O   1 
HETATM 771 O O   . HOH B 2 .   ? 8.226   -3.204  11.925  1.00 24.47 ? 33  HOH A O   1 
HETATM 772 O O   . HOH B 2 .   ? -17.747 -12.931 0.537   1.00 23.80 ? 34  HOH A O   1 
HETATM 773 O O   . HOH B 2 .   ? 13.282  0.160   8.338   1.00 30.00 ? 35  HOH A O   1 
HETATM 774 O O   . HOH B 2 .   ? 0.301   9.957   -12.026 1.00 30.77 ? 36  HOH A O   1 
HETATM 775 O O   . HOH B 2 .   ? -18.703 -4.675  -2.979  1.00 24.45 ? 37  HOH A O   1 
HETATM 776 O O   . HOH B 2 .   ? -3.045  10.620  3.156   1.00 23.15 ? 38  HOH A O   1 
HETATM 777 O O   . HOH B 2 .   ? 9.434   8.291   5.965   1.00 24.96 ? 39  HOH A O   1 
HETATM 778 O O   . HOH B 2 .   ? -12.174 4.768   6.646   1.00 23.83 ? 40  HOH A O   1 
HETATM 779 O O   . HOH B 2 .   ? -10.461 0.991   -6.950  1.00 26.08 ? 41  HOH A O   1 
HETATM 780 O O   . HOH B 2 .   ? -5.850  -9.061  2.472   1.00 17.53 ? 42  HOH A O   1 
HETATM 781 O O   . HOH B 2 .   ? 10.486  -1.741  10.464  1.00 24.32 ? 43  HOH A O   1 
HETATM 782 O O   . HOH B 2 .   ? -16.500 -1.543  -2.088  1.00 24.38 ? 44  HOH A O   1 
HETATM 783 O O   . HOH B 2 .   ? -14.709 1.151   6.967   1.00 29.78 ? 45  HOH A O   1 
HETATM 784 O O   . HOH B 2 .   ? 8.583   2.899   -9.159  1.00 37.89 ? 46  HOH A O   1 
HETATM 785 O O   . HOH B 2 .   ? -13.210 -3.057  -6.846  1.00 29.76 ? 47  HOH A O   1 
HETATM 786 O O   . HOH B 2 .   ? -14.590 -5.956  -8.863  1.00 20.98 ? 48  HOH A O   1 
HETATM 787 O O   . HOH B 2 .   ? 13.089  8.669   -5.721  1.00 29.42 ? 49  HOH A O   1 
HETATM 788 O O   . HOH B 2 .   ? 4.796   6.113   -9.191  1.00 29.08 ? 50  HOH A O   1 
HETATM 789 O O   . HOH B 2 .   ? 3.995   4.938   11.694  1.00 33.91 ? 51  HOH A O   1 
HETATM 790 O O   . HOH B 2 .   ? -12.175 3.782   -12.913 1.00 43.79 ? 52  HOH A O   1 
HETATM 791 O O   . HOH B 2 .   ? -3.197  2.336   13.305  1.00 33.90 ? 53  HOH A O   1 
HETATM 792 O O   . HOH B 2 .   ? -9.751  -12.370 -4.281  1.00 29.88 ? 54  HOH A O   1 
HETATM 793 O O   . HOH B 2 .   ? 14.413  10.075  6.681   1.00 39.39 ? 55  HOH A O   1 
HETATM 794 O O   . HOH B 2 .   ? -11.524 -5.118  -7.685  1.00 26.28 ? 56  HOH A O   1 
HETATM 795 O O   . HOH B 2 .   ? -10.640 -12.333 -1.680  1.00 29.84 ? 57  HOH A O   1 
HETATM 796 O O   . HOH B 2 .   ? 21.238  -1.493  -1.022  1.00 33.25 ? 58  HOH A O   1 
HETATM 797 O O   . HOH B 2 .   ? -12.415 -11.121 9.703   1.00 43.68 ? 59  HOH A O   1 
HETATM 798 O O   . HOH B 2 .   ? 15.290  0.794   6.161   1.00 31.16 ? 60  HOH A O   1 
HETATM 799 O O   . HOH B 2 .   ? -6.639  2.269   13.665  1.00 40.86 ? 61  HOH A O   1 
HETATM 800 O O   . HOH B 2 .   ? 10.415  15.248  -0.255  1.00 43.96 ? 62  HOH A O   1 
HETATM 801 O O   . HOH B 2 .   ? 0.186   -5.236  -6.853  1.00 37.74 ? 63  HOH A O   1 
HETATM 802 O O   . HOH B 2 .   ? -14.205 3.400   5.532   1.00 33.37 ? 64  HOH A O   1 
HETATM 803 O O   . HOH B 2 .   ? -12.433 9.059   2.504   1.00 35.52 ? 65  HOH A O   1 
HETATM 804 O O   . HOH B 2 .   ? 18.520  2.467   4.779   1.00 36.06 ? 66  HOH A O   1 
HETATM 805 O O   . HOH B 2 .   ? -7.401  -8.412  14.089  1.00 53.93 ? 67  HOH A O   1 
HETATM 806 O O   . HOH B 2 .   ? 6.434   1.958   -10.142 1.00 41.52 ? 68  HOH A O   1 
HETATM 807 O O   . HOH B 2 .   ? 9.799   -5.060  -11.960 1.00 40.36 ? 69  HOH A O   1 
HETATM 808 O O   . HOH B 2 .   ? 7.052   6.959   8.448   1.00 47.96 ? 70  HOH A O   1 
HETATM 809 O O   . HOH B 2 .   ? 8.839   4.962   -7.464  1.00 36.30 ? 71  HOH A O   1 
HETATM 810 O O   . HOH B 2 .   ? 3.620   14.014  -4.845  1.00 19.08 ? 72  HOH A O   1 
HETATM 811 O O   . HOH B 2 .   ? 4.151   10.196  -7.036  1.00 17.22 ? 73  HOH A O   1 
HETATM 812 O O   . HOH B 2 .   ? -1.791  10.196  -6.246  1.00 11.96 ? 74  HOH A O   1 
HETATM 813 O O   . HOH B 2 .   ? 15.469  -4.599  6.039   1.00 22.43 ? 75  HOH A O   1 
HETATM 814 O O   . HOH B 2 .   ? -3.394  11.939  8.304   1.00 17.93 ? 76  HOH A O   1 
HETATM 815 O O   . HOH B 2 .   ? -6.019  11.646  7.651   1.00 20.74 ? 77  HOH A O   1 
HETATM 816 O O   . HOH B 2 .   ? 2.664   -1.355  11.772  1.00 23.06 ? 78  HOH A O   1 
HETATM 817 O O   . HOH B 2 .   ? 1.497   -8.473  1.014   1.00 22.00 ? 79  HOH A O   1 
HETATM 818 O O   . HOH B 2 .   ? 2.275   6.668   -9.845  1.00 24.44 ? 80  HOH A O   1 
HETATM 819 O O   . HOH B 2 .   ? 18.904  8.486   0.503   1.00 31.73 ? 81  HOH A O   1 
HETATM 820 O O   . HOH B 2 .   ? -18.638 -7.560  3.766   1.00 32.11 ? 82  HOH A O   1 
HETATM 821 O O   . HOH B 2 .   ? 4.865   8.795   10.480  1.00 31.99 ? 83  HOH A O   1 
HETATM 822 O O   . HOH B 2 .   ? -10.923 6.470   -5.137  1.00 54.71 ? 84  HOH A O   1 
HETATM 823 O O   . HOH B 2 .   ? -5.784  -11.031 7.563   1.00 38.78 ? 85  HOH A O   1 
HETATM 824 O O   . HOH B 2 .   ? -12.120 2.898   -7.799  1.00 38.40 ? 86  HOH A O   1 
HETATM 825 O O   . HOH B 2 .   ? -8.097  5.419   10.524  1.00 25.91 ? 87  HOH A O   1 
HETATM 826 O O   . HOH B 2 .   ? -7.870  -1.242  12.945  1.00 39.94 ? 88  HOH A O   1 
HETATM 827 O O   . HOH B 2 .   ? -9.793  10.267  5.517   1.00 32.31 ? 89  HOH A O   1 
HETATM 828 O O   . HOH B 2 .   ? 7.175   14.762  -2.797  1.00 27.05 ? 90  HOH A O   1 
HETATM 829 O O   . HOH B 2 .   ? 8.558   17.044  -1.944  1.00 36.71 ? 91  HOH A O   1 
HETATM 830 O O   . HOH B 2 .   ? -18.020 -3.637  2.520   1.00 33.12 ? 92  HOH A O   1 
HETATM 831 O O   . HOH B 2 .   ? -9.712  -8.836  -8.266  1.00 35.66 ? 93  HOH A O   1 
HETATM 832 O O   . HOH B 2 .   ? 3.255   1.635   11.411  1.00 29.76 ? 94  HOH A O   1 
HETATM 833 O O   . HOH B 2 .   ? -4.648  -11.752 -7.898  1.00 39.05 ? 95  HOH A O   1 
HETATM 834 O O   . HOH B 2 .   ? -0.618  2.452   12.264  1.00 31.20 ? 96  HOH A O   1 
HETATM 835 O O   . HOH B 2 .   ? -5.556  -12.107 -1.029  1.00 39.46 ? 97  HOH A O   1 
HETATM 836 O O   . HOH B 2 .   ? -6.632  -10.001 10.072  1.00 47.37 ? 98  HOH A O   1 
HETATM 837 O O   . HOH B 2 .   ? 3.832   -4.691  -9.199  1.00 44.58 ? 99  HOH A O   1 
HETATM 838 O O   . HOH B 2 .   ? 21.407  -3.171  -3.481  1.00 39.18 ? 100 HOH A O   1 
HETATM 839 O O   . HOH B 2 .   ? -11.809 -13.918 -5.507  1.00 29.29 ? 101 HOH A O   1 
HETATM 840 O O   . HOH B 2 .   ? 4.303   -2.508  13.584  1.00 37.13 ? 102 HOH A O   1 
HETATM 841 O O   . HOH B 2 .   ? -13.909 -16.874 -1.056  1.00 49.84 ? 103 HOH A O   1 
HETATM 842 O O   . HOH B 2 .   ? 4.266   6.429   14.012  1.00 32.32 ? 104 HOH A O   1 
HETATM 843 O O   . HOH B 2 .   ? 15.998  -4.355  3.453   1.00 50.09 ? 105 HOH A O   1 
HETATM 844 O O   . HOH B 2 .   ? -18.000 -0.621  -4.191  1.00 45.41 ? 106 HOH A O   1 
HETATM 845 O O   . HOH B 2 .   ? -13.586 6.076   -12.441 1.00 44.95 ? 107 HOH A O   1 
HETATM 846 O O   . HOH B 2 .   ? 12.098  -6.525  -10.356 1.00 34.02 ? 108 HOH A O   1 
HETATM 847 O O   . HOH B 2 .   ? -2.711  -0.256  14.317  1.00 46.78 ? 109 HOH A O   1 
HETATM 848 O O   . HOH B 2 .   ? 0.655   -11.560 -2.847  1.00 50.65 ? 110 HOH A O   1 
HETATM 849 O O   . HOH B 2 .   ? -11.865 -14.625 -0.587  1.00 39.31 ? 111 HOH A O   1 
HETATM 850 O O   . HOH B 2 .   ? -14.781 4.583   -0.601  1.00 45.88 ? 112 HOH A O   1 
HETATM 851 O O   . HOH B 2 .   ? -9.519  2.917   13.714  1.00 49.57 ? 113 HOH A O   1 
HETATM 852 O O   . HOH B 2 .   ? 17.552  2.239   7.457   1.00 36.63 ? 114 HOH A O   1 
HETATM 853 O O   . HOH B 2 .   ? -13.295 7.212   6.716   1.00 36.18 ? 115 HOH A O   1 
HETATM 854 O O   . HOH B 2 .   ? -7.964  -14.582 -4.310  1.00 52.25 ? 116 HOH A O   1 
HETATM 855 O O   . HOH B 2 .   ? -11.064 -13.683 -8.180  1.00 30.87 ? 117 HOH A O   1 
HETATM 856 O O   . HOH B 2 .   ? 4.024   12.058  -5.853  1.00 7.53  ? 118 HOH A O   1 
HETATM 857 O O   . HOH B 2 .   ? 15.045  -6.647  -3.972  1.00 29.27 ? 119 HOH A O   1 
HETATM 858 O O   . HOH B 2 .   ? 18.900  8.108   -1.918  1.00 33.94 ? 120 HOH A O   1 
HETATM 859 O O   . HOH B 2 .   ? -8.084  -9.054  -12.459 1.00 54.89 ? 121 HOH A O   1 
HETATM 860 O O   . HOH B 2 .   ? -3.544  -13.128 -2.354  1.00 38.46 ? 122 HOH A O   1 
HETATM 861 O O   . HOH B 2 .   ? -10.728 -12.836 5.700   1.00 42.69 ? 123 HOH A O   1 
HETATM 862 O O   . HOH B 2 .   ? 10.322  0.415   11.874  1.00 56.02 ? 124 HOH A O   1 
HETATM 863 O O   . HOH B 2 .   ? 8.133   2.366   12.093  1.00 35.46 ? 125 HOH A O   1 
HETATM 864 O O   . HOH B 2 .   ? 7.819   8.854   -8.587  1.00 44.55 ? 126 HOH A O   1 
HETATM 865 O O   . HOH B 2 .   ? -11.221 -7.080  -9.599  1.00 48.60 ? 127 HOH A O   1 
HETATM 866 O O   . HOH B 2 .   ? -8.107  -6.606  -8.955  1.00 39.95 ? 128 HOH A O   1 
HETATM 867 O O   . HOH B 2 .   ? -6.005  1.189   -12.296 1.00 47.07 ? 129 HOH A O   1 
HETATM 868 O O   . HOH B 2 .   ? 8.523   17.535  3.644   1.00 39.77 ? 130 HOH A O   1 
HETATM 869 O O   . HOH B 2 .   ? 12.741  6.895   8.089   1.00 38.66 ? 131 HOH A O   1 
HETATM 870 O O   . HOH B 2 .   ? 9.037   -5.704  -2.014  1.00 37.06 ? 132 HOH A O   1 
HETATM 871 O O   . HOH B 2 .   ? 19.174  0.046   8.724   1.00 44.08 ? 133 HOH A O   1 
HETATM 872 O O   . HOH B 2 .   ? -14.880 6.375   3.272   1.00 50.94 ? 134 HOH A O   1 
HETATM 873 O O   . HOH B 2 .   ? 1.336   -9.160  -1.731  1.00 17.69 ? 135 HOH A O   1 
HETATM 874 O O   . HOH B 2 .   ? 13.395  -6.277  6.097   1.00 15.06 ? 136 HOH A O   1 
HETATM 875 O O   . HOH B 2 .   ? -12.465 4.066   -3.157  1.00 32.20 ? 137 HOH A O   1 
HETATM 876 O O   . HOH B 2 .   ? -4.555  4.363   -12.433 1.00 44.61 ? 138 HOH A O   1 
HETATM 877 O O   . HOH B 2 .   ? 4.193   -7.424  -9.517  1.00 44.16 ? 139 HOH A O   1 
HETATM 878 O O   . HOH B 2 .   ? 0.146   -1.516  13.117  1.00 33.89 ? 140 HOH A O   1 
HETATM 879 O O   . HOH B 2 .   ? 3.370   -11.331 -11.198 1.00 40.72 ? 141 HOH A O   1 
# 
